data_3V5N
#
_entry.id   3V5N
#
_cell.length_a   107.196
_cell.length_b   77.725
_cell.length_c   107.733
_cell.angle_alpha   90.00
_cell.angle_beta   113.83
_cell.angle_gamma   90.00
#
_symmetry.space_group_name_H-M   'P 1 21 1'
#
loop_
_entity.id
_entity.type
_entity.pdbx_description
1 polymer Oxidoreductase
2 water water
#
_entity_poly.entity_id   1
_entity_poly.type   'polypeptide(L)'
_entity_poly.pdbx_seq_one_letter_code
;(MSE)HHHHHHSSGVDLGTENLYFQS(MSE)(MSE)AIEGSSTETRQKRIRLG(MSE)VGGGSGAFIGAVHRIAARLDDH
YELVAGALSSTPEKAEASGRELGLDPSRVYSDFKE(MSE)AIREAKLKNGIEAVAIVTPNHVHYAAAKEFLKRGIHVICD
KPLTSTLADAKKLKKAADESDALFVLTHNYTGYP(MSE)VRQARE(MSE)IENGDIGAVRLVQ(MSE)EYPQDWLTENIE
QSGQKQAAWRTDPARSGAGGSTGDIGTHAYNLGCFVSGLELEELAADLDSFVGGRQLDDNAHVL(MSE)RFREKDGTRAK
G(MSE)LWCSQVAPGHENGL(MSE)VRVYGTKGGLEWTQKDPNYLWYTPFGEPKRLLTRAGAGASPAAARVSRIPSGHPE
GYLEGFANIYSEAARAIYAKRNGGKADPSVIYPTIDDG(MSE)RG(MSE)TFVDACVRSSERNGAWIKV
;
_entity_poly.pdbx_strand_id   A,B,C,D
#
# COMPACT_ATOMS: atom_id res chain seq x y z
N GLN A 35 12.83 -19.91 36.67
CA GLN A 35 12.29 -21.22 36.35
C GLN A 35 13.23 -22.05 35.48
N LYS A 36 13.15 -23.36 35.66
CA LYS A 36 13.96 -24.33 34.90
C LYS A 36 13.28 -24.57 33.56
N ARG A 37 14.02 -24.49 32.47
CA ARG A 37 13.41 -24.70 31.18
C ARG A 37 12.55 -25.96 31.24
N ILE A 38 11.45 -25.94 30.50
CA ILE A 38 10.55 -27.07 30.34
C ILE A 38 11.19 -28.13 29.45
N ARG A 39 11.29 -29.33 29.99
CA ARG A 39 11.78 -30.42 29.19
C ARG A 39 10.74 -30.80 28.12
N LEU A 40 11.14 -30.70 26.87
CA LEU A 40 10.18 -30.79 25.77
C LEU A 40 10.45 -31.96 24.83
N GLY A 41 9.42 -32.72 24.50
CA GLY A 41 9.58 -33.71 23.45
C GLY A 41 8.87 -33.35 22.14
N MSE A 42 9.16 -34.11 21.08
CA MSE A 42 8.50 -33.92 19.81
C MSE A 42 8.11 -35.25 19.11
O MSE A 42 8.87 -36.20 19.14
CB MSE A 42 9.34 -33.08 18.88
CG MSE A 42 8.45 -32.46 17.78
SE MSE A 42 9.18 -31.00 16.70
CE MSE A 42 10.00 -32.17 15.34
N VAL A 43 6.93 -35.28 18.50
CA VAL A 43 6.48 -36.43 17.69
C VAL A 43 6.09 -35.89 16.31
N GLY A 44 6.69 -36.44 15.26
CA GLY A 44 6.59 -35.87 13.93
C GLY A 44 7.77 -34.93 13.71
N GLY A 45 7.80 -34.25 12.56
CA GLY A 45 8.86 -33.28 12.30
C GLY A 45 9.91 -33.84 11.35
N GLY A 46 11.12 -34.09 11.88
CA GLY A 46 12.24 -34.59 11.09
C GLY A 46 13.06 -33.47 10.43
N ALA A 49 11.14 -30.83 6.34
CA ALA A 49 9.87 -30.65 7.05
C ALA A 49 9.79 -29.28 7.70
N PHE A 50 9.22 -28.30 7.00
CA PHE A 50 9.06 -26.98 7.60
C PHE A 50 8.44 -27.09 9.01
N ILE A 51 7.32 -27.77 9.11
CA ILE A 51 6.51 -27.62 10.32
C ILE A 51 7.29 -28.06 11.60
N GLY A 52 8.09 -29.10 11.45
CA GLY A 52 9.06 -29.41 12.49
C GLY A 52 9.99 -28.24 12.84
N ALA A 53 10.63 -27.68 11.83
CA ALA A 53 11.51 -26.55 12.07
C ALA A 53 10.78 -25.39 12.71
N VAL A 54 9.50 -25.23 12.43
CA VAL A 54 8.79 -24.06 12.94
C VAL A 54 8.59 -24.21 14.44
N HIS A 55 8.02 -25.35 14.82
CA HIS A 55 7.76 -25.60 16.22
C HIS A 55 9.05 -25.54 17.04
N ARG A 56 10.14 -26.12 16.54
CA ARG A 56 11.39 -26.04 17.28
C ARG A 56 11.88 -24.59 17.38
N ILE A 57 11.74 -23.82 16.31
CA ILE A 57 11.99 -22.39 16.44
C ILE A 57 11.05 -21.77 17.49
N ALA A 58 9.75 -21.98 17.38
CA ALA A 58 8.82 -21.37 18.31
C ALA A 58 9.20 -21.58 19.76
N ALA A 59 9.76 -22.75 20.06
CA ALA A 59 10.11 -23.07 21.44
C ALA A 59 11.52 -22.58 21.89
N ARG A 60 12.46 -22.37 20.97
CA ARG A 60 13.75 -21.77 21.34
C ARG A 60 13.64 -20.26 21.60
N LEU A 61 12.67 -19.62 20.95
CA LEU A 61 12.77 -18.19 20.78
C LEU A 61 12.75 -17.49 22.13
N ASP A 62 11.71 -17.72 22.91
CA ASP A 62 11.69 -17.07 24.21
C ASP A 62 12.48 -17.82 25.30
N ASP A 63 13.21 -18.86 24.90
CA ASP A 63 14.03 -19.66 25.81
C ASP A 63 13.29 -20.34 26.96
N HIS A 64 12.01 -20.64 26.78
CA HIS A 64 11.24 -21.33 27.81
C HIS A 64 11.38 -22.84 27.77
N TYR A 65 12.05 -23.37 26.75
CA TYR A 65 12.05 -24.82 26.60
C TYR A 65 13.45 -25.39 26.36
N GLU A 66 13.64 -26.67 26.72
CA GLU A 66 14.70 -27.45 26.08
C GLU A 66 14.18 -28.77 25.52
N LEU A 67 14.65 -29.04 24.32
CA LEU A 67 14.12 -30.09 23.50
C LEU A 67 15.03 -31.27 23.65
N VAL A 68 14.59 -32.24 24.43
CA VAL A 68 15.49 -33.30 24.89
C VAL A 68 15.16 -34.70 24.33
N ALA A 69 14.04 -34.85 23.63
CA ALA A 69 13.61 -36.17 23.18
C ALA A 69 12.75 -36.11 21.93
N GLY A 70 12.69 -37.19 21.16
CA GLY A 70 11.90 -37.15 19.92
C GLY A 70 11.69 -38.42 19.09
N ALA A 71 10.43 -38.67 18.73
CA ALA A 71 10.06 -39.67 17.74
C ALA A 71 9.60 -38.93 16.48
N LEU A 72 10.53 -38.71 15.55
CA LEU A 72 10.29 -37.81 14.44
C LEU A 72 10.14 -38.60 13.18
N SER A 73 10.20 -39.91 13.29
CA SER A 73 9.81 -40.73 12.16
C SER A 73 9.44 -42.09 12.63
N SER A 74 8.58 -42.75 11.87
CA SER A 74 8.07 -44.04 12.27
C SER A 74 9.03 -45.15 11.83
N THR A 75 9.72 -44.95 10.70
CA THR A 75 10.76 -45.89 10.26
C THR A 75 12.12 -45.60 10.93
N PRO A 76 12.61 -46.54 11.76
CA PRO A 76 13.65 -46.18 12.72
C PRO A 76 14.88 -45.52 12.09
N GLU A 77 15.34 -46.02 10.95
CA GLU A 77 16.54 -45.47 10.35
C GLU A 77 16.34 -43.97 10.27
N LYS A 78 15.19 -43.54 9.78
CA LYS A 78 14.94 -42.10 9.69
C LYS A 78 14.88 -41.40 11.05
N ALA A 79 14.33 -42.06 12.05
CA ALA A 79 14.24 -41.41 13.35
C ALA A 79 15.64 -41.13 13.85
N GLU A 80 16.43 -42.20 13.90
CA GLU A 80 17.80 -42.14 14.39
C GLU A 80 18.59 -41.01 13.69
N ALA A 81 18.51 -40.96 12.37
CA ALA A 81 19.11 -39.89 11.59
C ALA A 81 18.67 -38.50 12.09
N SER A 82 17.36 -38.29 12.20
CA SER A 82 16.82 -37.00 12.59
C SER A 82 17.32 -36.60 13.96
N GLY A 83 17.36 -37.55 14.90
CA GLY A 83 17.91 -37.26 16.21
C GLY A 83 19.37 -36.87 16.02
N ARG A 84 20.06 -37.63 15.20
CA ARG A 84 21.45 -37.35 14.93
C ARG A 84 21.53 -35.90 14.48
N GLU A 85 20.62 -35.50 13.59
CA GLU A 85 20.58 -34.14 13.04
C GLU A 85 20.30 -33.03 14.06
N LEU A 86 19.48 -33.32 15.06
CA LEU A 86 19.22 -32.33 16.10
C LEU A 86 20.18 -32.35 17.33
N GLY A 87 21.04 -33.36 17.44
CA GLY A 87 21.89 -33.39 18.61
C GLY A 87 21.18 -33.94 19.82
N LEU A 88 20.31 -34.90 19.59
CA LEU A 88 19.56 -35.49 20.67
C LEU A 88 20.30 -36.72 21.25
N ASP A 89 20.28 -36.86 22.57
CA ASP A 89 20.82 -38.05 23.18
C ASP A 89 20.14 -39.25 22.52
N PRO A 90 20.92 -40.15 21.93
CA PRO A 90 20.29 -41.32 21.28
C PRO A 90 19.46 -42.20 22.25
N SER A 91 19.84 -42.23 23.52
CA SER A 91 19.04 -42.71 24.64
C SER A 91 17.58 -42.24 24.52
N ARG A 92 17.43 -41.14 23.80
CA ARG A 92 16.27 -40.31 23.99
C ARG A 92 15.49 -40.15 22.68
N VAL A 93 15.85 -40.95 21.69
CA VAL A 93 15.27 -40.88 20.35
C VAL A 93 14.46 -42.13 20.07
N TYR A 94 13.17 -41.97 19.81
CA TYR A 94 12.31 -43.12 19.57
C TYR A 94 11.74 -43.19 18.15
N SER A 95 10.93 -44.21 17.90
CA SER A 95 10.31 -44.42 16.61
C SER A 95 8.87 -44.90 16.83
N ASP A 96 8.45 -44.86 18.09
CA ASP A 96 7.10 -45.18 18.51
C ASP A 96 6.66 -44.12 19.51
N PHE A 97 5.64 -43.33 19.13
CA PHE A 97 5.10 -42.35 20.08
C PHE A 97 4.52 -43.02 21.32
N LYS A 98 3.95 -44.21 21.17
CA LYS A 98 3.50 -45.01 22.32
C LYS A 98 4.67 -45.45 23.23
N GLU A 99 5.72 -46.00 22.62
CA GLU A 99 6.93 -46.38 23.39
C GLU A 99 7.51 -45.16 24.08
N MSE A 100 7.48 -44.03 23.40
CA MSE A 100 8.07 -42.81 23.91
C MSE A 100 7.31 -42.19 25.10
O MSE A 100 7.91 -41.54 25.95
CB MSE A 100 8.25 -41.84 22.78
CG MSE A 100 8.71 -40.49 23.22
SE MSE A 100 8.52 -39.18 21.75
CE MSE A 100 8.53 -37.61 22.92
N ALA A 101 5.99 -42.37 25.19
CA ALA A 101 5.28 -41.80 26.34
C ALA A 101 5.47 -42.68 27.59
N ILE A 102 5.54 -43.98 27.36
CA ILE A 102 5.70 -44.92 28.46
C ILE A 102 7.03 -44.69 29.17
N ARG A 103 8.12 -44.81 28.44
CA ARG A 103 9.44 -44.55 29.02
C ARG A 103 9.62 -43.15 29.63
N GLU A 104 9.18 -42.12 28.91
CA GLU A 104 9.42 -40.74 29.35
C GLU A 104 8.63 -40.39 30.60
N ALA A 105 7.53 -41.10 30.83
CA ALA A 105 6.73 -40.79 31.99
C ALA A 105 7.36 -41.39 33.26
N LYS A 106 8.10 -42.49 33.09
CA LYS A 106 8.93 -43.13 34.13
C LYS A 106 10.20 -42.30 34.37
N LEU A 107 10.96 -42.06 33.31
CA LEU A 107 12.17 -41.25 33.41
C LEU A 107 12.04 -40.17 34.46
N LYS A 108 13.05 -40.01 35.28
CA LYS A 108 13.04 -38.94 36.25
C LYS A 108 13.35 -37.67 35.47
N ASN A 109 14.24 -37.81 34.49
CA ASN A 109 14.54 -36.74 33.56
C ASN A 109 13.48 -36.51 32.44
N GLY A 110 12.30 -37.09 32.60
CA GLY A 110 11.38 -37.24 31.48
C GLY A 110 10.69 -35.97 31.02
N ILE A 111 10.21 -35.97 29.79
CA ILE A 111 9.68 -34.76 29.20
C ILE A 111 8.46 -34.28 29.97
N GLU A 112 8.29 -32.96 30.07
CA GLU A 112 7.20 -32.35 30.80
C GLU A 112 6.05 -32.01 29.85
N ALA A 113 6.40 -31.95 28.58
CA ALA A 113 5.55 -31.48 27.50
C ALA A 113 6.07 -31.99 26.17
N VAL A 114 5.14 -32.18 25.24
CA VAL A 114 5.35 -32.81 23.96
C VAL A 114 4.69 -32.01 22.81
N ALA A 115 5.43 -31.71 21.76
CA ALA A 115 4.79 -31.04 20.63
C ALA A 115 4.38 -32.14 19.65
N ILE A 116 3.08 -32.29 19.42
CA ILE A 116 2.63 -33.23 18.40
C ILE A 116 2.49 -32.52 17.07
N VAL A 117 3.12 -33.08 16.05
CA VAL A 117 3.27 -32.40 14.79
C VAL A 117 3.20 -33.40 13.64
N THR A 118 2.60 -34.56 13.89
CA THR A 118 2.26 -35.51 12.84
C THR A 118 1.17 -34.97 11.89
N PRO A 119 0.93 -35.70 10.78
CA PRO A 119 -0.27 -35.37 9.98
C PRO A 119 -1.44 -35.55 10.92
N ASN A 120 -2.59 -34.93 10.64
CA ASN A 120 -3.68 -34.87 11.64
C ASN A 120 -4.57 -36.11 11.84
N HIS A 121 -4.50 -37.08 10.93
CA HIS A 121 -5.12 -38.38 11.20
C HIS A 121 -4.41 -39.15 12.33
N VAL A 122 -3.41 -38.52 12.92
CA VAL A 122 -2.60 -39.15 13.96
C VAL A 122 -2.53 -38.31 15.25
N HIS A 123 -2.90 -37.06 15.16
CA HIS A 123 -2.99 -36.23 16.36
C HIS A 123 -3.65 -36.97 17.52
N TYR A 124 -4.64 -37.81 17.26
CA TYR A 124 -5.43 -38.36 18.37
C TYR A 124 -4.76 -39.56 18.98
N ALA A 125 -4.30 -40.47 18.13
CA ALA A 125 -3.55 -41.63 18.64
C ALA A 125 -2.33 -41.20 19.45
N ALA A 126 -1.77 -40.04 19.16
CA ALA A 126 -0.54 -39.59 19.78
C ALA A 126 -0.81 -38.86 21.07
N ALA A 127 -1.62 -37.81 21.00
CA ALA A 127 -1.88 -37.00 22.19
C ALA A 127 -2.52 -37.77 23.35
N LYS A 128 -3.33 -38.78 23.04
CA LYS A 128 -4.02 -39.44 24.14
C LYS A 128 -3.02 -40.27 24.98
N GLU A 129 -2.01 -40.82 24.31
CA GLU A 129 -0.89 -41.47 24.99
C GLU A 129 -0.15 -40.56 25.99
N PHE A 130 -0.03 -39.26 25.72
CA PHE A 130 0.71 -38.40 26.63
C PHE A 130 -0.22 -37.78 27.67
N LEU A 131 -1.41 -37.36 27.22
CA LEU A 131 -2.39 -36.80 28.14
C LEU A 131 -2.77 -37.86 29.16
N LYS A 132 -2.87 -39.09 28.69
CA LYS A 132 -3.19 -40.22 29.53
C LYS A 132 -2.25 -40.27 30.70
N ARG A 133 -0.97 -39.97 30.46
CA ARG A 133 0.10 -40.15 31.45
C ARG A 133 0.67 -38.82 32.01
N GLY A 134 -0.16 -37.78 32.08
CA GLY A 134 0.21 -36.54 32.75
C GLY A 134 1.18 -35.64 32.01
N ILE A 135 1.45 -35.95 30.77
CA ILE A 135 2.35 -35.15 29.95
C ILE A 135 1.59 -34.08 29.11
N HIS A 136 1.94 -32.81 29.30
CA HIS A 136 1.23 -31.75 28.56
C HIS A 136 1.49 -31.90 27.07
N VAL A 137 0.44 -31.77 26.27
CA VAL A 137 0.60 -31.80 24.83
C VAL A 137 0.31 -30.48 24.14
N ILE A 138 1.23 -30.05 23.30
CA ILE A 138 1.09 -28.87 22.47
C ILE A 138 0.88 -29.37 21.03
N CYS A 139 -0.35 -29.30 20.56
CA CYS A 139 -0.74 -29.93 19.30
C CYS A 139 -0.90 -28.94 18.14
N ASP A 140 -0.59 -29.38 16.92
CA ASP A 140 -0.74 -28.55 15.75
C ASP A 140 -2.14 -28.67 15.14
N LYS A 141 -2.54 -27.65 14.37
CA LYS A 141 -3.86 -27.60 13.72
C LYS A 141 -3.95 -28.47 12.48
N PRO A 142 -5.16 -28.88 12.09
CA PRO A 142 -6.44 -28.83 12.83
C PRO A 142 -6.44 -29.95 13.86
N LEU A 143 -7.43 -30.04 14.72
CA LEU A 143 -7.43 -31.03 15.81
C LEU A 143 -7.17 -32.45 15.34
N THR A 144 -8.07 -32.91 14.47
CA THR A 144 -8.01 -34.27 14.00
C THR A 144 -8.19 -34.37 12.49
N SER A 145 -8.53 -35.56 12.01
CA SER A 145 -8.85 -35.70 10.61
C SER A 145 -10.35 -35.95 10.48
N THR A 146 -10.97 -36.50 11.52
CA THR A 146 -12.42 -36.76 11.53
C THR A 146 -13.13 -36.24 12.77
N LEU A 147 -14.44 -36.04 12.65
CA LEU A 147 -15.21 -35.44 13.72
C LEU A 147 -15.30 -36.42 14.86
N ALA A 148 -15.39 -37.71 14.50
CA ALA A 148 -15.30 -38.79 15.48
C ALA A 148 -14.03 -38.64 16.32
N ASP A 149 -12.86 -38.62 15.68
CA ASP A 149 -11.62 -38.50 16.46
C ASP A 149 -11.61 -37.18 17.24
N ALA A 150 -12.17 -36.12 16.68
CA ALA A 150 -12.14 -34.84 17.37
C ALA A 150 -12.82 -34.99 18.70
N LYS A 151 -13.93 -35.73 18.69
CA LYS A 151 -14.78 -35.87 19.87
C LYS A 151 -14.11 -36.71 20.94
N LYS A 152 -13.50 -37.81 20.50
CA LYS A 152 -12.71 -38.64 21.42
C LYS A 152 -11.58 -37.86 22.09
N LEU A 153 -10.82 -37.10 21.31
CA LEU A 153 -9.67 -36.40 21.86
C LEU A 153 -10.09 -35.40 22.89
N LYS A 154 -11.27 -34.80 22.69
CA LYS A 154 -11.72 -33.79 23.65
C LYS A 154 -11.89 -34.49 24.97
N LYS A 155 -12.36 -35.73 24.88
CA LYS A 155 -12.76 -36.49 26.04
C LYS A 155 -11.49 -36.90 26.75
N ALA A 156 -10.56 -37.47 25.99
CA ALA A 156 -9.21 -37.69 26.47
C ALA A 156 -8.71 -36.42 27.14
N ALA A 157 -8.64 -35.35 26.37
CA ALA A 157 -8.06 -34.13 26.87
C ALA A 157 -8.78 -33.64 28.12
N ASP A 158 -10.08 -33.80 28.19
CA ASP A 158 -10.83 -33.36 29.36
C ASP A 158 -10.53 -34.24 30.56
N GLU A 159 -10.41 -35.55 30.34
CA GLU A 159 -10.07 -36.47 31.43
C GLU A 159 -8.71 -36.14 32.06
N SER A 160 -7.75 -35.71 31.24
CA SER A 160 -6.38 -35.50 31.73
C SER A 160 -6.27 -34.27 32.64
N ASP A 161 -5.17 -34.20 33.40
CA ASP A 161 -4.89 -33.06 34.27
C ASP A 161 -3.79 -32.30 33.62
N ALA A 162 -3.24 -32.92 32.59
CA ALA A 162 -2.27 -32.26 31.74
C ALA A 162 -2.97 -31.21 30.87
N LEU A 163 -2.26 -30.12 30.61
CA LEU A 163 -2.71 -29.05 29.73
C LEU A 163 -2.78 -29.60 28.31
N PHE A 164 -3.68 -29.02 27.50
CA PHE A 164 -3.71 -29.31 26.05
C PHE A 164 -3.85 -28.05 25.21
N VAL A 165 -2.77 -27.71 24.51
CA VAL A 165 -2.71 -26.49 23.73
C VAL A 165 -2.75 -26.73 22.20
N LEU A 166 -3.67 -26.09 21.51
CA LEU A 166 -3.78 -26.22 20.06
C LEU A 166 -3.07 -25.02 19.40
N THR A 167 -2.21 -25.26 18.41
CA THR A 167 -1.32 -24.22 17.91
C THR A 167 -1.89 -23.54 16.72
N HIS A 168 -2.91 -22.70 16.95
CA HIS A 168 -3.46 -21.78 15.94
C HIS A 168 -2.62 -20.52 16.00
N ASN A 169 -1.39 -20.63 15.51
CA ASN A 169 -0.45 -19.53 15.59
C ASN A 169 -1.03 -18.12 15.24
N TYR A 170 -1.93 -18.00 14.28
CA TYR A 170 -2.32 -16.65 13.89
C TYR A 170 -3.05 -15.85 14.99
N THR A 171 -3.69 -16.52 15.95
CA THR A 171 -4.33 -15.83 17.06
C THR A 171 -3.21 -15.35 17.96
N GLY A 172 -1.98 -15.59 17.52
CA GLY A 172 -0.85 -15.27 18.35
C GLY A 172 -0.28 -13.89 18.15
N TYR A 173 -0.62 -13.26 17.03
CA TYR A 173 -0.04 -11.96 16.67
C TYR A 173 -0.47 -10.83 17.61
N PRO A 174 0.45 -9.93 17.95
CA PRO A 174 0.06 -8.81 18.83
C PRO A 174 -1.21 -8.11 18.35
N MSE A 175 -1.21 -7.67 17.09
CA MSE A 175 -2.31 -6.88 16.53
C MSE A 175 -3.59 -7.67 16.41
O MSE A 175 -4.67 -7.10 16.52
CB MSE A 175 -1.94 -6.35 15.16
CG MSE A 175 -0.98 -5.14 15.14
SE MSE A 175 -1.25 -3.79 16.56
CE MSE A 175 -0.19 -4.62 17.93
N VAL A 176 -3.49 -8.96 16.18
CA VAL A 176 -4.68 -9.80 16.23
C VAL A 176 -5.33 -9.84 17.62
N ARG A 177 -4.52 -9.69 18.65
CA ARG A 177 -5.02 -9.89 20.01
C ARG A 177 -5.57 -8.58 20.49
N GLN A 178 -4.96 -7.50 19.99
CA GLN A 178 -5.42 -6.15 20.25
C GLN A 178 -6.81 -6.02 19.66
N ALA A 179 -7.02 -6.62 18.51
CA ALA A 179 -8.31 -6.56 17.88
C ALA A 179 -9.28 -7.20 18.84
N ARG A 180 -9.00 -8.42 19.24
CA ARG A 180 -9.89 -9.10 20.18
C ARG A 180 -10.26 -8.20 21.38
N GLU A 181 -9.27 -7.54 21.94
CA GLU A 181 -9.48 -6.67 23.09
C GLU A 181 -10.42 -5.53 22.72
N MSE A 182 -9.97 -4.74 21.75
CA MSE A 182 -10.74 -3.64 21.26
C MSE A 182 -12.17 -3.99 21.08
O MSE A 182 -13.05 -3.21 21.45
CB MSE A 182 -10.16 -3.13 19.95
CG MSE A 182 -9.25 -1.97 20.19
SE MSE A 182 -8.10 -1.63 18.70
CE MSE A 182 -9.04 -0.07 17.98
N ILE A 183 -12.44 -5.15 20.49
CA ILE A 183 -13.82 -5.49 20.19
C ILE A 183 -14.55 -5.90 21.43
N GLU A 184 -13.83 -6.52 22.36
CA GLU A 184 -14.44 -6.90 23.63
C GLU A 184 -14.90 -5.66 24.43
N ASN A 185 -14.12 -4.58 24.36
CA ASN A 185 -14.47 -3.35 25.06
C ASN A 185 -15.52 -2.54 24.34
N GLY A 186 -15.98 -3.04 23.20
CA GLY A 186 -16.91 -2.30 22.37
C GLY A 186 -16.38 -1.08 21.65
N ASP A 187 -15.14 -1.12 21.17
CA ASP A 187 -14.59 -0.03 20.36
C ASP A 187 -15.24 0.11 18.98
N ILE A 188 -15.97 -0.89 18.52
CA ILE A 188 -16.71 -0.78 17.26
C ILE A 188 -18.17 -1.19 17.50
N GLY A 189 -18.54 -1.24 18.76
CA GLY A 189 -19.92 -1.54 19.10
C GLY A 189 -20.34 -2.97 18.82
N ALA A 190 -21.62 -3.14 18.52
CA ALA A 190 -22.13 -4.47 18.26
C ALA A 190 -21.57 -4.93 16.94
N VAL A 191 -21.18 -6.20 16.87
CA VAL A 191 -20.69 -6.70 15.59
C VAL A 191 -21.80 -7.00 14.59
N ARG A 192 -21.68 -6.48 13.38
CA ARG A 192 -22.66 -6.80 12.36
C ARG A 192 -22.06 -7.75 11.34
N LEU A 193 -20.78 -7.55 11.06
CA LEU A 193 -20.13 -8.23 9.96
C LEU A 193 -18.76 -8.72 10.37
N VAL A 194 -18.51 -9.98 10.01
CA VAL A 194 -17.19 -10.57 10.08
C VAL A 194 -16.86 -11.12 8.71
N GLN A 195 -15.92 -10.49 8.05
CA GLN A 195 -15.55 -10.90 6.71
C GLN A 195 -14.17 -11.57 6.76
N MSE A 196 -14.05 -12.81 6.29
CA MSE A 196 -12.82 -13.65 6.49
C MSE A 196 -12.34 -14.31 5.22
O MSE A 196 -13.12 -14.94 4.50
CB MSE A 196 -13.10 -14.83 7.43
CG MSE A 196 -13.52 -14.54 8.89
SE MSE A 196 -14.65 -15.99 9.68
CE MSE A 196 -16.21 -15.85 8.50
N GLU A 197 -11.04 -14.22 4.94
CA GLU A 197 -10.53 -15.02 3.82
C GLU A 197 -9.12 -15.63 4.02
N TYR A 198 -8.78 -16.56 3.15
CA TYR A 198 -7.48 -17.20 3.19
C TYR A 198 -7.21 -17.85 1.85
N PRO A 199 -6.90 -17.04 0.85
CA PRO A 199 -6.48 -17.58 -0.44
C PRO A 199 -5.00 -17.88 -0.47
N GLN A 200 -4.63 -18.93 -1.18
CA GLN A 200 -3.25 -19.21 -1.56
C GLN A 200 -3.28 -19.60 -3.04
N ASP A 201 -2.09 -19.84 -3.61
CA ASP A 201 -2.05 -20.26 -5.01
C ASP A 201 -1.31 -21.56 -5.31
N TRP A 202 -0.75 -22.23 -4.30
CA TRP A 202 0.23 -23.29 -4.59
C TRP A 202 -0.28 -24.54 -5.35
N LEU A 203 -1.61 -24.71 -5.43
CA LEU A 203 -2.23 -25.86 -6.12
C LEU A 203 -2.95 -25.48 -7.39
N THR A 204 -2.64 -24.33 -7.92
CA THR A 204 -3.15 -23.92 -9.20
C THR A 204 -3.05 -25.04 -10.28
N GLU A 205 -2.04 -25.91 -10.19
CA GLU A 205 -1.87 -27.05 -11.13
C GLU A 205 -1.63 -28.41 -10.39
N ASN A 206 -0.80 -29.30 -10.97
CA ASN A 206 -0.36 -30.61 -10.40
C ASN A 206 -1.22 -31.77 -10.91
N GLY A 227 -8.41 -32.10 5.04
CA GLY A 227 -7.33 -32.39 4.09
C GLY A 227 -7.27 -31.45 2.89
N GLY A 228 -8.44 -31.05 2.39
CA GLY A 228 -8.51 -30.06 1.34
C GLY A 228 -8.38 -28.68 1.96
N SER A 229 -8.83 -27.64 1.25
CA SER A 229 -8.62 -26.30 1.73
C SER A 229 -9.43 -25.97 2.96
N THR A 230 -10.70 -26.37 3.00
CA THR A 230 -11.51 -26.11 4.17
C THR A 230 -10.82 -26.53 5.49
N GLY A 231 -10.25 -27.74 5.53
CA GLY A 231 -9.63 -28.27 6.72
C GLY A 231 -8.24 -27.73 7.02
N ASP A 232 -7.53 -27.29 5.97
CA ASP A 232 -6.13 -26.87 6.10
C ASP A 232 -6.01 -25.37 6.32
N ILE A 233 -6.58 -24.57 5.42
CA ILE A 233 -6.63 -23.12 5.64
C ILE A 233 -7.96 -22.60 6.14
N GLY A 234 -9.06 -23.18 5.68
CA GLY A 234 -10.38 -22.70 6.06
C GLY A 234 -10.56 -22.52 7.56
N THR A 235 -10.17 -23.54 8.32
CA THR A 235 -10.30 -23.55 9.76
C THR A 235 -9.53 -22.41 10.40
N HIS A 236 -8.39 -22.04 9.85
CA HIS A 236 -7.61 -20.92 10.39
C HIS A 236 -8.39 -19.64 10.23
N ALA A 237 -8.98 -19.47 9.07
CA ALA A 237 -9.75 -18.29 8.79
C ALA A 237 -10.93 -18.25 9.75
N TYR A 238 -11.57 -19.40 9.96
CA TYR A 238 -12.73 -19.51 10.86
C TYR A 238 -12.35 -19.17 12.26
N ASN A 239 -11.33 -19.86 12.75
CA ASN A 239 -10.84 -19.65 14.10
C ASN A 239 -10.33 -18.22 14.31
N LEU A 240 -9.64 -17.63 13.32
CA LEU A 240 -9.23 -16.23 13.43
C LEU A 240 -10.48 -15.34 13.54
N GLY A 241 -11.48 -15.69 12.74
CA GLY A 241 -12.75 -15.00 12.79
C GLY A 241 -13.42 -14.92 14.15
N CYS A 242 -13.70 -16.08 14.76
CA CYS A 242 -14.30 -16.09 16.09
C CYS A 242 -13.39 -15.47 17.16
N PHE A 243 -12.09 -15.71 17.07
CA PHE A 243 -11.20 -15.23 18.10
C PHE A 243 -11.28 -13.70 18.23
N VAL A 244 -11.13 -13.00 17.11
CA VAL A 244 -11.23 -11.55 17.06
C VAL A 244 -12.63 -11.03 17.43
N SER A 245 -13.65 -11.59 16.76
CA SER A 245 -15.01 -11.05 16.82
C SER A 245 -15.71 -11.28 18.16
N GLY A 246 -15.29 -12.32 18.87
CA GLY A 246 -15.98 -12.73 20.09
C GLY A 246 -17.32 -13.39 19.83
N LEU A 247 -17.59 -13.81 18.60
CA LEU A 247 -18.90 -14.41 18.30
C LEU A 247 -18.92 -15.92 18.18
N GLU A 248 -20.12 -16.49 18.28
CA GLU A 248 -20.32 -17.90 18.00
C GLU A 248 -21.00 -18.10 16.65
N LEU A 249 -20.42 -18.94 15.83
CA LEU A 249 -21.11 -19.33 14.63
C LEU A 249 -22.32 -20.17 15.03
N GLU A 250 -23.45 -19.87 14.44
CA GLU A 250 -24.65 -20.64 14.67
C GLU A 250 -24.97 -21.60 13.52
N GLU A 251 -24.77 -21.18 12.27
CA GLU A 251 -25.05 -22.04 11.11
C GLU A 251 -24.35 -21.49 9.89
N LEU A 252 -24.13 -22.33 8.87
CA LEU A 252 -23.36 -21.89 7.71
C LEU A 252 -23.87 -22.52 6.41
N ALA A 253 -23.56 -21.92 5.27
CA ALA A 253 -23.83 -22.59 4.00
C ALA A 253 -22.62 -22.51 3.07
N ALA A 254 -22.24 -23.65 2.49
CA ALA A 254 -20.95 -23.76 1.82
C ALA A 254 -21.07 -24.28 0.44
N ASP A 255 -20.35 -23.66 -0.48
CA ASP A 255 -20.19 -24.20 -1.83
C ASP A 255 -18.71 -24.54 -2.02
N LEU A 256 -18.39 -25.84 -2.01
CA LEU A 256 -16.99 -26.33 -2.20
C LEU A 256 -16.73 -26.87 -3.61
N ASP A 257 -15.47 -26.74 -4.07
CA ASP A 257 -15.01 -27.24 -5.38
C ASP A 257 -13.63 -27.86 -5.30
N SER A 258 -13.41 -28.92 -6.06
CA SER A 258 -12.05 -29.29 -6.40
C SER A 258 -11.90 -28.90 -7.86
N PHE A 259 -11.22 -27.79 -8.10
CA PHE A 259 -10.99 -27.36 -9.46
C PHE A 259 -9.98 -28.25 -10.16
N VAL A 260 -8.84 -28.45 -9.53
CA VAL A 260 -7.75 -29.15 -10.18
C VAL A 260 -8.14 -30.61 -10.46
N GLY A 261 -8.50 -30.87 -11.73
CA GLY A 261 -8.75 -32.23 -12.19
C GLY A 261 -7.70 -33.20 -11.66
N GLY A 262 -8.15 -34.36 -11.20
CA GLY A 262 -7.27 -35.36 -10.65
C GLY A 262 -7.28 -35.27 -9.13
N ARG A 263 -7.88 -34.20 -8.64
CA ARG A 263 -7.83 -33.87 -7.22
C ARG A 263 -9.18 -34.19 -6.58
N GLN A 264 -9.19 -35.02 -5.54
CA GLN A 264 -10.47 -35.45 -4.97
C GLN A 264 -10.95 -34.52 -3.88
N LEU A 265 -10.00 -33.81 -3.27
CA LEU A 265 -10.28 -32.93 -2.13
C LEU A 265 -10.62 -31.51 -2.55
N ASP A 266 -11.36 -30.80 -1.71
CA ASP A 266 -11.73 -29.43 -2.04
C ASP A 266 -10.52 -28.50 -2.00
N ASP A 267 -10.36 -27.74 -3.06
CA ASP A 267 -9.31 -26.75 -3.13
C ASP A 267 -9.85 -25.30 -3.23
N ASN A 268 -11.13 -25.11 -2.93
CA ASN A 268 -11.70 -23.77 -2.83
C ASN A 268 -13.00 -23.88 -2.07
N ALA A 269 -13.35 -22.86 -1.30
CA ALA A 269 -14.62 -22.90 -0.57
C ALA A 269 -15.25 -21.52 -0.47
N HIS A 270 -16.50 -21.38 -0.90
CA HIS A 270 -17.23 -20.16 -0.56
C HIS A 270 -18.24 -20.47 0.56
N VAL A 271 -18.23 -19.67 1.62
CA VAL A 271 -19.09 -19.97 2.76
C VAL A 271 -19.88 -18.75 3.28
N LEU A 272 -21.21 -18.80 3.16
CA LEU A 272 -22.06 -17.86 3.87
C LEU A 272 -22.20 -18.22 5.36
N MSE A 273 -22.17 -17.21 6.21
CA MSE A 273 -22.02 -17.40 7.63
C MSE A 273 -23.03 -16.63 8.44
O MSE A 273 -23.10 -15.40 8.32
CB MSE A 273 -20.67 -16.83 8.00
CG MSE A 273 -19.58 -17.38 7.15
SE MSE A 273 -18.91 -19.00 8.04
CE MSE A 273 -17.95 -18.12 9.49
N ARG A 274 -23.75 -17.32 9.31
CA ARG A 274 -24.67 -16.66 10.25
C ARG A 274 -24.27 -16.88 11.72
N PHE A 275 -24.14 -15.78 12.47
CA PHE A 275 -23.65 -15.86 13.85
C PHE A 275 -24.75 -15.77 14.87
N ARG A 276 -24.54 -16.39 16.04
CA ARG A 276 -25.44 -16.19 17.16
C ARG A 276 -25.56 -14.71 17.53
N GLU A 277 -26.77 -14.31 17.90
CA GLU A 277 -26.97 -12.95 18.28
C GLU A 277 -26.30 -12.64 19.60
N LYS A 278 -25.42 -11.64 19.53
CA LYS A 278 -24.82 -11.01 20.68
C LYS A 278 -25.16 -9.53 20.64
N ASP A 279 -25.46 -8.93 21.78
CA ASP A 279 -25.61 -7.47 21.88
C ASP A 279 -26.70 -6.87 20.99
N GLY A 280 -27.70 -7.66 20.63
CA GLY A 280 -28.84 -7.10 19.93
C GLY A 280 -28.68 -7.02 18.44
N THR A 281 -27.57 -7.55 17.96
CA THR A 281 -27.36 -7.64 16.53
C THR A 281 -27.06 -9.08 16.20
N ARG A 282 -27.57 -9.53 15.07
CA ARG A 282 -27.34 -10.88 14.62
C ARG A 282 -26.30 -10.79 13.45
N ALA A 283 -25.02 -10.87 13.78
CA ALA A 283 -23.96 -10.76 12.78
C ALA A 283 -24.00 -11.78 11.65
N LYS A 284 -23.47 -11.36 10.52
CA LYS A 284 -23.26 -12.20 9.36
C LYS A 284 -21.80 -12.13 8.94
N GLY A 285 -21.40 -13.08 8.10
CA GLY A 285 -20.08 -13.00 7.53
C GLY A 285 -20.03 -13.77 6.24
N MSE A 286 -18.87 -13.75 5.60
CA MSE A 286 -18.55 -14.81 4.66
C MSE A 286 -17.13 -15.30 4.86
O MSE A 286 -16.32 -14.66 5.53
CB MSE A 286 -18.88 -14.45 3.22
CG MSE A 286 -18.60 -13.04 2.75
SE MSE A 286 -19.69 -12.74 1.09
CE MSE A 286 -20.03 -14.63 0.64
N LEU A 287 -16.85 -16.47 4.33
CA LEU A 287 -15.52 -17.03 4.41
C LEU A 287 -15.15 -17.58 3.05
N TRP A 288 -13.96 -17.23 2.58
CA TRP A 288 -13.42 -17.85 1.37
C TRP A 288 -12.03 -18.42 1.69
N CYS A 289 -11.78 -19.66 1.27
CA CYS A 289 -10.41 -20.15 1.25
C CYS A 289 -10.13 -20.87 -0.06
N SER A 290 -8.89 -20.97 -0.43
CA SER A 290 -8.61 -21.37 -1.78
C SER A 290 -7.16 -21.72 -1.86
N GLN A 291 -6.85 -22.66 -2.73
CA GLN A 291 -5.47 -22.98 -2.92
C GLN A 291 -5.18 -22.83 -4.40
N VAL A 292 -6.13 -22.26 -5.14
CA VAL A 292 -5.95 -22.03 -6.57
C VAL A 292 -6.15 -20.56 -6.98
N ALA A 293 -5.50 -19.63 -6.31
CA ALA A 293 -5.72 -18.23 -6.60
C ALA A 293 -4.39 -17.53 -6.75
N PRO A 294 -3.76 -17.66 -7.93
CA PRO A 294 -2.51 -16.98 -8.25
C PRO A 294 -2.48 -15.56 -7.72
N GLY A 295 -1.38 -15.18 -7.10
CA GLY A 295 -1.23 -13.83 -6.59
C GLY A 295 -1.27 -13.86 -5.09
N HIS A 296 -1.67 -15.00 -4.55
CA HIS A 296 -1.76 -15.14 -3.12
C HIS A 296 -0.83 -16.21 -2.53
N GLU A 297 0.11 -15.78 -1.68
CA GLU A 297 1.00 -16.71 -1.03
C GLU A 297 0.39 -17.26 0.22
N ASN A 298 -0.30 -16.41 0.97
CA ASN A 298 -0.78 -16.81 2.29
C ASN A 298 -1.57 -15.66 2.82
N GLY A 299 -2.62 -15.27 2.09
CA GLY A 299 -3.34 -14.07 2.44
C GLY A 299 -4.50 -14.24 3.39
N LEU A 300 -4.28 -14.84 4.56
CA LEU A 300 -5.26 -14.81 5.65
C LEU A 300 -5.49 -13.35 5.91
N MSE A 301 -6.75 -13.00 6.17
CA MSE A 301 -7.16 -11.64 6.47
C MSE A 301 -8.48 -11.70 7.19
O MSE A 301 -9.29 -12.57 6.93
CB MSE A 301 -7.37 -10.88 5.19
CG MSE A 301 -7.96 -9.46 5.38
SE MSE A 301 -8.15 -8.61 3.61
CE MSE A 301 -7.78 -6.75 4.14
N VAL A 302 -8.70 -10.76 8.10
CA VAL A 302 -9.99 -10.70 8.75
C VAL A 302 -10.50 -9.26 8.76
N ARG A 303 -11.80 -9.08 8.51
CA ARG A 303 -12.40 -7.75 8.52
C ARG A 303 -13.67 -7.76 9.34
N VAL A 304 -13.71 -6.87 10.33
CA VAL A 304 -14.87 -6.80 11.23
C VAL A 304 -15.61 -5.44 11.23
N TYR A 305 -16.93 -5.51 11.16
CA TYR A 305 -17.72 -4.28 11.04
C TYR A 305 -18.79 -4.15 12.10
N GLY A 306 -18.71 -3.10 12.88
CA GLY A 306 -19.69 -2.91 13.93
C GLY A 306 -20.63 -1.74 13.70
N THR A 307 -21.16 -1.25 14.81
CA THR A 307 -22.11 -0.17 14.80
C THR A 307 -21.38 1.15 15.09
N LYS A 308 -20.08 1.05 15.34
CA LYS A 308 -19.29 2.22 15.69
C LYS A 308 -18.03 2.34 14.89
N GLY A 309 -17.68 1.31 14.15
CA GLY A 309 -16.43 1.35 13.40
C GLY A 309 -15.97 -0.02 12.92
N GLY A 310 -14.82 -0.05 12.25
CA GLY A 310 -14.28 -1.27 11.67
C GLY A 310 -12.83 -1.54 11.97
N LEU A 311 -12.43 -2.80 11.78
CA LEU A 311 -11.08 -3.28 12.08
C LEU A 311 -10.62 -4.23 10.98
N GLU A 312 -9.49 -3.92 10.37
CA GLU A 312 -8.98 -4.75 9.26
C GLU A 312 -7.56 -5.20 9.54
N TRP A 313 -7.30 -6.48 9.32
CA TRP A 313 -5.97 -7.04 9.56
C TRP A 313 -5.62 -8.11 8.52
N THR A 314 -4.38 -8.06 8.05
CA THR A 314 -3.94 -8.99 7.02
C THR A 314 -2.70 -9.69 7.56
N GLN A 315 -2.74 -11.01 7.67
CA GLN A 315 -1.59 -11.67 8.23
C GLN A 315 -0.28 -11.36 7.51
N LYS A 316 -0.31 -11.08 6.21
CA LYS A 316 0.97 -10.91 5.52
C LYS A 316 1.74 -9.62 5.94
N ASP A 317 0.98 -8.66 6.48
CA ASP A 317 1.58 -7.44 7.00
C ASP A 317 1.12 -7.33 8.43
N PRO A 318 1.59 -8.24 9.27
CA PRO A 318 0.93 -8.50 10.55
C PRO A 318 1.03 -7.38 11.54
N ASN A 319 1.98 -6.49 11.37
CA ASN A 319 2.21 -5.50 12.41
C ASN A 319 1.22 -4.33 12.33
N TYR A 320 0.25 -4.42 11.43
CA TYR A 320 -0.71 -3.34 11.18
C TYR A 320 -2.15 -3.74 11.45
N LEU A 321 -2.86 -2.85 12.14
CA LEU A 321 -4.25 -3.03 12.45
C LEU A 321 -4.95 -1.76 12.00
N TRP A 322 -5.87 -1.85 11.05
CA TRP A 322 -6.54 -0.64 10.53
C TRP A 322 -7.85 -0.34 11.28
N TYR A 323 -7.90 0.82 11.92
CA TYR A 323 -9.02 1.13 12.81
C TYR A 323 -9.73 2.35 12.33
N THR A 324 -11.00 2.19 12.03
CA THR A 324 -11.73 3.35 11.69
C THR A 324 -12.97 3.40 12.54
N PRO A 325 -13.07 4.44 13.39
CA PRO A 325 -14.26 4.86 14.15
C PRO A 325 -15.25 5.53 13.21
N PHE A 326 -16.53 5.24 13.31
CA PHE A 326 -17.42 5.79 12.28
C PHE A 326 -17.48 7.29 12.41
N GLY A 327 -17.55 7.97 11.29
CA GLY A 327 -17.47 9.43 11.30
C GLY A 327 -16.07 9.98 11.51
N GLU A 328 -15.10 9.10 11.68
CA GLU A 328 -13.75 9.60 11.82
C GLU A 328 -12.83 9.09 10.75
N PRO A 329 -11.67 9.72 10.62
CA PRO A 329 -10.60 9.21 9.79
C PRO A 329 -10.13 7.84 10.24
N LYS A 330 -9.80 7.00 9.29
CA LYS A 330 -9.27 5.70 9.57
C LYS A 330 -7.90 5.90 10.17
N ARG A 331 -7.57 5.12 11.20
CA ARG A 331 -6.27 5.25 11.85
C ARG A 331 -5.42 4.00 11.71
N LEU A 332 -4.14 4.18 11.42
CA LEU A 332 -3.24 3.04 11.27
C LEU A 332 -2.56 2.62 12.60
N LEU A 333 -3.10 1.62 13.27
CA LEU A 333 -2.51 1.15 14.52
C LEU A 333 -1.31 0.22 14.26
N THR A 334 -0.25 0.40 15.04
CA THR A 334 0.98 -0.40 14.85
C THR A 334 1.37 -1.23 16.06
N ARG A 335 2.00 -2.37 15.81
CA ARG A 335 2.56 -3.13 16.93
C ARG A 335 3.66 -2.31 17.62
N ALA A 336 3.52 -2.15 18.94
CA ALA A 336 4.55 -1.49 19.77
C ALA A 336 4.56 0.02 19.58
N GLY A 337 3.75 0.51 18.66
CA GLY A 337 3.63 1.95 18.51
C GLY A 337 2.46 2.51 19.29
N ALA A 338 2.19 3.79 19.12
CA ALA A 338 1.04 4.36 19.80
C ALA A 338 -0.28 3.66 19.42
N GLY A 339 -1.23 3.70 20.34
CA GLY A 339 -2.50 3.07 20.10
C GLY A 339 -2.45 1.58 20.40
N ALA A 340 -1.23 1.06 20.58
CA ALA A 340 -1.03 -0.34 20.90
C ALA A 340 -1.61 -0.64 22.27
N SER A 341 -2.49 -1.63 22.36
CA SER A 341 -3.16 -1.90 23.64
C SER A 341 -2.31 -2.78 24.55
N PRO A 342 -2.75 -2.92 25.81
CA PRO A 342 -2.07 -3.87 26.70
C PRO A 342 -1.93 -5.23 26.05
N ALA A 343 -3.01 -5.79 25.49
CA ALA A 343 -2.99 -7.19 25.07
C ALA A 343 -1.95 -7.41 23.98
N ALA A 344 -1.72 -6.37 23.19
CA ALA A 344 -0.70 -6.38 22.14
C ALA A 344 0.71 -6.41 22.74
N ALA A 345 0.97 -5.49 23.66
CA ALA A 345 2.27 -5.40 24.30
C ALA A 345 2.72 -6.77 24.86
N ARG A 346 1.88 -7.36 25.70
CA ARG A 346 2.29 -8.58 26.38
C ARG A 346 2.93 -9.66 25.48
N VAL A 347 2.77 -9.54 24.17
CA VAL A 347 3.40 -10.52 23.30
C VAL A 347 4.25 -9.82 22.29
N SER A 348 4.70 -8.63 22.65
CA SER A 348 5.64 -7.90 21.80
C SER A 348 7.03 -7.90 22.42
N ARG A 349 8.04 -8.07 21.57
CA ARG A 349 9.42 -8.23 22.02
C ARG A 349 10.32 -7.07 21.64
N ILE A 350 9.95 -6.29 20.65
CA ILE A 350 10.89 -5.29 20.17
C ILE A 350 10.17 -4.00 19.86
N PRO A 351 10.91 -2.90 19.65
CA PRO A 351 10.28 -1.59 19.46
C PRO A 351 9.34 -1.54 18.23
N SER A 352 8.49 -0.51 18.14
CA SER A 352 7.73 -0.34 16.92
C SER A 352 8.72 -0.26 15.77
N GLY A 353 8.22 -0.39 14.54
CA GLY A 353 9.05 -0.28 13.37
C GLY A 353 10.04 -1.42 13.27
N HIS A 354 10.06 -2.28 14.26
CA HIS A 354 10.96 -3.44 14.20
C HIS A 354 10.19 -4.74 13.99
N PRO A 355 9.84 -5.04 12.74
CA PRO A 355 8.88 -6.06 12.33
C PRO A 355 9.06 -7.36 13.09
N GLU A 356 8.04 -7.71 13.88
CA GLU A 356 7.87 -9.10 14.30
C GLU A 356 7.01 -9.78 13.22
N GLY A 357 6.92 -11.10 13.22
CA GLY A 357 6.29 -11.79 12.11
C GLY A 357 5.83 -13.20 12.49
N TYR A 358 5.71 -14.06 11.49
CA TYR A 358 5.15 -15.39 11.66
C TYR A 358 5.77 -16.24 12.79
N LEU A 359 7.09 -16.44 12.82
CA LEU A 359 7.72 -17.16 13.94
C LEU A 359 7.42 -16.51 15.29
N GLU A 360 7.60 -15.20 15.41
CA GLU A 360 7.31 -14.49 16.66
C GLU A 360 5.88 -14.81 17.10
N GLY A 361 4.99 -14.94 16.13
CA GLY A 361 3.62 -15.29 16.42
C GLY A 361 3.53 -16.70 16.95
N PHE A 362 4.12 -17.65 16.24
CA PHE A 362 4.05 -19.02 16.67
C PHE A 362 4.61 -19.13 18.10
N ALA A 363 5.73 -18.45 18.35
CA ALA A 363 6.36 -18.46 19.65
C ALA A 363 5.43 -17.89 20.70
N ASN A 364 4.71 -16.82 20.40
CA ASN A 364 3.69 -16.37 21.34
C ASN A 364 2.80 -17.52 21.91
N ILE A 365 2.41 -18.47 21.08
CA ILE A 365 1.65 -19.60 21.58
C ILE A 365 2.47 -20.46 22.53
N TYR A 366 3.66 -20.91 22.10
CA TYR A 366 4.58 -21.64 22.99
C TYR A 366 4.86 -20.91 24.30
N SER A 367 5.01 -19.58 24.28
CA SER A 367 5.24 -18.83 25.53
C SER A 367 4.05 -18.78 26.48
N GLU A 368 2.84 -18.70 25.93
CA GLU A 368 1.64 -18.70 26.77
C GLU A 368 1.49 -20.07 27.36
N ALA A 369 1.54 -21.09 26.50
CA ALA A 369 1.48 -22.46 26.99
C ALA A 369 2.53 -22.61 28.07
N ALA A 370 3.70 -22.01 27.88
CA ALA A 370 4.70 -22.12 28.94
C ALA A 370 4.17 -21.47 30.23
N ARG A 371 3.93 -20.15 30.24
CA ARG A 371 3.39 -19.50 31.44
C ARG A 371 2.35 -20.37 32.17
N ALA A 372 1.55 -21.09 31.39
CA ALA A 372 0.55 -21.98 31.96
C ALA A 372 1.22 -23.21 32.58
N ILE A 373 2.15 -23.82 31.86
CA ILE A 373 2.83 -25.03 32.31
C ILE A 373 3.52 -24.80 33.67
N TYR A 374 4.24 -23.68 33.79
CA TYR A 374 4.85 -23.26 35.03
C TYR A 374 3.80 -23.32 36.15
N ALA A 375 2.63 -22.72 35.91
CA ALA A 375 1.57 -22.68 36.91
C ALA A 375 1.00 -24.07 37.19
N LYS A 376 1.45 -25.07 36.44
CA LYS A 376 1.21 -26.43 36.86
C LYS A 376 2.36 -27.05 37.74
N ARG A 377 3.06 -26.20 38.51
CA ARG A 377 4.16 -26.70 39.36
C ARG A 377 4.00 -26.30 40.85
N ALA A 382 -3.64 -19.60 37.52
CA ALA A 382 -2.71 -19.24 36.46
C ALA A 382 -3.00 -17.84 35.93
N ASP A 383 -1.95 -17.05 35.61
CA ASP A 383 -2.17 -15.66 35.20
C ASP A 383 -3.35 -15.54 34.23
N PRO A 384 -4.31 -14.67 34.55
CA PRO A 384 -5.53 -14.60 33.73
C PRO A 384 -5.29 -13.87 32.40
N SER A 385 -4.09 -13.31 32.21
CA SER A 385 -3.77 -12.60 30.98
C SER A 385 -3.30 -13.60 29.93
N VAL A 386 -3.04 -14.81 30.37
CA VAL A 386 -2.59 -15.88 29.50
C VAL A 386 -3.75 -16.48 28.63
N ILE A 387 -3.60 -16.41 27.31
CA ILE A 387 -4.52 -17.02 26.36
C ILE A 387 -3.80 -18.05 25.51
N TYR A 388 -4.50 -19.12 25.16
CA TYR A 388 -4.03 -19.99 24.09
C TYR A 388 -5.18 -20.83 23.57
N PRO A 389 -5.00 -21.39 22.39
CA PRO A 389 -6.14 -22.08 21.80
C PRO A 389 -6.40 -23.42 22.46
N THR A 390 -7.66 -23.75 22.67
CA THR A 390 -7.99 -24.93 23.46
C THR A 390 -8.56 -26.07 22.64
N ILE A 391 -8.87 -27.16 23.32
CA ILE A 391 -9.40 -28.36 22.70
C ILE A 391 -10.78 -28.03 22.17
N ASP A 392 -11.43 -27.05 22.78
CA ASP A 392 -12.76 -26.66 22.35
C ASP A 392 -12.72 -25.75 21.11
N ASP A 393 -11.64 -24.98 21.00
CA ASP A 393 -11.39 -24.22 19.78
C ASP A 393 -11.20 -25.20 18.62
N GLY A 394 -10.38 -26.21 18.86
CA GLY A 394 -10.20 -27.28 17.90
C GLY A 394 -11.46 -28.08 17.76
N MSE A 395 -12.23 -28.15 18.83
CA MSE A 395 -13.52 -28.82 18.77
C MSE A 395 -14.40 -28.11 17.77
O MSE A 395 -14.92 -28.71 16.82
CB MSE A 395 -14.19 -28.90 20.15
CG MSE A 395 -15.32 -29.90 20.20
SE MSE A 395 -14.89 -31.69 19.41
CE MSE A 395 -16.49 -31.87 18.29
N ARG A 396 -14.55 -26.80 17.98
CA ARG A 396 -15.29 -25.94 17.09
C ARG A 396 -14.77 -26.07 15.66
N GLY A 397 -13.45 -26.07 15.50
CA GLY A 397 -12.89 -26.17 14.18
C GLY A 397 -13.45 -27.35 13.41
N MSE A 398 -13.46 -28.52 14.02
CA MSE A 398 -13.85 -29.73 13.32
C MSE A 398 -15.31 -29.75 13.01
O MSE A 398 -15.72 -30.39 12.02
CB MSE A 398 -13.55 -30.98 14.16
CG MSE A 398 -12.08 -31.17 14.42
SE MSE A 398 -10.92 -31.24 12.83
CE MSE A 398 -12.01 -32.29 11.59
N THR A 399 -16.11 -29.13 13.87
CA THR A 399 -17.52 -29.04 13.56
C THR A 399 -17.64 -28.17 12.33
N PHE A 400 -16.93 -27.05 12.34
CA PHE A 400 -16.89 -26.22 11.15
C PHE A 400 -16.57 -26.99 9.87
N VAL A 401 -15.47 -27.73 9.86
CA VAL A 401 -15.14 -28.46 8.64
C VAL A 401 -16.18 -29.49 8.23
N ASP A 402 -16.68 -30.27 9.20
CA ASP A 402 -17.67 -31.30 8.92
C ASP A 402 -18.88 -30.68 8.26
N ALA A 403 -19.27 -29.51 8.74
CA ALA A 403 -20.51 -28.89 8.33
C ALA A 403 -20.34 -28.23 6.94
N CYS A 404 -19.18 -27.65 6.68
CA CYS A 404 -18.89 -27.23 5.32
C CYS A 404 -19.08 -28.40 4.33
N VAL A 405 -18.44 -29.53 4.63
CA VAL A 405 -18.55 -30.71 3.76
C VAL A 405 -19.99 -31.20 3.59
N ARG A 406 -20.72 -31.25 4.70
CA ARG A 406 -22.11 -31.68 4.66
C ARG A 406 -22.93 -30.69 3.86
N SER A 407 -22.72 -29.39 4.13
CA SER A 407 -23.41 -28.38 3.39
C SER A 407 -23.20 -28.59 1.92
N SER A 408 -21.95 -28.53 1.44
CA SER A 408 -21.75 -28.46 -0.02
C SER A 408 -22.30 -29.70 -0.74
N GLU A 409 -22.06 -30.86 -0.14
CA GLU A 409 -22.71 -32.12 -0.54
C GLU A 409 -24.24 -32.04 -0.62
N ARG A 410 -24.84 -31.21 0.21
CA ARG A 410 -26.26 -31.06 0.25
C ARG A 410 -26.65 -29.78 -0.49
N ASN A 411 -25.75 -29.40 -1.40
CA ASN A 411 -25.96 -28.30 -2.33
C ASN A 411 -26.13 -26.92 -1.73
N GLY A 412 -25.48 -26.70 -0.59
CA GLY A 412 -25.39 -25.37 -0.04
C GLY A 412 -26.37 -25.16 1.09
N ALA A 413 -26.90 -26.24 1.64
CA ALA A 413 -27.88 -26.19 2.71
C ALA A 413 -27.29 -25.62 3.98
N TRP A 414 -28.11 -24.91 4.75
CA TRP A 414 -27.70 -24.41 6.06
C TRP A 414 -27.57 -25.56 7.04
N ILE A 415 -26.52 -25.51 7.86
CA ILE A 415 -26.20 -26.54 8.80
C ILE A 415 -25.80 -25.78 10.02
N LYS A 416 -25.96 -26.35 11.21
CA LYS A 416 -25.36 -25.77 12.44
C LYS A 416 -24.19 -26.56 13.06
N GLN B 35 -16.31 17.31 -36.78
CA GLN B 35 -17.62 16.77 -36.38
C GLN B 35 -18.41 17.75 -35.52
N LYS B 36 -19.68 17.99 -35.89
CA LYS B 36 -20.52 19.00 -35.21
C LYS B 36 -20.98 18.47 -33.85
N ARG B 37 -20.91 19.30 -32.82
CA ARG B 37 -21.21 18.81 -31.47
C ARG B 37 -22.57 18.14 -31.34
N ILE B 38 -22.71 17.32 -30.29
CA ILE B 38 -23.98 16.68 -30.01
C ILE B 38 -24.86 17.54 -29.09
N ARG B 39 -26.04 17.92 -29.57
CA ARG B 39 -26.96 18.72 -28.74
C ARG B 39 -27.66 17.79 -27.77
N LEU B 40 -27.60 18.15 -26.50
CA LEU B 40 -27.89 17.22 -25.44
C LEU B 40 -28.89 17.86 -24.53
N GLY B 41 -29.82 17.06 -24.04
CA GLY B 41 -30.74 17.52 -23.02
C GLY B 41 -30.62 16.61 -21.81
N MSE B 42 -31.18 17.03 -20.68
CA MSE B 42 -31.10 16.30 -19.43
C MSE B 42 -32.48 16.19 -18.81
O MSE B 42 -33.32 17.01 -19.04
CB MSE B 42 -30.18 17.03 -18.44
CG MSE B 42 -29.74 16.15 -17.25
SE MSE B 42 -28.03 16.65 -16.38
CE MSE B 42 -28.79 17.41 -14.73
N VAL B 43 -32.73 15.18 -18.01
CA VAL B 43 -33.98 15.06 -17.27
C VAL B 43 -33.61 14.67 -15.85
N GLY B 44 -33.90 15.52 -14.86
CA GLY B 44 -33.47 15.24 -13.50
C GLY B 44 -32.11 15.89 -13.28
N GLY B 45 -31.55 15.78 -12.08
CA GLY B 45 -30.34 16.54 -11.75
C GLY B 45 -30.59 18.04 -11.55
N GLY B 46 -29.66 18.87 -12.04
CA GLY B 46 -29.80 20.32 -11.90
C GLY B 46 -29.84 20.82 -10.46
N ALA B 49 -27.74 18.30 -6.49
CA ALA B 49 -27.65 16.84 -6.67
C ALA B 49 -26.33 16.43 -7.30
N PHE B 50 -25.59 15.53 -6.64
CA PHE B 50 -24.36 15.02 -7.25
C PHE B 50 -24.69 14.55 -8.67
N ILE B 51 -25.61 13.59 -8.79
CA ILE B 51 -25.73 12.86 -10.04
C ILE B 51 -25.67 13.70 -11.32
N GLY B 52 -26.35 14.86 -11.31
CA GLY B 52 -26.50 15.71 -12.48
C GLY B 52 -25.27 16.52 -12.80
N ALA B 53 -24.59 16.95 -11.75
CA ALA B 53 -23.29 17.59 -11.87
C ALA B 53 -22.28 16.65 -12.53
N VAL B 54 -22.48 15.35 -12.36
CA VAL B 54 -21.48 14.41 -12.81
C VAL B 54 -21.63 14.12 -14.29
N HIS B 55 -22.86 13.81 -14.70
CA HIS B 55 -23.14 13.64 -16.12
C HIS B 55 -22.78 14.93 -16.90
N ARG B 56 -23.12 16.09 -16.35
CA ARG B 56 -22.74 17.31 -17.04
C ARG B 56 -21.23 17.47 -17.21
N ILE B 57 -20.43 17.12 -16.20
CA ILE B 57 -18.98 17.07 -16.40
C ILE B 57 -18.60 15.94 -17.35
N ALA B 58 -19.18 14.77 -17.15
CA ALA B 58 -18.89 13.70 -18.08
C ALA B 58 -19.14 14.12 -19.55
N ALA B 59 -20.16 14.95 -19.80
CA ALA B 59 -20.44 15.38 -21.19
C ALA B 59 -19.47 16.43 -21.69
N ARG B 60 -19.14 17.38 -20.81
CA ARG B 60 -18.27 18.49 -21.18
C ARG B 60 -16.84 18.05 -21.41
N LEU B 61 -16.43 16.98 -20.74
CA LEU B 61 -15.00 16.80 -20.53
C LEU B 61 -14.26 16.60 -21.82
N ASP B 62 -14.74 15.69 -22.65
CA ASP B 62 -14.07 15.43 -23.92
C ASP B 62 -14.52 16.39 -25.05
N ASP B 63 -15.43 17.34 -24.72
CA ASP B 63 -15.92 18.36 -25.65
C ASP B 63 -16.82 17.83 -26.82
N HIS B 64 -17.55 16.74 -26.57
CA HIS B 64 -18.42 16.12 -27.57
C HIS B 64 -19.85 16.66 -27.59
N TYR B 65 -20.24 17.42 -26.57
CA TYR B 65 -21.63 17.72 -26.38
C TYR B 65 -21.83 19.19 -25.96
N GLU B 66 -22.83 19.89 -26.53
CA GLU B 66 -23.28 21.08 -25.84
C GLU B 66 -24.62 20.78 -25.22
N LEU B 67 -24.74 21.11 -23.95
CA LEU B 67 -25.97 20.88 -23.22
C LEU B 67 -26.97 22.02 -23.49
N VAL B 68 -28.05 21.77 -24.23
CA VAL B 68 -28.91 22.87 -24.66
C VAL B 68 -30.32 22.92 -24.05
N ALA B 69 -30.74 21.86 -23.39
CA ALA B 69 -32.12 21.77 -22.95
C ALA B 69 -32.25 21.02 -21.64
N GLY B 70 -33.40 21.12 -20.98
CA GLY B 70 -33.61 20.22 -19.88
C GLY B 70 -34.82 20.36 -18.98
N ALA B 71 -35.48 19.23 -18.71
CA ALA B 71 -36.45 19.13 -17.63
C ALA B 71 -35.76 18.83 -16.28
N LEU B 72 -35.16 19.83 -15.66
CA LEU B 72 -34.35 19.61 -14.46
C LEU B 72 -35.16 19.39 -13.19
N SER B 73 -36.48 19.51 -13.29
CA SER B 73 -37.34 19.35 -12.11
C SER B 73 -38.81 19.22 -12.50
N SER B 74 -39.62 18.73 -11.56
CA SER B 74 -41.05 18.57 -11.78
C SER B 74 -41.82 19.83 -11.41
N THR B 75 -41.42 20.49 -10.33
CA THR B 75 -41.97 21.81 -9.99
C THR B 75 -41.29 22.91 -10.81
N PRO B 76 -42.08 23.70 -11.55
CA PRO B 76 -41.56 24.67 -12.53
C PRO B 76 -40.70 25.75 -11.91
N GLU B 77 -40.94 26.04 -10.64
CA GLU B 77 -40.20 27.08 -9.95
C GLU B 77 -38.72 26.68 -9.90
N LYS B 78 -38.48 25.42 -9.55
CA LYS B 78 -37.14 24.85 -9.58
C LYS B 78 -36.66 24.73 -11.02
N ALA B 79 -37.50 24.14 -11.88
CA ALA B 79 -37.13 23.90 -13.26
C ALA B 79 -36.61 25.16 -13.93
N GLU B 80 -37.19 26.32 -13.59
CA GLU B 80 -36.67 27.57 -14.13
C GLU B 80 -35.41 28.04 -13.40
N ALA B 81 -35.40 27.86 -12.07
CA ALA B 81 -34.21 28.17 -11.27
C ALA B 81 -33.05 27.32 -11.77
N SER B 82 -33.29 26.03 -11.95
CA SER B 82 -32.25 25.17 -12.44
C SER B 82 -31.77 25.65 -13.81
N GLY B 83 -32.69 25.90 -14.75
CA GLY B 83 -32.31 26.35 -16.09
C GLY B 83 -31.50 27.65 -16.13
N ARG B 84 -31.89 28.59 -15.30
CA ARG B 84 -31.21 29.87 -15.23
C ARG B 84 -29.81 29.65 -14.70
N GLU B 85 -29.68 28.69 -13.78
CA GLU B 85 -28.40 28.33 -13.21
C GLU B 85 -27.46 27.74 -14.25
N LEU B 86 -27.96 26.77 -15.01
CA LEU B 86 -27.12 26.13 -16.02
C LEU B 86 -26.87 27.04 -17.20
N GLY B 87 -27.30 28.29 -17.06
CA GLY B 87 -27.27 29.24 -18.15
C GLY B 87 -27.91 28.69 -19.42
N LEU B 88 -29.17 28.27 -19.33
CA LEU B 88 -29.90 27.77 -20.49
C LEU B 88 -30.95 28.77 -21.01
N ASP B 89 -31.12 28.82 -22.33
CA ASP B 89 -32.21 29.59 -22.94
C ASP B 89 -33.56 29.13 -22.38
N PRO B 90 -34.29 30.04 -21.71
CA PRO B 90 -35.50 29.58 -21.01
C PRO B 90 -36.51 28.95 -21.98
N SER B 91 -36.37 29.26 -23.27
CA SER B 91 -37.19 28.68 -24.33
C SER B 91 -37.10 27.18 -24.19
N ARG B 92 -35.92 26.74 -23.79
CA ARG B 92 -35.54 25.35 -23.81
C ARG B 92 -35.48 24.65 -22.42
N VAL B 93 -35.92 25.33 -21.37
CA VAL B 93 -36.05 24.71 -20.04
C VAL B 93 -37.49 24.26 -19.79
N TYR B 94 -37.71 22.95 -19.75
CA TYR B 94 -39.05 22.40 -19.55
C TYR B 94 -39.28 21.96 -18.10
N SER B 95 -40.44 21.37 -17.85
CA SER B 95 -40.79 20.92 -16.52
C SER B 95 -41.60 19.65 -16.64
N ASP B 96 -41.54 19.06 -17.83
CA ASP B 96 -42.28 17.85 -18.13
C ASP B 96 -41.53 17.14 -19.24
N PHE B 97 -40.85 16.06 -18.90
CA PHE B 97 -40.08 15.37 -19.93
C PHE B 97 -40.95 15.08 -21.15
N LYS B 98 -42.23 14.76 -20.96
CA LYS B 98 -43.07 14.42 -22.11
C LYS B 98 -43.22 15.60 -23.08
N GLU B 99 -43.58 16.77 -22.55
CA GLU B 99 -43.61 17.99 -23.35
C GLU B 99 -42.23 18.17 -23.97
N MSE B 100 -41.22 18.22 -23.11
CA MSE B 100 -39.85 18.44 -23.54
C MSE B 100 -39.46 17.55 -24.72
O MSE B 100 -38.81 18.01 -25.65
CB MSE B 100 -38.85 18.27 -22.38
CG MSE B 100 -37.41 18.22 -22.88
SE MSE B 100 -35.95 17.97 -21.58
CE MSE B 100 -34.44 18.05 -22.83
N ALA B 101 -39.87 16.30 -24.69
CA ALA B 101 -39.60 15.38 -25.80
C ALA B 101 -40.47 15.67 -27.06
N ILE B 102 -41.78 15.81 -26.85
CA ILE B 102 -42.65 16.20 -27.95
C ILE B 102 -42.08 17.41 -28.69
N ARG B 103 -41.65 18.43 -27.94
CA ARG B 103 -41.23 19.67 -28.58
C ARG B 103 -39.85 19.59 -29.29
N GLU B 104 -38.90 18.89 -28.68
CA GLU B 104 -37.51 18.88 -29.19
C GLU B 104 -37.36 17.98 -30.42
N ALA B 105 -38.25 16.99 -30.54
CA ALA B 105 -38.23 16.11 -31.70
C ALA B 105 -38.55 16.90 -32.98
N LYS B 106 -39.51 17.83 -32.83
CA LYS B 106 -39.99 18.65 -33.94
C LYS B 106 -39.23 19.97 -34.09
N LEU B 107 -38.25 20.19 -33.23
CA LEU B 107 -37.66 21.51 -33.07
C LEU B 107 -36.47 21.89 -33.96
N LYS B 108 -36.06 21.01 -34.87
CA LYS B 108 -34.95 21.26 -35.82
C LYS B 108 -33.56 21.72 -35.25
N ASN B 109 -33.59 22.45 -34.15
CA ASN B 109 -32.39 22.90 -33.47
C ASN B 109 -32.25 22.00 -32.24
N GLY B 110 -33.19 21.04 -32.13
CA GLY B 110 -33.43 20.29 -30.90
C GLY B 110 -32.46 19.17 -30.50
N ILE B 111 -32.54 18.79 -29.24
CA ILE B 111 -31.57 17.84 -28.72
C ILE B 111 -31.51 16.58 -29.58
N GLU B 112 -30.30 16.05 -29.72
CA GLU B 112 -30.03 14.85 -30.49
C GLU B 112 -30.00 13.63 -29.57
N ALA B 113 -29.61 13.85 -28.31
CA ALA B 113 -29.68 12.84 -27.28
C ALA B 113 -30.03 13.50 -25.97
N VAL B 114 -30.51 12.70 -25.03
CA VAL B 114 -30.81 13.18 -23.70
C VAL B 114 -30.30 12.21 -22.59
N ALA B 115 -29.95 12.79 -21.46
CA ALA B 115 -29.40 12.06 -20.33
C ALA B 115 -30.47 11.94 -19.26
N ILE B 116 -30.80 10.73 -18.86
CA ILE B 116 -31.86 10.63 -17.88
C ILE B 116 -31.23 10.43 -16.53
N VAL B 117 -31.52 11.33 -15.61
CA VAL B 117 -30.83 11.24 -14.35
C VAL B 117 -31.85 11.22 -13.23
N THR B 118 -33.08 10.92 -13.58
CA THR B 118 -34.12 10.82 -12.55
C THR B 118 -33.85 9.59 -11.69
N PRO B 119 -34.61 9.44 -10.60
CA PRO B 119 -34.63 8.18 -9.83
C PRO B 119 -35.21 7.03 -10.66
N ASN B 120 -34.90 5.80 -10.24
CA ASN B 120 -35.13 4.62 -11.07
C ASN B 120 -36.57 4.40 -11.55
N HIS B 121 -37.56 4.61 -10.68
CA HIS B 121 -38.98 4.44 -11.07
C HIS B 121 -39.45 5.33 -12.26
N VAL B 122 -38.60 6.29 -12.63
CA VAL B 122 -38.92 7.25 -13.66
C VAL B 122 -38.27 6.91 -15.01
N HIS B 123 -37.16 6.15 -15.02
CA HIS B 123 -36.45 5.86 -16.26
C HIS B 123 -37.35 5.38 -17.36
N TYR B 124 -37.92 4.20 -17.24
CA TYR B 124 -38.88 3.78 -18.27
C TYR B 124 -39.78 4.97 -18.75
N ALA B 125 -40.51 5.62 -17.84
CA ALA B 125 -41.42 6.70 -18.25
C ALA B 125 -40.68 7.72 -19.12
N ALA B 126 -39.71 8.39 -18.50
CA ALA B 126 -38.89 9.38 -19.16
C ALA B 126 -38.31 8.88 -20.48
N ALA B 127 -37.79 7.67 -20.48
CA ALA B 127 -36.98 7.22 -21.60
C ALA B 127 -37.84 6.87 -22.80
N LYS B 128 -39.03 6.33 -22.54
CA LYS B 128 -39.89 5.89 -23.66
C LYS B 128 -40.31 7.04 -24.61
N GLU B 129 -40.57 8.21 -24.02
CA GLU B 129 -40.86 9.41 -24.78
C GLU B 129 -39.78 9.75 -25.79
N PHE B 130 -38.51 9.63 -25.40
CA PHE B 130 -37.43 10.07 -26.28
C PHE B 130 -37.02 9.05 -27.30
N LEU B 131 -37.14 7.77 -26.98
CA LEU B 131 -36.78 6.71 -27.93
C LEU B 131 -37.89 6.56 -28.97
N LYS B 132 -39.13 6.93 -28.58
CA LYS B 132 -40.31 6.99 -29.46
C LYS B 132 -40.03 7.91 -30.62
N ARG B 133 -39.72 9.15 -30.24
CA ARG B 133 -39.47 10.21 -31.18
C ARG B 133 -38.02 10.24 -31.63
N GLY B 134 -37.37 9.07 -31.57
CA GLY B 134 -36.08 8.86 -32.21
C GLY B 134 -34.89 9.65 -31.70
N ILE B 135 -34.92 10.15 -30.48
CA ILE B 135 -33.71 10.74 -29.95
C ILE B 135 -32.98 9.79 -28.96
N HIS B 136 -31.63 9.79 -29.01
CA HIS B 136 -30.83 8.83 -28.24
C HIS B 136 -30.85 9.08 -26.73
N VAL B 137 -30.83 8.00 -25.96
CA VAL B 137 -30.95 8.12 -24.52
C VAL B 137 -29.72 7.59 -23.80
N ILE B 138 -29.10 8.45 -23.01
CA ILE B 138 -28.06 8.03 -22.10
C ILE B 138 -28.69 7.91 -20.70
N CYS B 139 -28.89 6.68 -20.22
CA CYS B 139 -29.60 6.44 -18.96
C CYS B 139 -28.69 6.08 -17.80
N ASP B 140 -29.02 6.61 -16.63
CA ASP B 140 -28.35 6.23 -15.40
C ASP B 140 -28.86 4.88 -14.93
N LYS B 141 -28.08 4.27 -14.03
CA LYS B 141 -28.31 2.92 -13.51
C LYS B 141 -28.98 3.00 -12.17
N PRO B 142 -29.73 1.98 -11.80
CA PRO B 142 -30.17 0.83 -12.60
C PRO B 142 -31.24 1.19 -13.64
N LEU B 143 -31.46 0.29 -14.57
CA LEU B 143 -32.50 0.42 -15.57
C LEU B 143 -33.80 1.01 -15.03
N THR B 144 -34.38 0.37 -14.02
CA THR B 144 -35.68 0.80 -13.53
C THR B 144 -35.81 0.58 -12.04
N SER B 145 -37.02 0.45 -11.55
CA SER B 145 -37.17 0.05 -10.15
C SER B 145 -37.89 -1.29 -10.12
N THR B 146 -38.63 -1.59 -11.17
CA THR B 146 -39.33 -2.86 -11.25
C THR B 146 -38.93 -3.66 -12.48
N LEU B 147 -38.85 -4.97 -12.25
CA LEU B 147 -38.65 -5.92 -13.31
C LEU B 147 -39.65 -5.71 -14.46
N ALA B 148 -40.90 -5.40 -14.14
CA ALA B 148 -41.94 -5.23 -15.18
C ALA B 148 -41.67 -4.08 -16.16
N ASP B 149 -41.16 -2.96 -15.64
CA ASP B 149 -40.82 -1.77 -16.45
C ASP B 149 -39.57 -2.02 -17.26
N ALA B 150 -38.54 -2.54 -16.61
CA ALA B 150 -37.32 -2.94 -17.29
C ALA B 150 -37.71 -3.79 -18.49
N LYS B 151 -38.66 -4.72 -18.29
CA LYS B 151 -39.16 -5.55 -19.38
C LYS B 151 -39.71 -4.67 -20.48
N LYS B 152 -40.48 -3.67 -20.08
CA LYS B 152 -41.03 -2.73 -21.05
C LYS B 152 -39.91 -1.98 -21.77
N LEU B 153 -38.94 -1.51 -20.98
CA LEU B 153 -37.93 -0.60 -21.49
C LEU B 153 -37.02 -1.25 -22.51
N LYS B 154 -36.86 -2.57 -22.42
CA LYS B 154 -36.15 -3.28 -23.48
C LYS B 154 -36.99 -3.27 -24.74
N LYS B 155 -38.30 -3.41 -24.59
CA LYS B 155 -39.11 -3.54 -25.77
C LYS B 155 -39.10 -2.18 -26.52
N ALA B 156 -39.12 -1.11 -25.73
CA ALA B 156 -39.02 0.25 -26.27
C ALA B 156 -37.72 0.49 -27.05
N ALA B 157 -36.60 0.13 -26.46
CA ALA B 157 -35.29 0.33 -27.07
C ALA B 157 -35.05 -0.62 -28.25
N ASP B 158 -35.66 -1.80 -28.15
CA ASP B 158 -35.55 -2.80 -29.21
C ASP B 158 -36.31 -2.33 -30.44
N GLU B 159 -37.45 -1.69 -30.22
CA GLU B 159 -38.26 -1.16 -31.32
C GLU B 159 -37.59 0.07 -31.92
N SER B 160 -37.12 0.96 -31.04
CA SER B 160 -36.56 2.25 -31.45
C SER B 160 -35.39 2.13 -32.43
N ASP B 161 -35.06 3.23 -33.09
CA ASP B 161 -33.89 3.25 -33.96
C ASP B 161 -32.80 4.12 -33.35
N ALA B 162 -33.15 4.72 -32.21
CA ALA B 162 -32.19 5.49 -31.46
C ALA B 162 -31.40 4.54 -30.53
N LEU B 163 -30.24 5.01 -30.07
CA LEU B 163 -29.40 4.28 -29.14
C LEU B 163 -29.88 4.39 -27.68
N PHE B 164 -29.64 3.31 -26.93
CA PHE B 164 -29.80 3.35 -25.47
C PHE B 164 -28.47 3.01 -24.83
N VAL B 165 -27.91 3.93 -24.07
CA VAL B 165 -26.67 3.67 -23.39
C VAL B 165 -26.94 3.73 -21.89
N LEU B 166 -26.38 2.82 -21.10
CA LEU B 166 -26.57 2.79 -19.66
C LEU B 166 -25.27 3.20 -18.96
N THR B 167 -25.31 4.13 -18.00
CA THR B 167 -24.02 4.52 -17.40
C THR B 167 -23.47 3.59 -16.29
N HIS B 168 -22.95 2.43 -16.68
CA HIS B 168 -22.16 1.64 -15.75
C HIS B 168 -20.77 2.29 -15.79
N ASN B 169 -20.69 3.48 -15.19
CA ASN B 169 -19.49 4.27 -15.25
C ASN B 169 -18.27 3.45 -14.95
N TYR B 170 -18.39 2.56 -13.99
CA TYR B 170 -17.22 1.84 -13.52
C TYR B 170 -16.56 0.97 -14.60
N THR B 171 -17.31 0.57 -15.63
CA THR B 171 -16.75 -0.16 -16.76
C THR B 171 -16.04 0.76 -17.74
N GLY B 172 -15.94 2.04 -17.36
CA GLY B 172 -15.27 3.01 -18.20
C GLY B 172 -13.80 3.21 -17.93
N TYR B 173 -13.34 2.73 -16.78
CA TYR B 173 -11.96 2.85 -16.39
C TYR B 173 -11.07 2.06 -17.32
N PRO B 174 -9.96 2.66 -17.74
CA PRO B 174 -9.02 1.98 -18.64
C PRO B 174 -8.44 0.63 -18.12
N MSE B 175 -8.05 0.56 -16.86
CA MSE B 175 -7.54 -0.70 -16.31
C MSE B 175 -8.61 -1.78 -16.22
O MSE B 175 -8.34 -2.97 -16.44
CB MSE B 175 -6.91 -0.45 -14.96
CG MSE B 175 -5.67 0.46 -15.04
SE MSE B 175 -4.48 0.05 -16.56
CE MSE B 175 -3.38 -1.33 -15.77
N VAL B 176 -9.83 -1.37 -15.88
CA VAL B 176 -11.00 -2.22 -16.01
C VAL B 176 -11.21 -2.74 -17.45
N ARG B 177 -10.91 -1.93 -18.46
CA ARG B 177 -11.07 -2.38 -19.84
C ARG B 177 -9.89 -3.18 -20.32
N GLN B 178 -8.74 -2.94 -19.70
CA GLN B 178 -7.56 -3.77 -19.94
C GLN B 178 -7.69 -5.16 -19.35
N ALA B 179 -8.23 -5.24 -18.13
CA ALA B 179 -8.56 -6.52 -17.55
C ALA B 179 -9.50 -7.29 -18.48
N ARG B 180 -10.57 -6.63 -18.96
CA ARG B 180 -11.48 -7.30 -19.88
C ARG B 180 -10.73 -7.83 -21.07
N GLU B 181 -9.72 -7.10 -21.52
CA GLU B 181 -9.04 -7.53 -22.71
C GLU B 181 -8.14 -8.71 -22.42
N MSE B 182 -7.35 -8.62 -21.36
CA MSE B 182 -6.36 -9.65 -21.11
C MSE B 182 -7.05 -10.97 -20.85
O MSE B 182 -6.54 -12.01 -21.27
CB MSE B 182 -5.50 -9.30 -19.94
CG MSE B 182 -4.62 -8.15 -20.18
SE MSE B 182 -3.89 -7.59 -18.47
CE MSE B 182 -2.48 -8.93 -18.26
N ILE B 183 -8.21 -10.94 -20.17
CA ILE B 183 -8.95 -12.14 -19.89
C ILE B 183 -9.57 -12.70 -21.16
N GLU B 184 -9.96 -11.80 -22.06
CA GLU B 184 -10.51 -12.19 -23.36
C GLU B 184 -9.46 -12.85 -24.29
N ASN B 185 -8.22 -12.40 -24.22
CA ASN B 185 -7.16 -13.01 -25.03
C ASN B 185 -6.64 -14.36 -24.55
N GLY B 186 -6.89 -14.68 -23.28
CA GLY B 186 -6.39 -15.92 -22.71
C GLY B 186 -5.26 -15.68 -21.74
N ASP B 187 -5.03 -14.44 -21.38
CA ASP B 187 -3.85 -14.11 -20.62
C ASP B 187 -3.78 -14.86 -19.29
N ILE B 188 -4.90 -15.04 -18.60
CA ILE B 188 -4.90 -15.80 -17.36
C ILE B 188 -5.55 -17.14 -17.50
N GLY B 189 -5.71 -17.63 -18.71
CA GLY B 189 -6.25 -18.96 -18.89
C GLY B 189 -7.74 -19.04 -18.62
N ALA B 190 -8.27 -20.24 -18.43
CA ALA B 190 -9.70 -20.39 -18.21
C ALA B 190 -10.07 -19.84 -16.85
N VAL B 191 -11.09 -19.00 -16.81
CA VAL B 191 -11.55 -18.40 -15.56
C VAL B 191 -12.25 -19.38 -14.63
N ARG B 192 -11.78 -19.38 -13.39
CA ARG B 192 -12.21 -20.25 -12.31
C ARG B 192 -12.97 -19.51 -11.17
N LEU B 193 -12.49 -18.34 -10.80
CA LEU B 193 -13.10 -17.58 -9.71
C LEU B 193 -13.24 -16.12 -10.05
N VAL B 194 -14.44 -15.60 -9.74
CA VAL B 194 -14.70 -14.18 -9.80
C VAL B 194 -15.13 -13.71 -8.41
N GLN B 195 -14.26 -12.95 -7.76
CA GLN B 195 -14.55 -12.43 -6.43
C GLN B 195 -14.84 -10.92 -6.51
N MSE B 196 -16.07 -10.55 -6.20
CA MSE B 196 -16.58 -9.19 -6.33
C MSE B 196 -16.96 -8.60 -5.00
O MSE B 196 -17.61 -9.26 -4.17
CB MSE B 196 -17.85 -9.23 -7.18
CG MSE B 196 -17.63 -9.77 -8.55
SE MSE B 196 -19.25 -10.39 -9.43
CE MSE B 196 -19.20 -12.26 -8.82
N GLU B 197 -16.60 -7.35 -4.77
CA GLU B 197 -17.22 -6.67 -3.62
C GLU B 197 -17.43 -5.14 -3.76
N TYR B 198 -18.27 -4.60 -2.89
CA TYR B 198 -18.64 -3.19 -2.93
C TYR B 198 -19.17 -2.70 -1.63
N PRO B 199 -18.29 -2.27 -0.74
CA PRO B 199 -18.80 -1.82 0.55
C PRO B 199 -18.73 -0.33 0.66
N GLN B 200 -19.77 0.27 1.23
CA GLN B 200 -19.72 1.66 1.64
C GLN B 200 -20.05 1.72 3.13
N ASP B 201 -19.91 2.88 3.74
CA ASP B 201 -20.28 3.02 5.15
C ASP B 201 -21.24 4.14 5.47
N TRP B 202 -21.89 4.73 4.46
CA TRP B 202 -22.64 5.95 4.73
C TRP B 202 -23.94 5.70 5.51
N LEU B 203 -24.55 4.53 5.32
CA LEU B 203 -25.81 4.22 6.00
C LEU B 203 -25.65 3.45 7.33
N THR B 204 -24.48 3.58 7.98
CA THR B 204 -24.22 2.94 9.26
C THR B 204 -25.20 3.30 10.37
N GLU B 205 -25.86 4.47 10.28
CA GLU B 205 -26.76 4.89 11.38
C GLU B 205 -28.23 5.19 11.02
N GLY B 227 -33.20 0.20 -4.42
CA GLY B 227 -33.12 1.36 -3.55
C GLY B 227 -32.22 0.99 -2.37
N GLY B 228 -32.14 -0.32 -2.13
CA GLY B 228 -31.25 -0.86 -1.12
C GLY B 228 -29.86 -1.05 -1.71
N SER B 229 -28.98 -1.69 -0.94
CA SER B 229 -27.60 -1.90 -1.34
C SER B 229 -27.50 -2.76 -2.60
N THR B 230 -28.24 -3.86 -2.65
CA THR B 230 -28.19 -4.70 -3.84
C THR B 230 -28.55 -3.96 -5.15
N GLY B 231 -29.54 -3.08 -5.11
CA GLY B 231 -29.97 -2.45 -6.33
C GLY B 231 -29.13 -1.24 -6.61
N ASP B 232 -28.54 -0.66 -5.56
CA ASP B 232 -27.75 0.54 -5.77
C ASP B 232 -26.33 0.18 -6.16
N ILE B 233 -25.71 -0.67 -5.33
CA ILE B 233 -24.30 -1.01 -5.50
C ILE B 233 -24.02 -2.45 -5.89
N GLY B 234 -24.88 -3.38 -5.45
CA GLY B 234 -24.75 -4.78 -5.82
C GLY B 234 -24.66 -4.90 -7.34
N THR B 235 -25.43 -4.11 -8.06
CA THR B 235 -25.46 -4.16 -9.52
C THR B 235 -24.15 -3.75 -10.14
N HIS B 236 -23.60 -2.65 -9.67
CA HIS B 236 -22.35 -2.14 -10.22
C HIS B 236 -21.29 -3.23 -10.11
N ALA B 237 -21.25 -3.90 -8.98
CA ALA B 237 -20.32 -4.98 -8.71
C ALA B 237 -20.56 -6.20 -9.59
N TYR B 238 -21.82 -6.62 -9.66
CA TYR B 238 -22.20 -7.71 -10.54
C TYR B 238 -21.78 -7.37 -11.95
N ASN B 239 -22.11 -6.16 -12.35
CA ASN B 239 -21.84 -5.73 -13.69
C ASN B 239 -20.34 -5.71 -13.95
N LEU B 240 -19.56 -5.29 -12.95
CA LEU B 240 -18.11 -5.21 -13.11
C LEU B 240 -17.56 -6.62 -13.25
N GLY B 241 -18.03 -7.52 -12.40
CA GLY B 241 -17.62 -8.89 -12.46
C GLY B 241 -17.81 -9.54 -13.80
N CYS B 242 -19.04 -9.47 -14.31
CA CYS B 242 -19.37 -9.97 -15.64
C CYS B 242 -18.66 -9.20 -16.71
N PHE B 243 -18.27 -7.96 -16.45
CA PHE B 243 -17.67 -7.17 -17.51
C PHE B 243 -16.26 -7.59 -17.77
N VAL B 244 -15.49 -7.69 -16.68
CA VAL B 244 -14.09 -8.10 -16.71
C VAL B 244 -13.92 -9.60 -17.01
N SER B 245 -14.68 -10.44 -16.34
CA SER B 245 -14.41 -11.86 -16.51
C SER B 245 -14.94 -12.38 -17.82
N GLY B 246 -15.83 -11.60 -18.43
CA GLY B 246 -16.56 -12.06 -19.59
C GLY B 246 -17.27 -13.39 -19.44
N LEU B 247 -18.05 -13.58 -18.37
CA LEU B 247 -18.83 -14.81 -18.18
C LEU B 247 -20.29 -14.56 -17.89
N GLU B 248 -21.09 -15.59 -18.11
CA GLU B 248 -22.49 -15.55 -17.81
C GLU B 248 -22.77 -16.23 -16.46
N LEU B 249 -23.43 -15.51 -15.57
CA LEU B 249 -23.85 -16.04 -14.32
C LEU B 249 -24.95 -17.05 -14.59
N GLU B 250 -24.85 -18.22 -13.98
CA GLU B 250 -25.90 -19.21 -14.21
C GLU B 250 -26.93 -19.22 -13.09
N GLU B 251 -26.46 -19.22 -11.83
CA GLU B 251 -27.36 -19.24 -10.68
C GLU B 251 -26.76 -18.62 -9.41
N LEU B 252 -27.59 -18.10 -8.52
CA LEU B 252 -27.04 -17.52 -7.31
C LEU B 252 -27.80 -17.88 -6.02
N ALA B 253 -27.18 -17.64 -4.87
CA ALA B 253 -27.86 -17.78 -3.59
C ALA B 253 -27.51 -16.61 -2.65
N ALA B 254 -28.49 -16.02 -2.00
CA ALA B 254 -28.17 -14.77 -1.33
C ALA B 254 -28.66 -14.72 0.09
N ASP B 255 -28.01 -13.88 0.88
CA ASP B 255 -28.45 -13.68 2.21
C ASP B 255 -28.39 -12.19 2.38
N LEU B 256 -29.58 -11.57 2.46
CA LEU B 256 -29.74 -10.12 2.56
C LEU B 256 -30.25 -9.73 3.92
N ASP B 257 -29.67 -8.66 4.47
CA ASP B 257 -29.96 -8.17 5.79
C ASP B 257 -30.34 -6.70 5.79
N SER B 258 -31.24 -6.34 6.70
CA SER B 258 -31.54 -4.92 6.88
C SER B 258 -31.14 -4.51 8.30
N PHE B 259 -29.83 -4.37 8.50
CA PHE B 259 -29.27 -4.22 9.84
C PHE B 259 -29.90 -3.09 10.64
N VAL B 260 -29.96 -1.91 10.02
CA VAL B 260 -30.48 -0.72 10.69
C VAL B 260 -31.98 -0.86 11.05
N GLY B 261 -32.30 -0.56 12.31
CA GLY B 261 -33.68 -0.50 12.76
C GLY B 261 -34.49 0.53 11.96
N GLY B 262 -35.70 0.12 11.54
CA GLY B 262 -36.55 1.01 10.77
C GLY B 262 -36.30 1.01 9.26
N ARG B 263 -35.07 0.68 8.87
CA ARG B 263 -34.72 0.53 7.45
C ARG B 263 -35.34 -0.78 6.98
N GLN B 264 -36.20 -0.68 5.97
CA GLN B 264 -36.92 -1.82 5.42
C GLN B 264 -36.09 -2.49 4.33
N LEU B 265 -35.41 -1.68 3.53
CA LEU B 265 -34.58 -2.18 2.44
C LEU B 265 -33.23 -2.72 2.94
N ASP B 266 -32.70 -3.74 2.27
CA ASP B 266 -31.40 -4.32 2.61
C ASP B 266 -30.30 -3.28 2.67
N ASP B 267 -29.37 -3.46 3.59
CA ASP B 267 -28.22 -2.58 3.60
C ASP B 267 -26.93 -3.44 3.58
N ASN B 268 -27.12 -4.76 3.39
CA ASN B 268 -26.00 -5.68 3.21
C ASN B 268 -26.38 -6.91 2.41
N ALA B 269 -25.47 -7.45 1.63
CA ALA B 269 -25.78 -8.70 0.93
C ALA B 269 -24.57 -9.56 0.81
N HIS B 270 -24.77 -10.87 0.90
CA HIS B 270 -23.72 -11.85 0.76
C HIS B 270 -24.24 -12.78 -0.27
N VAL B 271 -23.50 -12.97 -1.36
CA VAL B 271 -24.05 -13.74 -2.45
C VAL B 271 -23.08 -14.74 -3.06
N LEU B 272 -23.46 -16.01 -3.14
CA LEU B 272 -22.64 -17.01 -3.80
C LEU B 272 -23.05 -17.15 -5.24
N MSE B 273 -22.07 -17.33 -6.12
CA MSE B 273 -22.25 -17.23 -7.54
C MSE B 273 -21.82 -18.48 -8.24
O MSE B 273 -20.74 -19.01 -7.97
CB MSE B 273 -21.35 -16.13 -8.03
CG MSE B 273 -21.49 -14.87 -7.21
SE MSE B 273 -23.03 -13.77 -7.75
CE MSE B 273 -22.25 -12.89 -9.34
N ARG B 274 -22.63 -18.96 -9.17
CA ARG B 274 -22.19 -20.06 -9.99
C ARG B 274 -22.33 -19.65 -11.43
N PHE B 275 -21.23 -19.74 -12.17
CA PHE B 275 -21.19 -19.24 -13.53
C PHE B 275 -21.41 -20.33 -14.57
N ARG B 276 -21.82 -19.93 -15.78
CA ARG B 276 -21.98 -20.84 -16.90
C ARG B 276 -20.66 -21.39 -17.33
N GLU B 277 -20.58 -22.70 -17.48
CA GLU B 277 -19.32 -23.31 -17.88
C GLU B 277 -18.80 -22.66 -19.12
N LYS B 278 -17.47 -22.66 -19.25
CA LYS B 278 -16.76 -21.96 -20.31
C LYS B 278 -15.27 -22.36 -20.29
N ASP B 279 -14.65 -22.47 -21.47
CA ASP B 279 -13.29 -23.03 -21.57
C ASP B 279 -13.16 -24.30 -20.74
N GLY B 280 -14.26 -25.04 -20.63
CA GLY B 280 -14.28 -26.34 -19.97
C GLY B 280 -14.15 -26.21 -18.48
N THR B 281 -14.68 -25.12 -17.95
CA THR B 281 -14.51 -24.82 -16.53
C THR B 281 -15.71 -24.03 -16.08
N ARG B 282 -16.28 -24.48 -14.96
CA ARG B 282 -17.46 -23.87 -14.40
C ARG B 282 -16.98 -23.05 -13.22
N ALA B 283 -16.83 -21.75 -13.41
CA ALA B 283 -16.37 -20.86 -12.36
C ALA B 283 -17.44 -20.58 -11.30
N LYS B 284 -17.00 -20.09 -10.15
CA LYS B 284 -17.87 -19.76 -9.05
C LYS B 284 -17.40 -18.40 -8.56
N GLY B 285 -18.13 -17.76 -7.68
CA GLY B 285 -17.65 -16.51 -7.14
C GLY B 285 -18.34 -16.07 -5.86
N MSE B 286 -17.99 -14.88 -5.39
CA MSE B 286 -18.74 -14.28 -4.30
C MSE B 286 -19.00 -12.82 -4.58
O MSE B 286 -18.20 -12.14 -5.21
CB MSE B 286 -17.93 -14.40 -3.01
CG MSE B 286 -18.43 -15.44 -2.08
SE MSE B 286 -17.07 -16.03 -0.75
CE MSE B 286 -16.20 -14.33 -0.17
N LEU B 287 -20.12 -12.33 -4.07
CA LEU B 287 -20.40 -10.91 -4.07
C LEU B 287 -20.80 -10.43 -2.68
N TRP B 288 -20.10 -9.44 -2.19
CA TRP B 288 -20.54 -8.75 -1.00
C TRP B 288 -20.78 -7.32 -1.43
N CYS B 289 -21.85 -6.72 -0.92
CA CYS B 289 -21.97 -5.29 -0.94
C CYS B 289 -22.58 -4.91 0.35
N SER B 290 -22.48 -3.65 0.70
CA SER B 290 -22.91 -3.24 2.01
C SER B 290 -22.85 -1.74 2.11
N GLN B 291 -23.68 -1.17 2.96
CA GLN B 291 -23.72 0.25 3.12
C GLN B 291 -23.33 0.57 4.53
N VAL B 292 -23.09 -0.48 5.33
CA VAL B 292 -22.90 -0.32 6.78
C VAL B 292 -21.52 -0.77 7.28
N ALA B 293 -20.50 -0.57 6.44
CA ALA B 293 -19.14 -1.01 6.77
C ALA B 293 -18.12 0.10 6.96
N PRO B 294 -18.22 0.78 8.10
CA PRO B 294 -17.20 1.75 8.51
C PRO B 294 -15.82 1.31 8.01
N GLY B 295 -15.17 2.19 7.24
CA GLY B 295 -13.84 1.97 6.74
C GLY B 295 -13.92 2.16 5.25
N HIS B 296 -15.00 1.67 4.65
CA HIS B 296 -15.13 1.81 3.20
C HIS B 296 -15.94 3.01 2.77
N GLU B 297 -15.29 3.94 2.08
CA GLU B 297 -15.96 5.07 1.47
C GLU B 297 -16.71 4.62 0.21
N ASN B 298 -16.00 4.00 -0.71
CA ASN B 298 -16.58 3.59 -1.99
C ASN B 298 -15.81 2.44 -2.64
N GLY B 299 -15.65 1.35 -1.89
CA GLY B 299 -14.64 0.36 -2.22
C GLY B 299 -15.03 -0.77 -3.15
N LEU B 300 -15.56 -0.42 -4.30
CA LEU B 300 -15.74 -1.41 -5.35
C LEU B 300 -14.40 -2.04 -5.62
N MSE B 301 -14.43 -3.34 -5.92
CA MSE B 301 -13.24 -4.16 -6.16
C MSE B 301 -13.57 -5.46 -6.89
O MSE B 301 -14.64 -6.05 -6.69
CB MSE B 301 -12.50 -4.51 -4.87
CG MSE B 301 -11.16 -5.25 -5.13
SE MSE B 301 -10.24 -5.77 -3.45
CE MSE B 301 -10.59 -4.08 -2.44
N VAL B 302 -12.65 -5.90 -7.73
CA VAL B 302 -12.83 -7.19 -8.37
C VAL B 302 -11.49 -7.97 -8.42
N ARG B 303 -11.57 -9.29 -8.21
CA ARG B 303 -10.41 -10.12 -8.32
C ARG B 303 -10.78 -11.33 -9.15
N VAL B 304 -9.89 -11.72 -10.05
CA VAL B 304 -10.21 -12.78 -11.00
C VAL B 304 -9.06 -13.79 -11.12
N TYR B 305 -9.38 -15.07 -10.90
CA TYR B 305 -8.38 -16.12 -10.90
C TYR B 305 -8.64 -17.12 -11.97
N GLY B 306 -7.60 -17.50 -12.68
CA GLY B 306 -7.76 -18.42 -13.78
C GLY B 306 -6.73 -19.51 -13.73
N THR B 307 -6.73 -20.40 -14.69
CA THR B 307 -5.76 -21.48 -14.69
C THR B 307 -4.31 -20.98 -14.85
N LYS B 308 -4.12 -19.83 -15.47
CA LYS B 308 -2.77 -19.32 -15.70
C LYS B 308 -2.37 -18.15 -14.82
N GLY B 309 -3.32 -17.48 -14.19
CA GLY B 309 -2.94 -16.34 -13.35
C GLY B 309 -4.12 -15.57 -12.78
N GLY B 310 -3.84 -14.38 -12.25
CA GLY B 310 -4.83 -13.60 -11.55
C GLY B 310 -4.75 -12.09 -11.78
N LEU B 311 -5.87 -11.39 -11.57
CA LEU B 311 -5.93 -9.95 -11.80
C LEU B 311 -6.78 -9.31 -10.75
N GLU B 312 -6.36 -8.16 -10.26
CA GLU B 312 -7.09 -7.53 -9.18
C GLU B 312 -7.08 -6.08 -9.50
N TRP B 313 -8.22 -5.43 -9.23
CA TRP B 313 -8.41 -4.01 -9.50
C TRP B 313 -9.30 -3.41 -8.41
N THR B 314 -8.83 -2.35 -7.78
CA THR B 314 -9.61 -1.67 -6.77
C THR B 314 -9.98 -0.31 -7.27
N GLN B 315 -11.28 0.01 -7.27
CA GLN B 315 -11.70 1.28 -7.84
C GLN B 315 -11.21 2.55 -7.11
N LYS B 316 -10.90 2.49 -5.83
CA LYS B 316 -10.36 3.66 -5.18
C LYS B 316 -8.97 4.08 -5.72
N ASP B 317 -8.23 3.13 -6.28
CA ASP B 317 -6.96 3.44 -6.90
C ASP B 317 -7.00 2.83 -8.29
N PRO B 318 -7.88 3.40 -9.11
CA PRO B 318 -8.39 2.84 -10.36
C PRO B 318 -7.30 2.79 -11.39
N ASN B 319 -6.20 3.47 -11.12
CA ASN B 319 -5.12 3.57 -12.10
C ASN B 319 -4.18 2.40 -12.04
N TYR B 320 -4.45 1.39 -11.21
CA TYR B 320 -3.55 0.27 -11.18
C TYR B 320 -4.28 -1.06 -11.37
N LEU B 321 -3.59 -2.03 -11.97
CA LEU B 321 -4.09 -3.39 -12.16
C LEU B 321 -3.01 -4.36 -11.73
N TRP B 322 -3.30 -5.22 -10.75
CA TRP B 322 -2.31 -6.20 -10.23
C TRP B 322 -2.35 -7.51 -10.99
N TYR B 323 -1.33 -7.81 -11.75
CA TYR B 323 -1.35 -8.98 -12.58
C TYR B 323 -0.30 -9.94 -12.14
N THR B 324 -0.72 -11.13 -11.72
CA THR B 324 0.27 -12.15 -11.39
C THR B 324 0.00 -13.43 -12.19
N PRO B 325 0.98 -13.81 -13.01
CA PRO B 325 0.92 -15.07 -13.77
C PRO B 325 1.36 -16.22 -12.86
N PHE B 326 0.67 -17.35 -12.89
CA PHE B 326 1.05 -18.37 -11.91
C PHE B 326 2.53 -18.70 -12.04
N GLY B 327 3.20 -18.93 -10.91
CA GLY B 327 4.62 -19.20 -10.90
C GLY B 327 5.56 -18.00 -11.01
N GLU B 328 5.03 -16.79 -11.13
CA GLU B 328 5.89 -15.68 -11.55
C GLU B 328 5.70 -14.49 -10.62
N PRO B 329 6.68 -13.58 -10.61
CA PRO B 329 6.50 -12.44 -9.71
C PRO B 329 5.23 -11.73 -10.11
N LYS B 330 4.55 -11.09 -9.18
CA LYS B 330 3.34 -10.37 -9.53
C LYS B 330 3.70 -8.99 -10.03
N ARG B 331 3.02 -8.53 -11.06
CA ARG B 331 3.38 -7.26 -11.68
C ARG B 331 2.40 -6.15 -11.36
N LEU B 332 2.89 -4.91 -11.41
CA LEU B 332 2.06 -3.74 -11.20
C LEU B 332 1.76 -3.11 -12.53
N LEU B 333 0.54 -3.26 -13.02
CA LEU B 333 0.19 -2.72 -14.31
C LEU B 333 -0.39 -1.34 -14.12
N THR B 334 0.03 -0.39 -14.95
CA THR B 334 -0.38 1.01 -14.76
C THR B 334 -1.04 1.67 -15.97
N ARG B 335 -2.03 2.50 -15.73
CA ARG B 335 -2.64 3.25 -16.83
C ARG B 335 -1.61 4.12 -17.59
N ALA B 336 -1.50 3.88 -18.90
CA ALA B 336 -0.65 4.70 -19.78
C ALA B 336 0.79 4.48 -19.48
N GLY B 337 1.10 3.38 -18.82
CA GLY B 337 2.47 3.06 -18.47
C GLY B 337 2.95 1.83 -19.21
N ALA B 338 4.17 1.43 -18.98
CA ALA B 338 4.59 0.15 -19.53
C ALA B 338 3.53 -0.94 -19.27
N GLY B 339 3.27 -1.76 -20.27
CA GLY B 339 2.34 -2.84 -20.05
C GLY B 339 0.86 -2.52 -20.18
N ALA B 340 0.58 -1.28 -20.57
CA ALA B 340 -0.77 -0.87 -20.86
C ALA B 340 -1.12 -1.42 -22.23
N SER B 341 -2.33 -1.97 -22.32
CA SER B 341 -2.87 -2.55 -23.53
C SER B 341 -3.77 -1.59 -24.32
N PRO B 342 -3.89 -1.86 -25.62
CA PRO B 342 -4.79 -1.16 -26.53
C PRO B 342 -6.12 -0.73 -25.87
N ALA B 343 -6.79 -1.64 -25.18
CA ALA B 343 -8.12 -1.32 -24.67
C ALA B 343 -8.06 -0.17 -23.68
N ALA B 344 -7.00 -0.09 -22.89
CA ALA B 344 -6.89 0.98 -21.91
C ALA B 344 -6.47 2.24 -22.62
N ALA B 345 -5.63 2.06 -23.64
CA ALA B 345 -4.96 3.18 -24.28
C ALA B 345 -5.99 4.10 -24.89
N ARG B 346 -6.96 3.49 -25.58
CA ARG B 346 -7.97 4.24 -26.28
C ARG B 346 -8.77 5.14 -25.36
N VAL B 347 -8.91 4.80 -24.08
CA VAL B 347 -9.68 5.61 -23.13
C VAL B 347 -8.79 6.32 -22.13
N SER B 348 -7.54 6.55 -22.48
CA SER B 348 -6.61 7.28 -21.60
C SER B 348 -6.24 8.65 -22.20
N ARG B 349 -6.18 9.70 -21.38
CA ARG B 349 -5.88 11.03 -21.93
C ARG B 349 -4.49 11.61 -21.56
N ILE B 350 -4.02 11.38 -20.35
CA ILE B 350 -2.77 12.00 -19.94
C ILE B 350 -1.70 10.92 -19.71
N PRO B 351 -0.42 11.31 -19.67
CA PRO B 351 0.63 10.29 -19.62
C PRO B 351 0.61 9.52 -18.30
N SER B 352 1.36 8.42 -18.25
CA SER B 352 1.52 7.63 -17.03
C SER B 352 1.96 8.50 -15.89
N GLY B 353 1.56 8.16 -14.66
CA GLY B 353 1.91 8.91 -13.47
C GLY B 353 0.97 10.07 -13.10
N HIS B 354 0.30 10.63 -14.11
CA HIS B 354 -0.69 11.69 -13.93
C HIS B 354 -2.08 11.09 -13.77
N PRO B 355 -2.57 11.01 -12.53
CA PRO B 355 -3.74 10.17 -12.17
C PRO B 355 -5.04 10.52 -12.89
N GLU B 356 -5.63 9.62 -13.66
CA GLU B 356 -7.03 9.80 -14.09
C GLU B 356 -7.96 9.22 -13.04
N GLY B 357 -9.27 9.30 -13.22
CA GLY B 357 -10.14 8.93 -12.13
C GLY B 357 -11.60 8.74 -12.46
N TYR B 358 -12.45 9.04 -11.48
CA TYR B 358 -13.88 8.83 -11.53
C TYR B 358 -14.60 9.64 -12.61
N LEU B 359 -14.38 10.96 -12.66
CA LEU B 359 -14.98 11.77 -13.74
C LEU B 359 -14.56 11.28 -15.14
N GLU B 360 -13.28 10.96 -15.28
CA GLU B 360 -12.78 10.38 -16.51
C GLU B 360 -13.34 8.99 -16.89
N GLY B 361 -13.71 8.15 -15.93
CA GLY B 361 -14.31 6.87 -16.28
C GLY B 361 -15.73 7.14 -16.78
N PHE B 362 -16.37 8.13 -16.18
CA PHE B 362 -17.69 8.54 -16.63
C PHE B 362 -17.59 9.14 -18.02
N ALA B 363 -16.67 10.09 -18.19
CA ALA B 363 -16.51 10.72 -19.47
C ALA B 363 -16.26 9.65 -20.55
N ASN B 364 -15.56 8.58 -20.22
CA ASN B 364 -15.29 7.57 -21.23
C ASN B 364 -16.59 6.97 -21.80
N ILE B 365 -17.59 6.80 -20.93
CA ILE B 365 -18.89 6.28 -21.35
C ILE B 365 -19.62 7.31 -22.23
N TYR B 366 -19.55 8.59 -21.90
CA TYR B 366 -20.15 9.62 -22.74
C TYR B 366 -19.49 9.69 -24.12
N SER B 367 -18.20 9.42 -24.16
CA SER B 367 -17.44 9.54 -25.38
C SER B 367 -17.55 8.29 -26.22
N GLU B 368 -17.58 7.13 -25.59
CA GLU B 368 -17.84 5.91 -26.33
C GLU B 368 -19.20 6.01 -27.03
N ALA B 369 -20.14 6.66 -26.35
CA ALA B 369 -21.47 6.90 -26.84
C ALA B 369 -21.46 7.99 -27.94
N ALA B 370 -20.69 9.04 -27.73
CA ALA B 370 -20.43 10.03 -28.76
C ALA B 370 -20.07 9.34 -30.08
N ARG B 371 -19.07 8.44 -30.02
CA ARG B 371 -18.57 7.72 -31.19
C ARG B 371 -19.68 6.97 -31.89
N ALA B 372 -20.45 6.23 -31.13
CA ALA B 372 -21.58 5.52 -31.67
C ALA B 372 -22.64 6.50 -32.20
N ILE B 373 -22.69 7.70 -31.64
CA ILE B 373 -23.71 8.64 -32.11
C ILE B 373 -23.31 9.23 -33.45
N TYR B 374 -22.03 9.51 -33.64
CA TYR B 374 -21.51 10.00 -34.91
C TYR B 374 -21.73 8.96 -36.01
N ALA B 375 -21.73 7.68 -35.63
CA ALA B 375 -21.89 6.63 -36.62
C ALA B 375 -23.35 6.53 -37.10
N LYS B 376 -24.20 7.40 -36.61
CA LYS B 376 -25.60 7.33 -36.95
C LYS B 376 -26.01 8.57 -37.74
N ARG B 377 -25.01 9.22 -38.34
CA ARG B 377 -25.23 10.37 -39.23
C ARG B 377 -24.57 10.15 -40.59
N ALA B 382 -20.14 2.01 -36.93
CA ALA B 382 -19.22 2.52 -35.89
C ALA B 382 -18.06 1.58 -35.65
N ASP B 383 -16.93 2.15 -35.22
CA ASP B 383 -15.77 1.35 -34.85
C ASP B 383 -16.23 0.12 -34.08
N PRO B 384 -15.64 -1.06 -34.37
CA PRO B 384 -15.82 -2.26 -33.54
C PRO B 384 -15.14 -2.11 -32.20
N SER B 385 -14.40 -1.02 -31.98
CA SER B 385 -13.69 -0.82 -30.73
C SER B 385 -14.58 -0.19 -29.69
N VAL B 386 -15.64 0.44 -30.16
CA VAL B 386 -16.58 1.10 -29.27
C VAL B 386 -17.39 0.08 -28.45
N ILE B 387 -17.39 0.29 -27.14
CA ILE B 387 -18.06 -0.56 -26.18
C ILE B 387 -18.75 0.36 -25.19
N TYR B 388 -19.98 0.01 -24.80
CA TYR B 388 -20.66 0.73 -23.75
C TYR B 388 -21.75 -0.16 -23.20
N PRO B 389 -22.20 0.15 -22.00
CA PRO B 389 -23.19 -0.74 -21.40
C PRO B 389 -24.55 -0.58 -22.07
N THR B 390 -25.11 -1.71 -22.50
CA THR B 390 -26.38 -1.74 -23.22
C THR B 390 -27.62 -1.86 -22.34
N ILE B 391 -28.79 -1.94 -22.97
CA ILE B 391 -30.06 -2.29 -22.30
C ILE B 391 -29.98 -3.74 -21.71
N ASP B 392 -29.28 -4.62 -22.42
CA ASP B 392 -29.14 -5.98 -22.01
C ASP B 392 -28.30 -6.07 -20.77
N ASP B 393 -27.28 -5.21 -20.68
CA ASP B 393 -26.47 -5.16 -19.46
C ASP B 393 -27.41 -4.73 -18.34
N GLY B 394 -28.18 -3.66 -18.60
CA GLY B 394 -29.25 -3.23 -17.72
C GLY B 394 -30.22 -4.33 -17.31
N MSE B 395 -30.63 -5.17 -18.26
CA MSE B 395 -31.57 -6.25 -17.97
C MSE B 395 -30.98 -7.27 -17.02
O MSE B 395 -31.59 -7.59 -15.99
CB MSE B 395 -32.01 -6.96 -19.25
CG MSE B 395 -33.35 -6.47 -19.86
SE MSE B 395 -34.92 -6.68 -18.69
CE MSE B 395 -34.70 -8.55 -18.09
N ARG B 396 -29.82 -7.81 -17.38
CA ARG B 396 -29.06 -8.66 -16.51
C ARG B 396 -29.04 -8.10 -15.11
N GLY B 397 -28.57 -6.88 -14.99
CA GLY B 397 -28.56 -6.20 -13.71
C GLY B 397 -29.85 -6.41 -12.94
N MSE B 398 -30.99 -6.31 -13.63
CA MSE B 398 -32.36 -6.41 -13.05
C MSE B 398 -32.82 -7.84 -12.72
O MSE B 398 -33.48 -8.07 -11.70
CB MSE B 398 -33.43 -5.76 -13.92
CG MSE B 398 -33.25 -4.26 -14.18
SE MSE B 398 -33.34 -3.06 -12.64
CE MSE B 398 -35.24 -3.19 -12.21
N THR B 399 -32.50 -8.80 -13.58
CA THR B 399 -32.68 -10.18 -13.23
C THR B 399 -31.81 -10.45 -11.99
N PHE B 400 -30.62 -9.89 -11.94
CA PHE B 400 -29.76 -10.16 -10.80
C PHE B 400 -30.39 -9.71 -9.49
N VAL B 401 -30.85 -8.45 -9.42
CA VAL B 401 -31.44 -7.97 -8.17
C VAL B 401 -32.65 -8.80 -7.77
N ASP B 402 -33.50 -9.08 -8.75
CA ASP B 402 -34.66 -9.86 -8.51
C ASP B 402 -34.27 -11.16 -7.84
N ALA B 403 -33.31 -11.88 -8.41
CA ALA B 403 -32.95 -13.22 -7.93
C ALA B 403 -32.33 -13.18 -6.54
N CYS B 404 -31.59 -12.12 -6.25
CA CYS B 404 -31.08 -11.96 -4.91
C CYS B 404 -32.23 -11.90 -3.91
N VAL B 405 -33.19 -11.00 -4.16
CA VAL B 405 -34.36 -10.82 -3.30
C VAL B 405 -35.23 -12.08 -3.26
N ARG B 406 -35.41 -12.72 -4.40
CA ARG B 406 -36.15 -13.96 -4.40
C ARG B 406 -35.41 -14.98 -3.56
N SER B 407 -34.12 -15.18 -3.81
CA SER B 407 -33.37 -16.21 -3.09
C SER B 407 -33.34 -15.98 -1.60
N SER B 408 -33.26 -14.73 -1.20
CA SER B 408 -33.02 -14.46 0.21
C SER B 408 -34.28 -14.71 1.03
N GLU B 409 -35.43 -14.38 0.45
CA GLU B 409 -36.71 -14.66 1.11
C GLU B 409 -36.88 -16.16 1.33
N ARG B 410 -36.24 -16.94 0.46
CA ARG B 410 -36.30 -18.38 0.49
C ARG B 410 -35.10 -19.02 1.22
N ASN B 411 -34.44 -18.18 2.00
CA ASN B 411 -33.39 -18.63 2.89
C ASN B 411 -32.17 -19.08 2.11
N GLY B 412 -31.88 -18.35 1.03
CA GLY B 412 -30.73 -18.61 0.20
C GLY B 412 -30.91 -19.70 -0.85
N ALA B 413 -32.13 -20.03 -1.20
CA ALA B 413 -32.34 -20.97 -2.30
C ALA B 413 -31.54 -20.49 -3.53
N TRP B 414 -30.87 -21.40 -4.23
CA TRP B 414 -30.25 -21.08 -5.51
C TRP B 414 -31.33 -20.70 -6.50
N ILE B 415 -31.11 -19.59 -7.18
CA ILE B 415 -32.07 -19.11 -8.15
C ILE B 415 -31.33 -18.91 -9.46
N LYS B 416 -31.99 -19.23 -10.57
CA LYS B 416 -31.54 -18.81 -11.89
C LYS B 416 -31.99 -17.39 -12.31
N GLN C 35 -24.03 33.70 -14.56
CA GLN C 35 -22.84 34.50 -14.87
C GLN C 35 -22.23 34.14 -16.25
N LYS C 36 -22.13 35.12 -17.16
CA LYS C 36 -21.65 34.84 -18.53
C LYS C 36 -20.26 34.16 -18.58
N ARG C 37 -20.22 32.93 -19.11
CA ARG C 37 -18.97 32.20 -19.31
C ARG C 37 -17.88 33.13 -19.81
N ILE C 38 -16.66 32.90 -19.35
CA ILE C 38 -15.53 33.72 -19.69
C ILE C 38 -15.06 33.35 -21.08
N ARG C 39 -15.00 34.31 -21.99
CA ARG C 39 -14.46 34.01 -23.32
C ARG C 39 -12.94 33.87 -23.23
N LEU C 40 -12.44 32.75 -23.74
CA LEU C 40 -11.02 32.46 -23.60
C LEU C 40 -10.41 32.16 -24.94
N GLY C 41 -9.19 32.60 -25.14
CA GLY C 41 -8.47 32.26 -26.35
C GLY C 41 -7.16 31.60 -25.98
N MSE C 42 -6.49 31.03 -26.97
CA MSE C 42 -5.30 30.25 -26.67
C MSE C 42 -4.17 30.45 -27.69
O MSE C 42 -4.41 30.44 -28.89
CB MSE C 42 -5.69 28.77 -26.59
CG MSE C 42 -4.52 27.82 -26.43
SE MSE C 42 -4.97 26.08 -25.62
CE MSE C 42 -3.70 24.98 -26.58
N VAL C 43 -2.96 30.64 -27.20
CA VAL C 43 -1.77 30.64 -28.04
C VAL C 43 -0.99 29.34 -27.78
N GLY C 44 -0.67 28.61 -28.85
CA GLY C 44 0.06 27.36 -28.72
C GLY C 44 -0.84 26.14 -28.65
N GLY C 45 -0.26 24.97 -28.37
CA GLY C 45 -1.00 23.71 -28.26
C GLY C 45 -2.08 23.46 -29.31
N ALA C 49 -0.40 17.79 -29.23
CA ALA C 49 0.30 18.25 -28.04
C ALA C 49 -0.48 17.91 -26.75
N PHE C 50 0.05 17.02 -25.89
CA PHE C 50 -0.67 16.71 -24.63
C PHE C 50 -1.15 18.02 -23.98
N ILE C 51 -0.25 18.99 -23.97
CA ILE C 51 -0.34 20.11 -23.06
C ILE C 51 -1.47 21.08 -23.42
N GLY C 52 -1.78 21.20 -24.71
CA GLY C 52 -2.91 21.98 -25.12
C GLY C 52 -4.20 21.29 -24.74
N ALA C 53 -4.19 19.96 -24.84
CA ALA C 53 -5.39 19.19 -24.55
C ALA C 53 -5.77 19.28 -23.08
N VAL C 54 -4.77 19.31 -22.21
CA VAL C 54 -5.00 19.35 -20.77
C VAL C 54 -5.64 20.64 -20.38
N HIS C 55 -5.15 21.73 -20.96
CA HIS C 55 -5.67 23.07 -20.69
C HIS C 55 -7.13 23.20 -21.16
N ARG C 56 -7.40 22.77 -22.39
CA ARG C 56 -8.80 22.78 -22.84
C ARG C 56 -9.71 21.93 -21.94
N ILE C 57 -9.21 20.80 -21.41
CA ILE C 57 -10.03 20.07 -20.48
C ILE C 57 -10.20 20.88 -19.23
N ALA C 58 -9.09 21.38 -18.70
CA ALA C 58 -9.16 22.15 -17.47
C ALA C 58 -10.11 23.38 -17.65
N ALA C 59 -10.20 23.87 -18.87
CA ALA C 59 -11.22 24.87 -19.22
C ALA C 59 -12.65 24.32 -19.19
N ARG C 60 -12.88 23.17 -19.81
CA ARG C 60 -14.24 22.72 -20.00
C ARG C 60 -14.86 22.28 -18.70
N LEU C 61 -14.02 21.72 -17.83
CA LEU C 61 -14.52 20.92 -16.69
C LEU C 61 -15.62 21.60 -15.87
N ASP C 62 -15.31 22.76 -15.31
CA ASP C 62 -16.27 23.50 -14.48
C ASP C 62 -17.25 24.43 -15.24
N ASP C 63 -17.23 24.37 -16.58
CA ASP C 63 -18.10 25.20 -17.45
C ASP C 63 -17.98 26.73 -17.26
N HIS C 64 -16.88 27.15 -16.65
CA HIS C 64 -16.60 28.55 -16.45
C HIS C 64 -16.21 29.23 -17.72
N TYR C 65 -15.47 28.55 -18.59
CA TYR C 65 -14.94 29.18 -19.80
C TYR C 65 -15.52 28.59 -21.07
N GLU C 66 -15.60 29.43 -22.11
CA GLU C 66 -15.82 28.93 -23.47
C GLU C 66 -14.77 29.43 -24.44
N LEU C 67 -14.21 28.48 -25.18
CA LEU C 67 -13.14 28.73 -26.12
C LEU C 67 -13.68 29.29 -27.42
N VAL C 68 -13.38 30.56 -27.67
CA VAL C 68 -13.79 31.22 -28.91
C VAL C 68 -12.63 31.44 -29.90
N ALA C 69 -11.51 31.96 -29.42
CA ALA C 69 -10.37 32.31 -30.28
C ALA C 69 -9.11 31.51 -29.99
N GLY C 70 -8.16 31.54 -30.92
CA GLY C 70 -6.92 30.81 -30.76
C GLY C 70 -5.88 30.93 -31.86
N ALA C 71 -4.62 31.14 -31.48
CA ALA C 71 -3.53 31.10 -32.42
C ALA C 71 -2.60 29.92 -32.06
N LEU C 72 -2.97 28.74 -32.53
CA LEU C 72 -2.43 27.51 -31.97
C LEU C 72 -1.06 27.17 -32.54
N SER C 73 -0.63 27.91 -33.54
CA SER C 73 0.64 27.65 -34.17
C SER C 73 1.25 28.90 -34.79
N SER C 74 2.48 28.77 -35.27
CA SER C 74 3.14 29.84 -36.02
C SER C 74 2.79 29.68 -37.50
N THR C 75 3.19 28.55 -38.07
CA THR C 75 2.89 28.27 -39.48
C THR C 75 1.39 28.30 -39.76
N PRO C 76 0.95 29.20 -40.65
CA PRO C 76 -0.48 29.46 -40.83
C PRO C 76 -1.23 28.24 -41.35
N GLU C 77 -0.52 27.24 -41.84
CA GLU C 77 -1.19 26.06 -42.34
C GLU C 77 -1.65 25.19 -41.17
N LYS C 78 -0.77 24.96 -40.21
CA LYS C 78 -1.11 24.20 -39.02
C LYS C 78 -2.18 24.96 -38.23
N ALA C 79 -2.04 26.29 -38.19
CA ALA C 79 -2.94 27.13 -37.41
C ALA C 79 -4.36 27.24 -37.95
N GLU C 80 -4.56 27.03 -39.25
CA GLU C 80 -5.93 26.96 -39.76
C GLU C 80 -6.48 25.60 -39.40
N ALA C 81 -5.71 24.57 -39.75
CA ALA C 81 -6.09 23.20 -39.46
C ALA C 81 -6.55 22.95 -38.03
N SER C 82 -5.73 23.33 -37.06
CA SER C 82 -6.08 23.11 -35.66
C SER C 82 -7.38 23.83 -35.32
N GLY C 83 -7.48 25.09 -35.74
CA GLY C 83 -8.70 25.83 -35.52
C GLY C 83 -9.86 25.00 -36.05
N ARG C 84 -9.67 24.49 -37.26
CA ARG C 84 -10.70 23.72 -37.93
C ARG C 84 -11.16 22.55 -37.05
N GLU C 85 -10.18 21.81 -36.51
CA GLU C 85 -10.43 20.68 -35.60
C GLU C 85 -11.16 21.07 -34.33
N LEU C 86 -10.72 22.14 -33.68
CA LEU C 86 -11.33 22.61 -32.46
C LEU C 86 -12.68 23.25 -32.73
N GLY C 87 -13.05 23.28 -34.00
CA GLY C 87 -14.32 23.87 -34.39
C GLY C 87 -14.44 25.33 -33.97
N LEU C 88 -13.30 26.02 -33.89
CA LEU C 88 -13.33 27.45 -33.64
C LEU C 88 -13.87 28.18 -34.88
N ASP C 89 -14.18 29.46 -34.73
CA ASP C 89 -14.58 30.27 -35.88
C ASP C 89 -13.34 30.68 -36.68
N PRO C 90 -13.30 30.41 -38.02
CA PRO C 90 -12.03 30.63 -38.73
C PRO C 90 -11.72 32.12 -38.77
N SER C 91 -12.79 32.89 -38.62
CA SER C 91 -12.71 34.32 -38.38
C SER C 91 -11.93 34.60 -37.10
N ARG C 92 -11.83 33.56 -36.27
CA ARG C 92 -11.23 33.73 -34.96
C ARG C 92 -9.90 32.98 -34.80
N VAL C 93 -9.48 32.30 -35.87
CA VAL C 93 -8.22 31.58 -35.89
C VAL C 93 -7.09 32.44 -36.43
N TYR C 94 -6.12 32.77 -35.59
CA TYR C 94 -4.98 33.57 -36.00
C TYR C 94 -3.75 32.68 -36.21
N SER C 95 -2.64 33.27 -36.63
CA SER C 95 -1.39 32.52 -36.71
C SER C 95 -0.24 33.30 -36.08
N ASP C 96 -0.57 34.48 -35.58
CA ASP C 96 0.38 35.28 -34.81
C ASP C 96 -0.32 35.81 -33.55
N PHE C 97 0.29 35.63 -32.39
CA PHE C 97 -0.34 36.09 -31.16
C PHE C 97 -0.44 37.62 -31.04
N LYS C 98 0.42 38.33 -31.76
CA LYS C 98 0.46 39.77 -31.72
C LYS C 98 -0.77 40.33 -32.45
N GLU C 99 -1.12 39.74 -33.58
CA GLU C 99 -2.28 40.22 -34.31
C GLU C 99 -3.51 39.91 -33.48
N MSE C 100 -3.42 38.79 -32.75
CA MSE C 100 -4.52 38.27 -31.97
C MSE C 100 -4.95 39.18 -30.82
O MSE C 100 -6.14 39.53 -30.70
CB MSE C 100 -4.19 36.86 -31.47
CG MSE C 100 -5.31 36.18 -30.67
SE MSE C 100 -4.98 34.31 -30.10
CE MSE C 100 -6.43 34.19 -28.81
N ALA C 101 -3.99 39.61 -29.99
CA ALA C 101 -4.30 40.52 -28.88
C ALA C 101 -5.03 41.76 -29.37
N ILE C 102 -4.36 42.49 -30.27
CA ILE C 102 -4.87 43.72 -30.84
C ILE C 102 -6.26 43.54 -31.42
N ARG C 103 -6.42 42.58 -32.32
CA ARG C 103 -7.72 42.39 -32.93
C ARG C 103 -8.75 42.08 -31.85
N GLU C 104 -8.49 41.04 -31.06
CA GLU C 104 -9.43 40.59 -30.02
C GLU C 104 -9.73 41.70 -29.01
N ALA C 105 -8.70 42.47 -28.71
CA ALA C 105 -8.78 43.55 -27.74
C ALA C 105 -9.77 44.62 -28.17
N LYS C 106 -9.87 44.83 -29.49
CA LYS C 106 -10.78 45.80 -30.08
C LYS C 106 -12.19 45.29 -30.01
N LEU C 107 -12.41 44.12 -30.64
CA LEU C 107 -13.73 43.45 -30.70
C LEU C 107 -14.55 43.46 -29.39
N LYS C 108 -15.88 43.50 -29.55
CA LYS C 108 -16.80 43.45 -28.41
C LYS C 108 -17.22 42.00 -28.15
N ASN C 109 -17.01 41.15 -29.14
CA ASN C 109 -17.02 39.70 -28.95
C ASN C 109 -15.61 39.22 -28.56
N GLY C 110 -14.77 40.15 -28.12
CA GLY C 110 -13.36 39.89 -27.89
C GLY C 110 -13.06 39.08 -26.63
N ILE C 111 -11.97 38.31 -26.65
CA ILE C 111 -11.69 37.37 -25.56
C ILE C 111 -11.37 38.07 -24.25
N GLU C 112 -12.01 37.61 -23.18
CA GLU C 112 -11.86 38.18 -21.85
C GLU C 112 -10.57 37.69 -21.19
N ALA C 113 -9.98 36.61 -21.74
CA ALA C 113 -8.75 35.98 -21.21
C ALA C 113 -8.04 35.05 -22.22
N VAL C 114 -6.74 34.86 -22.04
CA VAL C 114 -5.96 34.02 -22.95
C VAL C 114 -5.11 32.99 -22.20
N ALA C 115 -5.15 31.74 -22.67
CA ALA C 115 -4.31 30.69 -22.11
C ALA C 115 -2.99 30.60 -22.87
N ILE C 116 -1.90 30.93 -22.21
CA ILE C 116 -0.57 30.82 -22.83
C ILE C 116 0.06 29.46 -22.55
N VAL C 117 0.15 28.63 -23.59
CA VAL C 117 0.74 27.29 -23.47
C VAL C 117 1.84 27.06 -24.50
N THR C 118 2.73 28.03 -24.64
CA THR C 118 3.77 27.94 -25.65
C THR C 118 4.95 27.28 -25.02
N PRO C 119 6.11 27.29 -25.70
CA PRO C 119 7.34 26.89 -25.01
C PRO C 119 7.72 27.92 -23.95
N ASN C 120 8.78 27.68 -23.19
CA ASN C 120 9.19 28.63 -22.13
C ASN C 120 9.72 29.97 -22.62
N HIS C 121 10.46 29.94 -23.73
CA HIS C 121 11.14 31.12 -24.27
C HIS C 121 10.19 32.03 -25.02
N VAL C 122 8.91 31.67 -25.03
CA VAL C 122 7.91 32.37 -25.81
C VAL C 122 6.83 32.85 -24.86
N HIS C 123 7.04 32.71 -23.55
CA HIS C 123 6.02 33.12 -22.61
C HIS C 123 5.93 34.63 -22.50
N TYR C 124 7.02 35.25 -22.06
CA TYR C 124 7.02 36.70 -21.89
C TYR C 124 6.52 37.43 -23.14
N ALA C 125 7.05 37.04 -24.29
CA ALA C 125 6.67 37.65 -25.55
C ALA C 125 5.17 37.61 -25.74
N ALA C 126 4.57 36.43 -25.66
CA ALA C 126 3.13 36.26 -25.85
C ALA C 126 2.28 36.94 -24.78
N ALA C 127 2.68 36.81 -23.53
CA ALA C 127 1.88 37.27 -22.41
C ALA C 127 1.76 38.80 -22.31
N LYS C 128 2.89 39.49 -22.46
CA LYS C 128 2.89 40.96 -22.36
C LYS C 128 1.85 41.55 -23.34
N GLU C 129 1.79 41.00 -24.53
CA GLU C 129 0.89 41.49 -25.56
C GLU C 129 -0.57 41.49 -25.10
N PHE C 130 -0.91 40.56 -24.21
CA PHE C 130 -2.30 40.46 -23.72
C PHE C 130 -2.53 41.27 -22.43
N LEU C 131 -1.48 41.40 -21.62
CA LEU C 131 -1.55 42.24 -20.43
C LEU C 131 -1.52 43.73 -20.75
N LYS C 132 -0.74 44.14 -21.76
CA LYS C 132 -0.83 45.51 -22.28
C LYS C 132 -2.29 45.96 -22.44
N ARG C 133 -3.06 45.12 -23.14
CA ARG C 133 -4.37 45.45 -23.64
C ARG C 133 -5.51 44.93 -22.75
N GLY C 134 -5.22 44.75 -21.46
CA GLY C 134 -6.23 44.35 -20.46
C GLY C 134 -6.91 42.97 -20.54
N ILE C 135 -6.41 42.06 -21.36
CA ILE C 135 -6.97 40.72 -21.31
C ILE C 135 -6.18 39.75 -20.38
N HIS C 136 -6.89 39.06 -19.49
CA HIS C 136 -6.26 38.19 -18.50
C HIS C 136 -5.43 37.03 -19.07
N VAL C 137 -4.33 36.72 -18.38
CA VAL C 137 -3.45 35.66 -18.86
C VAL C 137 -3.23 34.50 -17.88
N ILE C 138 -3.56 33.30 -18.36
CA ILE C 138 -3.22 32.06 -17.70
C ILE C 138 -2.03 31.44 -18.45
N CYS C 139 -0.90 31.42 -17.75
CA CYS C 139 0.35 30.95 -18.31
C CYS C 139 0.76 29.65 -17.66
N ASP C 140 1.26 28.74 -18.48
CA ASP C 140 1.82 27.51 -17.96
C ASP C 140 3.14 27.80 -17.25
N LYS C 141 3.68 26.81 -16.56
CA LYS C 141 4.97 26.94 -15.89
C LYS C 141 6.02 26.37 -16.82
N PRO C 142 7.31 26.69 -16.56
CA PRO C 142 7.73 27.77 -15.65
C PRO C 142 7.49 29.13 -16.29
N LEU C 143 7.83 30.20 -15.55
CA LEU C 143 7.53 31.55 -15.99
C LEU C 143 8.11 31.87 -17.36
N THR C 144 9.42 31.81 -17.48
CA THR C 144 10.07 32.12 -18.76
C THR C 144 11.14 31.09 -19.07
N SER C 145 11.93 31.31 -20.12
CA SER C 145 13.07 30.44 -20.31
C SER C 145 14.30 31.10 -19.71
N THR C 146 14.25 32.41 -19.49
CA THR C 146 15.41 33.13 -18.92
C THR C 146 15.04 34.09 -17.81
N LEU C 147 15.85 34.06 -16.77
CA LEU C 147 15.62 34.85 -15.58
C LEU C 147 15.43 36.33 -15.93
N ALA C 148 16.13 36.78 -16.97
CA ALA C 148 16.03 38.17 -17.36
C ALA C 148 14.63 38.46 -17.88
N ASP C 149 14.15 37.58 -18.76
CA ASP C 149 12.77 37.70 -19.24
C ASP C 149 11.78 37.57 -18.10
N ALA C 150 12.08 36.74 -17.10
CA ALA C 150 11.20 36.59 -15.96
C ALA C 150 11.06 37.89 -15.17
N LYS C 151 12.14 38.68 -15.12
CA LYS C 151 12.15 40.00 -14.49
C LYS C 151 11.30 40.98 -15.30
N LYS C 152 11.50 40.95 -16.62
CA LYS C 152 10.73 41.82 -17.51
C LYS C 152 9.25 41.54 -17.37
N LEU C 153 8.90 40.26 -17.22
CA LEU C 153 7.50 39.85 -17.19
C LEU C 153 6.84 40.25 -15.89
N LYS C 154 7.55 40.04 -14.78
CA LYS C 154 7.00 40.48 -13.50
C LYS C 154 6.60 41.96 -13.61
N LYS C 155 7.35 42.71 -14.41
CA LYS C 155 7.10 44.13 -14.57
C LYS C 155 5.82 44.37 -15.39
N ALA C 156 5.75 43.70 -16.54
CA ALA C 156 4.61 43.80 -17.43
C ALA C 156 3.34 43.43 -16.68
N ALA C 157 3.45 42.47 -15.77
CA ALA C 157 2.32 41.99 -15.01
C ALA C 157 1.87 42.96 -13.91
N ASP C 158 2.80 43.78 -13.42
CA ASP C 158 2.54 44.70 -12.31
C ASP C 158 1.78 45.91 -12.82
N GLU C 159 2.40 46.57 -13.79
CA GLU C 159 1.82 47.65 -14.55
C GLU C 159 0.35 47.33 -14.90
N SER C 160 0.18 46.18 -15.57
CA SER C 160 -1.12 45.71 -16.07
C SER C 160 -2.22 45.68 -15.01
N ASP C 161 -3.46 45.75 -15.46
CA ASP C 161 -4.59 45.66 -14.56
C ASP C 161 -5.34 44.35 -14.69
N ALA C 162 -4.95 43.55 -15.67
CA ALA C 162 -5.47 42.20 -15.78
C ALA C 162 -4.68 41.26 -14.85
N LEU C 163 -5.35 40.17 -14.43
CA LEU C 163 -4.77 39.15 -13.55
C LEU C 163 -3.65 38.37 -14.26
N PHE C 164 -2.77 37.73 -13.47
CA PHE C 164 -1.81 36.76 -14.03
C PHE C 164 -1.75 35.44 -13.24
N VAL C 165 -2.30 34.40 -13.85
CA VAL C 165 -2.39 33.10 -13.19
C VAL C 165 -1.26 32.19 -13.70
N LEU C 166 -0.53 31.58 -12.77
CA LEU C 166 0.45 30.59 -13.18
C LEU C 166 -0.08 29.20 -12.86
N THR C 167 -0.16 28.32 -13.86
CA THR C 167 -0.72 26.99 -13.63
C THR C 167 0.28 26.02 -13.02
N HIS C 168 0.62 26.26 -11.76
CA HIS C 168 1.29 25.26 -10.97
C HIS C 168 0.21 24.28 -10.52
N ASN C 169 -0.42 23.60 -11.48
CA ASN C 169 -1.51 22.67 -11.24
C ASN C 169 -1.43 21.87 -9.92
N TYR C 170 -0.29 21.24 -9.70
CA TYR C 170 -0.14 20.44 -8.51
C TYR C 170 -0.57 21.15 -7.21
N THR C 171 -0.54 22.49 -7.17
CA THR C 171 -1.04 23.18 -5.98
C THR C 171 -2.55 23.21 -5.92
N GLY C 172 -3.20 22.66 -6.94
CA GLY C 172 -4.65 22.58 -6.96
C GLY C 172 -5.31 21.34 -6.34
N TYR C 173 -4.54 20.33 -5.98
CA TYR C 173 -5.14 19.17 -5.34
C TYR C 173 -5.83 19.49 -3.99
N PRO C 174 -7.07 19.04 -3.80
CA PRO C 174 -7.69 19.37 -2.51
C PRO C 174 -6.83 18.97 -1.32
N MSE C 175 -6.17 17.82 -1.41
CA MSE C 175 -5.46 17.29 -0.27
C MSE C 175 -4.15 18.05 -0.06
O MSE C 175 -3.72 18.25 1.06
CB MSE C 175 -5.23 15.79 -0.42
CG MSE C 175 -6.50 14.96 -0.28
SE MSE C 175 -7.30 15.32 1.46
CE MSE C 175 -8.41 16.77 0.82
N VAL C 176 -3.56 18.51 -1.16
CA VAL C 176 -2.48 19.49 -1.09
C VAL C 176 -2.92 20.79 -0.42
N ARG C 177 -4.18 21.18 -0.56
CA ARG C 177 -4.64 22.42 0.09
C ARG C 177 -5.01 22.19 1.55
N GLN C 178 -5.43 20.99 1.88
CA GLN C 178 -5.66 20.61 3.28
C GLN C 178 -4.34 20.70 4.06
N ALA C 179 -3.28 20.22 3.42
CA ALA C 179 -1.93 20.31 3.97
C ALA C 179 -1.61 21.75 4.35
N ARG C 180 -1.68 22.66 3.37
CA ARG C 180 -1.42 24.07 3.63
C ARG C 180 -2.33 24.64 4.71
N GLU C 181 -3.59 24.23 4.70
CA GLU C 181 -4.53 24.71 5.69
C GLU C 181 -4.09 24.27 7.09
N MSE C 182 -3.71 23.01 7.26
CA MSE C 182 -3.40 22.52 8.60
C MSE C 182 -2.09 23.12 9.10
O MSE C 182 -2.00 23.52 10.26
CB MSE C 182 -3.35 21.00 8.66
CG MSE C 182 -4.69 20.33 8.49
SE MSE C 182 -4.54 18.43 7.98
CE MSE C 182 -5.00 17.65 9.72
N ILE C 183 -1.07 23.16 8.25
CA ILE C 183 0.21 23.66 8.72
C ILE C 183 0.12 25.13 9.11
N GLU C 184 -0.63 25.90 8.34
CA GLU C 184 -0.86 27.31 8.64
C GLU C 184 -1.38 27.51 10.06
N ASN C 185 -2.23 26.59 10.47
CA ASN C 185 -2.97 26.68 11.71
C ASN C 185 -2.17 26.13 12.88
N GLY C 186 -1.00 25.60 12.54
CA GLY C 186 -0.11 24.95 13.48
C GLY C 186 -0.69 23.66 14.00
N ASP C 187 -0.92 22.71 13.10
CA ASP C 187 -1.50 21.41 13.46
C ASP C 187 -0.34 20.46 13.69
N ILE C 188 0.77 20.76 13.01
CA ILE C 188 1.99 20.00 13.18
C ILE C 188 3.05 20.93 13.76
N GLY C 189 2.63 21.88 14.59
CA GLY C 189 3.51 22.90 15.11
C GLY C 189 4.44 23.57 14.12
N ALA C 190 5.60 24.02 14.62
CA ALA C 190 6.61 24.66 13.79
C ALA C 190 7.30 23.67 12.88
N VAL C 191 7.55 24.06 11.65
CA VAL C 191 8.12 23.18 10.63
C VAL C 191 9.62 23.02 10.83
N ARG C 192 10.14 21.79 10.75
CA ARG C 192 11.57 21.60 10.85
C ARG C 192 12.12 21.09 9.56
N LEU C 193 11.42 20.14 8.99
CA LEU C 193 11.93 19.56 7.77
C LEU C 193 10.88 19.63 6.72
N VAL C 194 11.32 19.79 5.49
CA VAL C 194 10.41 19.83 4.39
C VAL C 194 11.06 19.07 3.28
N GLN C 195 10.83 17.77 3.24
CA GLN C 195 11.45 16.89 2.25
C GLN C 195 10.57 16.75 1.01
N MSE C 196 11.16 17.07 -0.15
CA MSE C 196 10.47 17.12 -1.42
C MSE C 196 11.20 16.22 -2.40
O MSE C 196 12.42 16.15 -2.33
CB MSE C 196 10.57 18.53 -2.02
CG MSE C 196 9.90 19.64 -1.21
SE MSE C 196 10.93 21.36 -1.16
CE MSE C 196 11.63 21.32 -2.94
N GLU C 197 10.48 15.57 -3.33
CA GLU C 197 11.13 14.96 -4.51
C GLU C 197 10.19 14.70 -5.68
N TYR C 198 10.78 14.33 -6.82
CA TYR C 198 10.10 14.26 -8.10
C TYR C 198 10.96 13.50 -9.10
N PRO C 199 11.00 12.16 -9.00
CA PRO C 199 11.68 11.36 -10.01
C PRO C 199 10.72 11.01 -11.12
N GLN C 200 11.26 10.82 -12.32
CA GLN C 200 10.53 10.36 -13.48
C GLN C 200 11.50 9.38 -14.11
N ASP C 201 11.03 8.57 -15.04
CA ASP C 201 11.88 7.54 -15.60
C ASP C 201 12.03 7.62 -17.10
N TRP C 202 11.53 8.71 -17.69
CA TRP C 202 11.29 8.71 -19.11
C TRP C 202 12.54 9.00 -19.95
N LEU C 203 13.46 9.80 -19.43
CA LEU C 203 14.69 10.01 -20.20
C LEU C 203 15.78 9.07 -19.81
N THR C 204 15.44 7.84 -19.43
CA THR C 204 16.47 6.86 -19.07
C THR C 204 17.40 6.54 -20.27
N GLU C 205 16.93 6.79 -21.50
CA GLU C 205 17.81 6.71 -22.68
C GLU C 205 17.43 7.69 -23.80
N GLY C 227 16.23 23.76 -18.45
CA GLY C 227 15.45 22.98 -19.39
C GLY C 227 15.49 21.50 -19.04
N GLY C 228 16.49 21.13 -18.23
CA GLY C 228 16.63 19.78 -17.73
C GLY C 228 15.69 19.61 -16.58
N SER C 229 15.89 18.57 -15.79
CA SER C 229 14.95 18.20 -14.74
C SER C 229 14.65 19.35 -13.79
N THR C 230 15.65 20.13 -13.43
CA THR C 230 15.42 21.15 -12.42
C THR C 230 14.29 22.08 -12.80
N GLY C 231 14.37 22.61 -14.03
CA GLY C 231 13.50 23.69 -14.43
C GLY C 231 12.14 23.12 -14.77
N ASP C 232 12.21 21.89 -15.30
CA ASP C 232 11.07 21.14 -15.79
C ASP C 232 10.24 20.57 -14.64
N ILE C 233 10.88 19.78 -13.76
CA ILE C 233 10.19 19.19 -12.59
C ILE C 233 10.64 19.70 -11.23
N GLY C 234 11.93 19.96 -11.08
CA GLY C 234 12.45 20.53 -9.85
C GLY C 234 11.62 21.70 -9.35
N THR C 235 11.26 22.62 -10.24
CA THR C 235 10.42 23.73 -9.82
C THR C 235 9.08 23.31 -9.29
N HIS C 236 8.39 22.39 -9.98
CA HIS C 236 7.06 21.98 -9.52
C HIS C 236 7.13 21.66 -8.03
N ALA C 237 8.15 20.88 -7.63
CA ALA C 237 8.31 20.41 -6.24
C ALA C 237 8.89 21.43 -5.24
N TYR C 238 9.80 22.29 -5.71
CA TYR C 238 10.21 23.43 -4.89
C TYR C 238 8.97 24.19 -4.52
N ASN C 239 8.10 24.31 -5.51
CA ASN C 239 6.99 25.19 -5.39
C ASN C 239 5.95 24.51 -4.54
N LEU C 240 5.99 23.19 -4.56
CA LEU C 240 5.01 22.46 -3.78
C LEU C 240 5.37 22.48 -2.32
N GLY C 241 6.65 22.24 -2.02
CA GLY C 241 7.17 22.30 -0.67
C GLY C 241 6.84 23.62 0.01
N CYS C 242 7.20 24.74 -0.64
CA CYS C 242 6.79 26.10 -0.24
C CYS C 242 5.27 26.26 -0.11
N PHE C 243 4.52 25.91 -1.15
CA PHE C 243 3.05 26.04 -1.05
C PHE C 243 2.54 25.40 0.24
N VAL C 244 3.05 24.22 0.56
CA VAL C 244 2.55 23.48 1.69
C VAL C 244 3.08 24.00 3.03
N SER C 245 4.38 24.21 3.15
CA SER C 245 4.95 24.62 4.44
C SER C 245 4.52 26.02 4.90
N GLY C 246 4.67 26.98 4.01
CA GLY C 246 4.48 28.36 4.39
C GLY C 246 5.83 28.96 4.71
N LEU C 247 6.88 28.36 4.16
CA LEU C 247 8.24 28.78 4.45
C LEU C 247 8.93 29.45 3.28
N GLU C 248 9.93 30.26 3.59
CA GLU C 248 10.67 30.94 2.54
C GLU C 248 12.04 30.33 2.49
N LEU C 249 12.45 29.94 1.29
CA LEU C 249 13.78 29.38 1.10
C LEU C 249 14.77 30.48 1.37
N GLU C 250 15.82 30.17 2.11
CA GLU C 250 16.88 31.14 2.32
C GLU C 250 18.06 30.92 1.38
N GLU C 251 18.60 29.71 1.37
CA GLU C 251 19.74 29.34 0.52
C GLU C 251 19.72 27.87 0.21
N LEU C 252 20.41 27.49 -0.85
CA LEU C 252 20.48 26.09 -1.25
C LEU C 252 21.89 25.70 -1.61
N ALA C 253 22.09 24.43 -1.89
CA ALA C 253 23.39 23.93 -2.30
C ALA C 253 23.07 22.67 -3.07
N ALA C 254 23.66 22.53 -4.24
CA ALA C 254 23.08 21.61 -5.21
C ALA C 254 24.07 20.90 -6.09
N ASP C 255 23.82 19.62 -6.31
CA ASP C 255 24.68 18.83 -7.15
C ASP C 255 23.89 18.24 -8.30
N LEU C 256 24.24 18.64 -9.52
CA LEU C 256 23.51 18.25 -10.71
C LEU C 256 24.31 17.36 -11.62
N ASP C 257 23.59 16.52 -12.36
CA ASP C 257 24.20 15.63 -13.31
C ASP C 257 23.43 15.57 -14.62
N SER C 258 24.17 15.36 -15.72
CA SER C 258 23.64 14.97 -17.01
C SER C 258 24.06 13.53 -17.16
N PHE C 259 23.29 12.61 -16.60
CA PHE C 259 23.68 11.20 -16.62
C PHE C 259 23.80 10.62 -18.03
N VAL C 260 22.80 10.85 -18.87
CA VAL C 260 22.85 10.30 -20.23
C VAL C 260 23.85 10.99 -21.15
N GLY C 261 24.76 10.18 -21.70
CA GLY C 261 25.65 10.68 -22.74
C GLY C 261 24.91 11.40 -23.85
N GLY C 262 25.51 12.50 -24.33
CA GLY C 262 24.96 13.21 -25.48
C GLY C 262 23.96 14.27 -25.07
N ARG C 263 23.36 14.05 -23.89
CA ARG C 263 22.43 15.00 -23.31
C ARG C 263 23.27 16.10 -22.68
N GLN C 264 22.92 17.36 -22.97
CA GLN C 264 23.66 18.48 -22.41
C GLN C 264 23.06 18.89 -21.08
N LEU C 265 21.74 18.81 -20.98
CA LEU C 265 21.07 19.28 -19.80
C LEU C 265 21.07 18.27 -18.67
N ASP C 266 20.83 18.76 -17.47
CA ASP C 266 20.88 17.91 -16.32
C ASP C 266 19.60 17.10 -16.26
N ASP C 267 19.74 15.82 -15.96
CA ASP C 267 18.58 14.95 -15.92
C ASP C 267 18.36 14.46 -14.51
N ASN C 268 19.26 14.87 -13.60
CA ASN C 268 19.13 14.60 -12.15
C ASN C 268 19.57 15.81 -11.34
N ALA C 269 19.07 15.93 -10.11
CA ALA C 269 19.54 16.98 -9.22
C ALA C 269 19.34 16.64 -7.75
N HIS C 270 20.39 16.74 -6.95
CA HIS C 270 20.27 16.64 -5.49
C HIS C 270 20.47 18.01 -4.91
N VAL C 271 19.66 18.40 -3.93
CA VAL C 271 19.75 19.75 -3.47
C VAL C 271 19.51 19.86 -1.96
N LEU C 272 20.50 20.38 -1.25
CA LEU C 272 20.30 20.70 0.16
C LEU C 272 19.56 22.04 0.31
N MSE C 273 18.84 22.20 1.41
CA MSE C 273 17.95 23.33 1.60
C MSE C 273 17.93 23.85 3.02
O MSE C 273 17.96 23.08 4.00
CB MSE C 273 16.53 22.91 1.24
CG MSE C 273 16.46 22.18 -0.08
SE MSE C 273 15.64 23.27 -1.47
CE MSE C 273 13.91 23.56 -0.57
N ARG C 274 17.85 25.19 3.11
CA ARG C 274 17.72 25.92 4.37
C ARG C 274 16.64 27.00 4.21
N PHE C 275 15.75 27.07 5.19
CA PHE C 275 14.62 27.99 5.17
C PHE C 275 14.80 29.07 6.22
N ARG C 276 14.02 30.15 6.14
CA ARG C 276 14.12 31.19 7.14
C ARG C 276 13.53 30.75 8.46
N GLU C 277 14.18 31.09 9.60
CA GLU C 277 13.54 30.99 10.91
C GLU C 277 12.04 31.22 10.73
N LYS C 278 11.22 30.54 11.51
CA LYS C 278 9.84 30.97 11.55
C LYS C 278 9.32 30.80 12.97
N ASP C 279 8.44 29.85 13.24
CA ASP C 279 7.95 29.82 14.61
C ASP C 279 9.05 29.43 15.60
N GLY C 280 10.24 29.98 15.41
CA GLY C 280 11.34 29.80 16.35
C GLY C 280 12.35 28.85 15.75
N THR C 281 11.84 27.80 15.12
CA THR C 281 12.66 26.80 14.46
C THR C 281 13.16 27.24 13.09
N ARG C 282 14.43 26.95 12.81
CA ARG C 282 15.06 27.24 11.54
C ARG C 282 15.18 25.96 10.73
N ALA C 283 14.22 25.77 9.82
CA ALA C 283 14.02 24.52 9.11
C ALA C 283 14.95 24.22 7.94
N LYS C 284 14.99 22.95 7.57
CA LYS C 284 15.82 22.48 6.47
C LYS C 284 15.00 21.49 5.68
N GLY C 285 15.58 21.05 4.57
CA GLY C 285 14.93 20.13 3.67
C GLY C 285 15.90 19.72 2.57
N MSE C 286 15.44 18.78 1.74
CA MSE C 286 16.18 18.32 0.55
C MSE C 286 15.22 18.20 -0.60
O MSE C 286 14.01 18.10 -0.40
CB MSE C 286 16.81 16.94 0.75
CG MSE C 286 17.59 16.74 2.03
SE MSE C 286 18.08 14.83 2.20
CE MSE C 286 19.84 14.87 1.33
N LEU C 287 15.78 18.18 -1.81
CA LEU C 287 15.01 18.07 -3.02
C LEU C 287 15.74 17.20 -3.98
N TRP C 288 15.09 16.12 -4.39
CA TRP C 288 15.61 15.24 -5.43
C TRP C 288 14.65 15.37 -6.61
N CYS C 289 15.17 15.53 -7.82
CA CYS C 289 14.34 15.41 -9.00
C CYS C 289 15.13 14.62 -10.02
N SER C 290 14.44 13.96 -10.95
CA SER C 290 15.14 13.10 -11.87
C SER C 290 14.30 12.65 -13.05
N GLN C 291 14.98 12.26 -14.11
CA GLN C 291 14.36 11.81 -15.35
C GLN C 291 15.02 10.53 -15.77
N VAL C 292 15.72 9.94 -14.82
CA VAL C 292 16.47 8.71 -15.04
C VAL C 292 16.34 7.75 -13.87
N ALA C 293 15.18 7.68 -13.25
CA ALA C 293 14.99 6.79 -12.14
C ALA C 293 13.88 5.81 -12.40
N PRO C 294 14.20 4.68 -13.07
CA PRO C 294 13.21 3.65 -13.40
C PRO C 294 12.27 3.29 -12.24
N GLY C 295 10.99 3.14 -12.51
CA GLY C 295 10.07 2.75 -11.46
C GLY C 295 9.20 3.91 -11.07
N HIS C 296 9.65 5.09 -11.45
CA HIS C 296 8.89 6.33 -11.30
C HIS C 296 8.30 6.82 -12.63
N GLU C 297 6.99 7.07 -12.63
CA GLU C 297 6.34 7.66 -13.79
C GLU C 297 6.24 9.14 -13.55
N ASN C 298 5.58 9.54 -12.46
CA ASN C 298 5.41 10.96 -12.19
C ASN C 298 5.33 11.24 -10.71
N GLY C 299 6.30 10.72 -9.97
CA GLY C 299 6.24 10.64 -8.52
C GLY C 299 6.56 11.82 -7.61
N LEU C 300 6.10 13.01 -7.95
CA LEU C 300 6.10 14.12 -7.02
C LEU C 300 5.50 13.71 -5.66
N MSE C 301 6.19 14.14 -4.61
CA MSE C 301 5.87 13.79 -3.23
C MSE C 301 6.46 14.80 -2.26
O MSE C 301 7.51 15.38 -2.52
CB MSE C 301 6.42 12.42 -2.90
CG MSE C 301 6.46 12.17 -1.38
SE MSE C 301 6.73 10.29 -0.83
CE MSE C 301 8.55 9.98 -1.47
N VAL C 302 5.80 14.98 -1.13
CA VAL C 302 6.18 15.99 -0.17
C VAL C 302 5.88 15.49 1.23
N ARG C 303 6.83 15.68 2.14
CA ARG C 303 6.66 15.30 3.52
C ARG C 303 7.18 16.43 4.38
N VAL C 304 6.37 16.82 5.35
CA VAL C 304 6.73 17.94 6.20
C VAL C 304 6.66 17.49 7.64
N TYR C 305 7.66 17.83 8.41
CA TYR C 305 7.72 17.43 9.80
C TYR C 305 7.88 18.64 10.65
N GLY C 306 7.08 18.64 11.70
CA GLY C 306 7.05 19.76 12.59
C GLY C 306 7.46 19.36 13.98
N THR C 307 6.99 20.11 14.95
CA THR C 307 7.36 19.81 16.29
C THR C 307 6.24 18.98 16.90
N LYS C 308 5.13 18.87 16.19
CA LYS C 308 3.92 18.34 16.81
C LYS C 308 3.32 17.20 16.00
N GLY C 309 3.90 16.99 14.83
CA GLY C 309 3.35 16.04 13.88
C GLY C 309 4.05 16.13 12.54
N GLY C 310 3.50 15.39 11.59
CA GLY C 310 4.05 15.36 10.25
C GLY C 310 3.01 14.99 9.23
N LEU C 311 3.32 15.29 7.97
CA LEU C 311 2.37 15.09 6.89
C LEU C 311 3.08 14.57 5.67
N GLU C 312 2.41 13.64 4.99
CA GLU C 312 2.89 13.14 3.72
C GLU C 312 1.73 13.09 2.69
N TRP C 313 2.05 13.48 1.48
CA TRP C 313 1.10 13.45 0.40
C TRP C 313 1.91 12.96 -0.78
N THR C 314 1.39 12.01 -1.57
CA THR C 314 2.04 11.65 -2.83
C THR C 314 1.08 11.87 -3.95
N GLN C 315 1.52 12.46 -5.05
CA GLN C 315 0.53 12.85 -6.07
C GLN C 315 0.00 11.69 -6.89
N LYS C 316 0.72 10.58 -6.97
CA LYS C 316 0.22 9.47 -7.73
C LYS C 316 -1.03 8.87 -7.03
N ASP C 317 -1.09 9.07 -5.71
CA ASP C 317 -2.30 8.72 -4.96
C ASP C 317 -2.74 9.93 -4.16
N PRO C 318 -3.29 10.93 -4.88
CA PRO C 318 -3.50 12.31 -4.46
C PRO C 318 -4.64 12.49 -3.52
N ASN C 319 -5.57 11.56 -3.43
CA ASN C 319 -6.70 11.76 -2.52
C ASN C 319 -6.39 11.45 -1.08
N TYR C 320 -5.17 11.00 -0.80
CA TYR C 320 -4.76 10.61 0.57
C TYR C 320 -3.76 11.60 1.12
N LEU C 321 -3.87 11.90 2.39
CA LEU C 321 -2.89 12.74 3.03
C LEU C 321 -2.61 12.12 4.37
N TRP C 322 -1.36 11.72 4.60
CA TRP C 322 -1.05 10.92 5.77
C TRP C 322 -0.65 11.81 6.92
N TYR C 323 -1.52 11.94 7.91
CA TYR C 323 -1.26 12.83 9.04
C TYR C 323 -1.05 12.06 10.31
N THR C 324 0.11 12.26 10.91
CA THR C 324 0.36 11.67 12.21
C THR C 324 0.74 12.76 13.18
N PRO C 325 -0.03 12.90 14.28
CA PRO C 325 0.25 13.82 15.37
C PRO C 325 1.14 13.11 16.34
N PHE C 326 2.12 13.81 16.90
CA PHE C 326 3.14 13.12 17.67
C PHE C 326 2.61 12.31 18.84
N GLY C 327 3.15 11.10 18.98
CA GLY C 327 2.75 10.21 20.04
C GLY C 327 1.32 9.76 19.88
N GLU C 328 0.85 9.82 18.63
CA GLU C 328 -0.48 9.30 18.30
C GLU C 328 -0.47 8.50 17.00
N PRO C 329 -1.41 7.57 16.87
CA PRO C 329 -1.48 6.72 15.69
C PRO C 329 -1.70 7.54 14.41
N LYS C 330 -0.97 7.22 13.36
CA LYS C 330 -1.07 7.90 12.07
C LYS C 330 -2.48 7.79 11.46
N ARG C 331 -2.90 8.84 10.76
CA ARG C 331 -4.27 8.99 10.28
C ARG C 331 -4.35 9.16 8.79
N LEU C 332 -5.24 8.40 8.14
CA LEU C 332 -5.41 8.53 6.70
C LEU C 332 -6.56 9.44 6.33
N LEU C 333 -6.20 10.70 6.10
CA LEU C 333 -7.15 11.71 5.72
C LEU C 333 -7.44 11.51 4.25
N THR C 334 -8.69 11.73 3.83
CA THR C 334 -9.11 11.60 2.43
C THR C 334 -9.91 12.78 1.88
N ARG C 335 -9.75 13.03 0.59
CA ARG C 335 -10.58 13.96 -0.14
C ARG C 335 -12.07 13.65 0.05
N ALA C 336 -12.81 14.66 0.52
CA ALA C 336 -14.27 14.54 0.67
C ALA C 336 -14.69 13.63 1.82
N GLY C 337 -13.71 13.13 2.57
CA GLY C 337 -13.99 12.21 3.68
C GLY C 337 -13.99 12.82 5.06
N ALA C 338 -14.12 11.99 6.08
CA ALA C 338 -14.05 12.52 7.44
C ALA C 338 -12.74 13.27 7.63
N GLY C 339 -12.82 14.37 8.37
CA GLY C 339 -11.65 15.22 8.49
C GLY C 339 -11.10 15.63 7.12
N ALA C 340 -12.01 16.03 6.23
CA ALA C 340 -11.62 16.81 5.08
C ALA C 340 -11.79 18.23 5.57
N SER C 341 -10.70 18.99 5.55
CA SER C 341 -10.73 20.40 5.97
C SER C 341 -11.36 21.29 4.91
N PRO C 342 -11.93 22.42 5.34
CA PRO C 342 -12.49 23.49 4.48
C PRO C 342 -11.73 23.69 3.17
N ALA C 343 -10.49 24.16 3.26
CA ALA C 343 -9.66 24.33 2.08
C ALA C 343 -9.75 23.15 1.11
N ALA C 344 -9.93 21.94 1.59
CA ALA C 344 -10.14 20.85 0.67
C ALA C 344 -11.54 20.90 0.00
N ALA C 345 -12.58 21.14 0.77
CA ALA C 345 -13.95 20.96 0.28
C ALA C 345 -14.27 21.86 -0.91
N ARG C 346 -13.90 23.12 -0.75
CA ARG C 346 -14.09 24.14 -1.76
C ARG C 346 -13.44 23.81 -3.11
N VAL C 347 -12.56 22.81 -3.18
CA VAL C 347 -12.07 22.36 -4.50
C VAL C 347 -12.32 20.89 -4.75
N SER C 348 -13.44 20.40 -4.25
CA SER C 348 -13.86 19.00 -4.46
C SER C 348 -15.28 18.90 -5.05
N ARG C 349 -15.46 18.01 -6.03
CA ARG C 349 -16.74 17.88 -6.72
C ARG C 349 -17.58 16.72 -6.22
N ILE C 350 -16.98 15.56 -6.00
CA ILE C 350 -17.73 14.31 -5.78
C ILE C 350 -17.55 13.72 -4.36
N PRO C 351 -18.36 12.72 -3.99
CA PRO C 351 -18.24 12.23 -2.60
C PRO C 351 -16.92 11.52 -2.32
N SER C 352 -16.67 11.13 -1.06
CA SER C 352 -15.43 10.43 -0.71
C SER C 352 -15.36 9.12 -1.48
N GLY C 353 -14.16 8.57 -1.60
CA GLY C 353 -13.99 7.29 -2.28
C GLY C 353 -14.11 7.27 -3.79
N HIS C 354 -14.58 8.38 -4.38
CA HIS C 354 -14.71 8.53 -5.85
C HIS C 354 -13.51 9.33 -6.42
N PRO C 355 -12.48 8.64 -6.91
CA PRO C 355 -11.17 9.29 -7.06
C PRO C 355 -11.14 10.48 -8.02
N GLU C 356 -10.64 11.60 -7.53
CA GLU C 356 -10.36 12.75 -8.39
C GLU C 356 -8.89 12.80 -8.69
N GLY C 357 -8.51 13.42 -9.79
CA GLY C 357 -7.15 13.26 -10.32
C GLY C 357 -6.34 14.47 -10.76
N TYR C 358 -5.41 14.23 -11.68
CA TYR C 358 -4.66 15.29 -12.33
C TYR C 358 -5.54 16.42 -12.87
N LEU C 359 -6.42 16.08 -13.81
CA LEU C 359 -7.26 17.05 -14.48
C LEU C 359 -8.03 17.88 -13.47
N GLU C 360 -8.83 17.24 -12.63
CA GLU C 360 -9.60 17.96 -11.61
C GLU C 360 -8.76 19.00 -10.87
N GLY C 361 -7.53 18.65 -10.55
CA GLY C 361 -6.64 19.61 -9.93
C GLY C 361 -6.25 20.74 -10.86
N PHE C 362 -5.98 20.40 -12.12
CA PHE C 362 -5.62 21.42 -13.08
C PHE C 362 -6.77 22.37 -13.21
N ALA C 363 -7.97 21.78 -13.31
CA ALA C 363 -9.23 22.50 -13.35
C ALA C 363 -9.46 23.36 -12.10
N ASN C 364 -8.90 22.94 -10.99
CA ASN C 364 -8.95 23.74 -9.78
C ASN C 364 -8.35 25.15 -10.00
N ILE C 365 -7.16 25.20 -10.61
CA ILE C 365 -6.52 26.45 -11.01
C ILE C 365 -7.43 27.29 -11.92
N TYR C 366 -7.70 26.78 -13.11
CA TYR C 366 -8.73 27.37 -13.97
C TYR C 366 -9.97 27.96 -13.25
N SER C 367 -10.57 27.24 -12.31
CA SER C 367 -11.71 27.77 -11.59
C SER C 367 -11.39 28.91 -10.63
N GLU C 368 -10.26 28.81 -9.94
CA GLU C 368 -9.83 29.89 -9.05
C GLU C 368 -9.49 31.09 -9.90
N ALA C 369 -8.88 30.85 -11.06
CA ALA C 369 -8.71 31.89 -12.10
C ALA C 369 -10.06 32.42 -12.51
N ALA C 370 -10.99 31.54 -12.86
CA ALA C 370 -12.36 32.01 -13.11
C ALA C 370 -12.79 32.99 -12.02
N ARG C 371 -12.80 32.50 -10.78
CA ARG C 371 -13.38 33.25 -9.65
C ARG C 371 -12.79 34.67 -9.52
N ALA C 372 -11.47 34.75 -9.61
CA ALA C 372 -10.75 36.02 -9.60
C ALA C 372 -11.25 36.93 -10.74
N ILE C 373 -11.35 36.36 -11.93
CA ILE C 373 -11.86 37.05 -13.09
C ILE C 373 -13.29 37.59 -12.95
N TYR C 374 -14.16 36.82 -12.29
CA TYR C 374 -15.54 37.27 -12.11
C TYR C 374 -15.58 38.53 -11.19
N ALA C 375 -14.49 38.78 -10.47
CA ALA C 375 -14.43 39.93 -9.57
C ALA C 375 -14.31 41.29 -10.30
N ALA C 382 -13.00 39.92 -4.85
CA ALA C 382 -12.57 38.52 -5.05
C ALA C 382 -12.43 37.77 -3.72
N ASP C 383 -13.19 36.68 -3.57
CA ASP C 383 -13.19 35.92 -2.31
C ASP C 383 -11.77 35.67 -1.83
N PRO C 384 -11.47 36.06 -0.59
CA PRO C 384 -10.10 35.92 -0.08
C PRO C 384 -9.80 34.45 0.30
N SER C 385 -10.61 33.53 -0.19
CA SER C 385 -10.33 32.12 -0.04
C SER C 385 -9.81 31.66 -1.38
N VAL C 386 -10.07 32.45 -2.42
CA VAL C 386 -9.64 32.09 -3.75
C VAL C 386 -8.17 32.34 -3.83
N ILE C 387 -7.38 31.27 -3.85
CA ILE C 387 -5.92 31.33 -4.01
C ILE C 387 -5.52 30.76 -5.37
N TYR C 388 -4.43 31.26 -5.93
CA TYR C 388 -3.85 30.68 -7.14
C TYR C 388 -2.41 31.11 -7.29
N PRO C 389 -1.66 30.39 -8.13
CA PRO C 389 -0.23 30.71 -8.17
C PRO C 389 0.03 31.97 -8.96
N THR C 390 0.77 32.87 -8.32
CA THR C 390 0.98 34.24 -8.77
C THR C 390 2.19 34.39 -9.68
N ILE C 391 2.54 35.65 -9.97
CA ILE C 391 3.67 35.95 -10.84
C ILE C 391 4.91 35.79 -9.97
N ASP C 392 4.77 36.19 -8.71
CA ASP C 392 5.86 36.13 -7.74
C ASP C 392 6.21 34.67 -7.46
N ASP C 393 5.23 33.78 -7.62
CA ASP C 393 5.50 32.38 -7.39
C ASP C 393 6.38 31.94 -8.53
N GLY C 394 5.94 32.18 -9.76
CA GLY C 394 6.73 31.83 -10.92
C GLY C 394 8.11 32.46 -10.88
N MSE C 395 8.26 33.52 -10.08
CA MSE C 395 9.51 34.27 -10.00
C MSE C 395 10.50 33.59 -9.10
O MSE C 395 11.68 33.46 -9.44
CB MSE C 395 9.24 35.65 -9.41
CG MSE C 395 10.50 36.50 -9.36
SE MSE C 395 11.15 37.03 -11.15
CE MSE C 395 13.06 37.03 -10.76
N ARG C 396 10.01 33.20 -7.92
CA ARG C 396 10.80 32.45 -6.98
C ARG C 396 11.24 31.17 -7.63
N GLY C 397 10.44 30.74 -8.60
CA GLY C 397 10.64 29.48 -9.30
C GLY C 397 11.90 29.52 -10.14
N MSE C 398 12.03 30.61 -10.89
CA MSE C 398 13.19 30.91 -11.71
C MSE C 398 14.45 31.13 -10.90
O MSE C 398 15.54 30.66 -11.24
CB MSE C 398 12.91 32.19 -12.48
CG MSE C 398 11.64 32.16 -13.28
SE MSE C 398 11.84 30.86 -14.70
CE MSE C 398 13.33 31.64 -15.71
N THR C 399 14.32 31.91 -9.85
CA THR C 399 15.47 32.19 -9.04
C THR C 399 16.05 30.85 -8.57
N PHE C 400 15.17 29.95 -8.09
CA PHE C 400 15.55 28.59 -7.68
C PHE C 400 16.30 27.87 -8.79
N VAL C 401 15.66 27.71 -9.93
CA VAL C 401 16.35 27.03 -11.00
C VAL C 401 17.71 27.67 -11.26
N ASP C 402 17.77 29.00 -11.12
CA ASP C 402 18.99 29.78 -11.38
C ASP C 402 20.09 29.39 -10.41
N ALA C 403 19.75 29.50 -9.12
CA ALA C 403 20.68 29.21 -8.03
C ALA C 403 21.25 27.80 -8.14
N CYS C 404 20.38 26.82 -8.36
CA CYS C 404 20.83 25.44 -8.51
C CYS C 404 21.91 25.34 -9.57
N VAL C 405 21.60 25.77 -10.79
CA VAL C 405 22.61 25.70 -11.86
C VAL C 405 23.86 26.48 -11.51
N ARG C 406 23.67 27.64 -10.88
CA ARG C 406 24.81 28.33 -10.36
C ARG C 406 25.55 27.44 -9.36
N SER C 407 24.87 27.05 -8.28
CA SER C 407 25.48 26.22 -7.24
C SER C 407 26.22 24.97 -7.70
N SER C 408 25.69 24.24 -8.66
CA SER C 408 26.41 23.05 -9.08
C SER C 408 27.72 23.38 -9.79
N GLU C 409 27.71 24.39 -10.64
CA GLU C 409 28.93 24.76 -11.40
C GLU C 409 30.07 25.20 -10.50
N ARG C 410 29.72 25.55 -9.26
CA ARG C 410 30.69 25.87 -8.25
C ARG C 410 30.64 24.76 -7.19
N ASN C 411 30.53 23.53 -7.68
CA ASN C 411 30.64 22.35 -6.84
C ASN C 411 29.87 22.44 -5.52
N GLY C 412 28.59 22.69 -5.58
CA GLY C 412 27.76 22.60 -4.38
C GLY C 412 27.74 23.80 -3.46
N ALA C 413 28.17 24.95 -3.96
CA ALA C 413 28.18 26.20 -3.19
C ALA C 413 26.81 26.63 -2.71
N TRP C 414 26.70 27.05 -1.46
CA TRP C 414 25.42 27.62 -1.04
C TRP C 414 25.18 28.90 -1.83
N ILE C 415 23.92 29.14 -2.22
CA ILE C 415 23.47 30.33 -2.96
C ILE C 415 22.11 30.80 -2.40
N LYS C 416 21.60 31.97 -2.79
CA LYS C 416 20.33 32.44 -2.19
C LYS C 416 19.18 32.85 -3.17
N GLN D 35 28.91 -28.98 13.92
CA GLN D 35 27.85 -29.87 14.43
C GLN D 35 27.58 -29.72 15.94
N LYS D 36 28.62 -29.69 16.78
CA LYS D 36 28.44 -29.40 18.21
C LYS D 36 28.20 -27.91 18.37
N ARG D 37 27.25 -27.54 19.22
CA ARG D 37 26.95 -26.13 19.35
C ARG D 37 28.21 -25.32 19.66
N ILE D 38 28.07 -24.00 19.70
CA ILE D 38 29.19 -23.11 19.95
C ILE D 38 29.00 -22.45 21.29
N ARG D 39 29.79 -22.84 22.28
CA ARG D 39 29.64 -22.22 23.58
C ARG D 39 29.80 -20.72 23.45
N LEU D 40 28.90 -19.96 24.07
CA LEU D 40 28.89 -18.53 23.80
C LEU D 40 28.91 -17.68 25.05
N GLY D 41 29.68 -16.60 24.94
CA GLY D 41 29.72 -15.62 25.99
C GLY D 41 29.11 -14.32 25.50
N MSE D 42 28.75 -13.47 26.44
CA MSE D 42 28.23 -12.17 26.12
C MSE D 42 28.73 -11.18 27.15
O MSE D 42 28.99 -11.54 28.30
CB MSE D 42 26.71 -12.22 26.16
CG MSE D 42 26.08 -11.07 25.39
SE MSE D 42 24.15 -11.04 25.63
CE MSE D 42 24.10 -10.10 27.34
N VAL D 43 28.88 -9.94 26.74
CA VAL D 43 29.34 -8.89 27.64
C VAL D 43 28.37 -7.75 27.41
N GLY D 44 27.59 -7.43 28.44
CA GLY D 44 26.53 -6.43 28.29
C GLY D 44 25.16 -7.06 28.53
N GLY D 45 24.10 -6.40 28.08
CA GLY D 45 22.74 -6.95 28.15
C GLY D 45 22.02 -6.72 29.47
N GLY D 46 21.71 -7.81 30.18
CA GLY D 46 21.13 -7.70 31.50
C GLY D 46 19.62 -7.58 31.51
N ILE D 51 17.86 -5.14 24.49
CA ILE D 51 18.88 -5.30 23.43
C ILE D 51 19.90 -6.46 23.63
N GLY D 52 20.21 -6.79 24.88
CA GLY D 52 20.92 -8.03 25.09
C GLY D 52 19.94 -9.13 24.69
N ALA D 53 18.68 -8.95 25.06
CA ALA D 53 17.66 -9.91 24.74
C ALA D 53 17.63 -10.22 23.25
N VAL D 54 17.86 -9.20 22.43
CA VAL D 54 17.80 -9.36 20.98
C VAL D 54 18.93 -10.28 20.47
N HIS D 55 20.15 -9.99 20.89
CA HIS D 55 21.29 -10.87 20.57
C HIS D 55 21.07 -12.27 21.13
N ARG D 56 20.48 -12.35 22.31
CA ARG D 56 20.16 -13.65 22.85
C ARG D 56 19.13 -14.35 21.97
N ILE D 57 18.09 -13.63 21.52
CA ILE D 57 17.15 -14.22 20.58
C ILE D 57 17.85 -14.62 19.30
N ALA D 58 18.53 -13.64 18.70
CA ALA D 58 19.29 -13.90 17.48
C ALA D 58 20.08 -15.20 17.60
N ALA D 59 20.66 -15.44 18.79
CA ALA D 59 21.58 -16.56 18.95
C ALA D 59 20.89 -17.90 19.08
N ARG D 60 19.79 -17.93 19.85
CA ARG D 60 19.00 -19.15 20.05
C ARG D 60 18.33 -19.54 18.78
N LEU D 61 17.93 -18.54 18.02
CA LEU D 61 16.98 -18.79 16.96
C LEU D 61 17.32 -20.03 16.11
N ASP D 62 18.57 -20.20 15.67
CA ASP D 62 18.89 -21.29 14.76
C ASP D 62 19.58 -22.44 15.45
N ASP D 63 19.62 -22.39 16.78
CA ASP D 63 20.19 -23.49 17.54
C ASP D 63 21.70 -23.75 17.26
N HIS D 64 22.45 -22.71 16.90
CA HIS D 64 23.88 -22.89 16.63
C HIS D 64 24.71 -22.61 17.87
N TYR D 65 24.17 -21.84 18.81
CA TYR D 65 24.94 -21.41 19.95
C TYR D 65 24.28 -21.90 21.23
N GLU D 66 25.05 -22.21 22.26
CA GLU D 66 24.48 -22.27 23.60
C GLU D 66 25.19 -21.21 24.40
N LEU D 67 24.41 -20.45 25.17
CA LEU D 67 24.94 -19.36 25.97
C LEU D 67 25.31 -19.85 27.39
N VAL D 68 26.60 -19.82 27.72
CA VAL D 68 27.04 -20.48 28.96
C VAL D 68 27.56 -19.53 30.02
N ALA D 69 28.25 -18.48 29.58
CA ALA D 69 28.90 -17.52 30.47
C ALA D 69 28.51 -16.09 30.13
N GLY D 70 28.75 -15.15 31.05
CA GLY D 70 28.40 -13.76 30.81
C GLY D 70 28.93 -12.73 31.80
N ALA D 71 29.17 -11.52 31.30
CA ALA D 71 29.58 -10.37 32.11
C ALA D 71 28.58 -9.24 31.92
N LEU D 72 27.35 -9.47 32.37
CA LEU D 72 26.21 -8.67 31.99
C LEU D 72 26.14 -7.26 32.58
N SER D 73 27.14 -6.89 33.37
CA SER D 73 27.12 -5.62 34.11
C SER D 73 28.48 -5.33 34.77
N SER D 74 28.73 -4.08 35.15
CA SER D 74 30.00 -3.72 35.80
C SER D 74 29.96 -3.93 37.34
N THR D 75 28.88 -3.47 37.98
CA THR D 75 28.64 -3.75 39.39
C THR D 75 28.53 -5.26 39.59
N PRO D 76 29.28 -5.84 40.55
CA PRO D 76 29.32 -7.32 40.66
C PRO D 76 28.06 -8.00 41.19
N GLU D 77 27.08 -7.25 41.69
CA GLU D 77 25.80 -7.83 42.11
C GLU D 77 24.80 -7.87 40.94
N LYS D 78 24.57 -6.71 40.34
CA LYS D 78 23.77 -6.64 39.13
C LYS D 78 24.24 -7.70 38.13
N ALA D 79 25.48 -8.13 38.26
CA ALA D 79 25.99 -9.13 37.34
C ALA D 79 25.50 -10.49 37.76
N GLU D 80 25.67 -10.81 39.03
CA GLU D 80 25.24 -12.10 39.55
C GLU D 80 23.73 -12.27 39.32
N ALA D 81 22.98 -11.20 39.59
CA ALA D 81 21.53 -11.26 39.53
C ALA D 81 21.09 -11.62 38.12
N SER D 82 21.76 -11.05 37.13
CA SER D 82 21.34 -11.22 35.76
C SER D 82 21.77 -12.58 35.26
N GLY D 83 22.90 -13.05 35.76
CA GLY D 83 23.33 -14.41 35.46
C GLY D 83 22.23 -15.32 35.98
N ARG D 84 21.55 -14.82 37.00
CA ARG D 84 20.52 -15.56 37.72
C ARG D 84 19.19 -15.49 36.98
N GLU D 85 18.83 -14.33 36.48
CA GLU D 85 17.65 -14.21 35.63
C GLU D 85 17.74 -15.13 34.42
N LEU D 86 18.95 -15.41 33.93
CA LEU D 86 19.12 -16.18 32.70
C LEU D 86 19.48 -17.64 32.95
N GLY D 87 19.78 -17.94 34.21
CA GLY D 87 20.10 -19.31 34.57
C GLY D 87 21.45 -19.77 34.08
N LEU D 88 22.44 -18.89 34.17
CA LEU D 88 23.81 -19.30 33.88
C LEU D 88 24.41 -19.95 35.11
N ASP D 89 25.25 -20.96 34.92
CA ASP D 89 25.99 -21.51 36.04
C ASP D 89 26.79 -20.40 36.70
N PRO D 90 26.57 -20.15 38.02
CA PRO D 90 27.23 -19.00 38.66
C PRO D 90 28.75 -19.06 38.57
N SER D 91 29.29 -20.28 38.45
CA SER D 91 30.70 -20.50 38.15
C SER D 91 31.05 -19.55 37.02
N ARG D 92 30.09 -19.34 36.14
CA ARG D 92 30.38 -18.72 34.86
C ARG D 92 29.78 -17.31 34.68
N VAL D 93 29.27 -16.72 35.78
CA VAL D 93 28.80 -15.34 35.82
C VAL D 93 29.90 -14.40 36.33
N TYR D 94 30.48 -13.58 35.45
CA TYR D 94 31.55 -12.63 35.80
C TYR D 94 31.08 -11.17 35.99
N SER D 95 31.94 -10.31 36.53
CA SER D 95 31.60 -8.89 36.70
C SER D 95 32.62 -7.94 36.04
N ASP D 96 33.61 -8.53 35.37
CA ASP D 96 34.63 -7.78 34.64
C ASP D 96 35.07 -8.56 33.41
N PHE D 97 34.95 -7.94 32.24
CA PHE D 97 35.20 -8.67 31.01
C PHE D 97 36.62 -9.23 30.84
N LYS D 98 37.63 -8.45 31.21
CA LYS D 98 39.05 -8.83 31.05
C LYS D 98 39.35 -10.12 31.80
N GLU D 99 38.79 -10.20 33.01
CA GLU D 99 38.93 -11.38 33.81
C GLU D 99 38.21 -12.53 33.10
N MSE D 100 36.95 -12.28 32.75
CA MSE D 100 36.12 -13.28 32.10
C MSE D 100 36.89 -13.88 30.94
O MSE D 100 36.97 -15.09 30.81
CB MSE D 100 34.81 -12.67 31.60
CG MSE D 100 33.99 -13.54 30.58
SE MSE D 100 32.24 -12.75 29.99
CE MSE D 100 31.81 -13.99 28.50
N ALA D 101 37.47 -13.01 30.12
CA ALA D 101 38.19 -13.47 28.94
C ALA D 101 39.29 -14.45 29.33
N ILE D 102 40.13 -14.02 30.26
CA ILE D 102 41.22 -14.84 30.80
C ILE D 102 40.77 -16.21 31.30
N ARG D 103 39.92 -16.22 32.31
CA ARG D 103 39.49 -17.50 32.87
C ARG D 103 38.84 -18.43 31.87
N GLU D 104 38.15 -17.87 30.88
CA GLU D 104 37.41 -18.68 29.92
C GLU D 104 38.37 -19.25 28.92
N ALA D 105 39.38 -18.46 28.57
CA ALA D 105 40.37 -18.94 27.62
C ALA D 105 41.08 -20.16 28.22
N LYS D 106 41.31 -20.11 29.54
CA LYS D 106 41.93 -21.22 30.28
C LYS D 106 41.03 -22.46 30.37
N LEU D 107 39.75 -22.27 30.71
CA LEU D 107 38.78 -23.38 30.81
C LEU D 107 38.76 -24.33 29.63
N LYS D 108 38.29 -25.54 29.90
CA LYS D 108 38.16 -26.56 28.86
C LYS D 108 36.70 -26.48 28.43
N ASN D 109 35.91 -25.79 29.26
CA ASN D 109 34.53 -25.42 28.98
C ASN D 109 34.42 -24.00 28.40
N GLY D 110 35.57 -23.46 27.96
CA GLY D 110 35.64 -22.06 27.59
C GLY D 110 34.75 -21.69 26.42
N ILE D 111 34.16 -20.50 26.49
CA ILE D 111 33.34 -20.03 25.39
C ILE D 111 34.18 -19.93 24.12
N GLU D 112 33.58 -20.31 23.00
CA GLU D 112 34.25 -20.35 21.73
C GLU D 112 34.02 -19.02 21.06
N ALA D 113 32.99 -18.30 21.51
CA ALA D 113 32.73 -16.94 21.03
C ALA D 113 32.02 -16.05 22.05
N VAL D 114 32.24 -14.76 21.94
CA VAL D 114 31.69 -13.81 22.88
C VAL D 114 30.92 -12.79 22.08
N ALA D 115 29.85 -12.29 22.66
CA ALA D 115 29.03 -11.26 22.05
C ALA D 115 29.25 -9.97 22.83
N ILE D 116 29.79 -8.95 22.16
CA ILE D 116 30.03 -7.70 22.86
C ILE D 116 28.85 -6.78 22.56
N VAL D 117 28.06 -6.48 23.60
CA VAL D 117 26.85 -5.69 23.44
C VAL D 117 26.87 -4.44 24.32
N THR D 118 28.05 -4.10 24.84
CA THR D 118 28.23 -2.88 25.62
C THR D 118 28.09 -1.65 24.74
N PRO D 119 27.96 -0.45 25.36
CA PRO D 119 27.87 0.79 24.58
C PRO D 119 29.16 0.97 23.79
N ASN D 120 29.15 1.84 22.80
CA ASN D 120 30.26 1.99 21.85
C ASN D 120 31.63 2.23 22.48
N HIS D 121 31.65 3.11 23.48
CA HIS D 121 32.92 3.51 24.06
C HIS D 121 33.62 2.37 24.83
N VAL D 122 32.93 1.25 24.99
CA VAL D 122 33.52 0.11 25.69
C VAL D 122 33.93 -1.00 24.72
N HIS D 123 33.44 -0.92 23.49
CA HIS D 123 33.70 -1.97 22.49
C HIS D 123 35.14 -2.53 22.43
N TYR D 124 36.11 -1.62 22.22
CA TYR D 124 37.54 -1.95 22.07
C TYR D 124 38.17 -2.67 23.26
N ALA D 125 38.02 -2.08 24.44
CA ALA D 125 38.49 -2.72 25.66
C ALA D 125 38.06 -4.19 25.67
N ALA D 126 36.77 -4.42 25.49
CA ALA D 126 36.23 -5.77 25.60
C ALA D 126 36.76 -6.68 24.49
N ALA D 127 36.63 -6.22 23.25
CA ALA D 127 36.90 -7.07 22.09
C ALA D 127 38.35 -7.45 22.01
N LYS D 128 39.25 -6.56 22.41
CA LYS D 128 40.65 -6.89 22.27
C LYS D 128 41.03 -8.02 23.24
N GLU D 129 40.37 -8.08 24.40
CA GLU D 129 40.65 -9.15 25.37
C GLU D 129 40.26 -10.55 24.89
N PHE D 130 39.31 -10.64 23.98
CA PHE D 130 38.88 -11.96 23.52
C PHE D 130 39.60 -12.31 22.23
N LEU D 131 39.82 -11.30 21.41
CA LEU D 131 40.63 -11.48 20.22
C LEU D 131 42.04 -11.97 20.62
N LYS D 132 42.73 -11.26 21.52
CA LYS D 132 44.05 -11.67 22.05
C LYS D 132 44.18 -13.18 22.27
N ARG D 133 43.17 -13.74 22.93
CA ARG D 133 43.22 -15.11 23.40
C ARG D 133 42.47 -16.14 22.52
N GLY D 134 42.43 -15.91 21.20
CA GLY D 134 41.79 -16.83 20.27
C GLY D 134 40.26 -16.95 20.24
N ILE D 135 39.56 -16.18 21.07
CA ILE D 135 38.09 -16.18 21.14
C ILE D 135 37.40 -15.27 20.09
N HIS D 136 36.59 -15.85 19.19
CA HIS D 136 35.86 -15.08 18.18
C HIS D 136 34.94 -14.01 18.83
N VAL D 137 34.88 -12.82 18.26
CA VAL D 137 33.99 -11.78 18.81
C VAL D 137 32.97 -11.10 17.85
N ILE D 138 31.70 -11.44 18.07
CA ILE D 138 30.54 -10.79 17.49
C ILE D 138 30.17 -9.50 18.24
N CYS D 139 30.51 -8.37 17.62
CA CYS D 139 30.34 -7.03 18.22
C CYS D 139 29.18 -6.25 17.58
N ASP D 140 28.35 -5.64 18.41
CA ASP D 140 27.28 -4.76 17.96
C ASP D 140 27.83 -3.44 17.43
N LYS D 141 27.03 -2.77 16.61
CA LYS D 141 27.43 -1.50 15.99
C LYS D 141 27.14 -0.33 16.93
N PRO D 142 27.74 0.84 16.68
CA PRO D 142 28.86 1.02 15.72
C PRO D 142 30.19 0.40 16.23
N LEU D 143 31.26 0.56 15.46
CA LEU D 143 32.53 -0.04 15.84
C LEU D 143 33.06 0.47 17.18
N THR D 144 32.96 1.78 17.37
CA THR D 144 33.48 2.49 18.53
C THR D 144 32.85 3.88 18.56
N SER D 145 33.21 4.68 19.57
CA SER D 145 32.76 6.07 19.63
C SER D 145 33.90 7.04 19.30
N THR D 146 35.06 6.52 18.95
CA THR D 146 36.10 7.40 18.44
C THR D 146 36.78 6.78 17.23
N LEU D 147 37.16 7.65 16.30
CA LEU D 147 37.93 7.23 15.16
C LEU D 147 39.29 6.68 15.60
N ALA D 148 39.71 7.08 16.79
CA ALA D 148 40.97 6.60 17.36
C ALA D 148 40.84 5.15 17.74
N ASP D 149 39.91 4.89 18.67
CA ASP D 149 39.60 3.54 19.11
C ASP D 149 39.50 2.61 17.90
N ALA D 150 38.67 2.98 16.95
CA ALA D 150 38.47 2.14 15.78
C ALA D 150 39.79 1.68 15.17
N LYS D 151 40.69 2.62 14.89
CA LYS D 151 41.94 2.29 14.22
C LYS D 151 42.70 1.21 15.00
N LYS D 152 42.47 1.17 16.30
CA LYS D 152 43.13 0.17 17.14
C LYS D 152 42.47 -1.23 17.06
N LEU D 153 41.14 -1.25 16.96
CA LEU D 153 40.43 -2.51 16.90
C LEU D 153 40.81 -3.25 15.64
N LYS D 154 40.89 -2.51 14.54
CA LYS D 154 41.28 -3.10 13.27
C LYS D 154 42.62 -3.77 13.46
N LYS D 155 43.47 -3.12 14.25
CA LYS D 155 44.78 -3.70 14.62
C LYS D 155 44.60 -4.99 15.39
N ALA D 156 43.89 -4.93 16.51
CA ALA D 156 43.61 -6.16 17.25
C ALA D 156 42.93 -7.21 16.37
N ALA D 157 41.95 -6.83 15.56
CA ALA D 157 41.24 -7.78 14.71
C ALA D 157 42.14 -8.45 13.68
N ASP D 158 42.84 -7.64 12.91
CA ASP D 158 43.78 -8.13 11.88
C ASP D 158 44.88 -9.05 12.42
N GLU D 159 45.40 -8.71 13.58
CA GLU D 159 46.30 -9.59 14.27
C GLU D 159 45.63 -10.95 14.55
N SER D 160 44.50 -10.91 15.26
CA SER D 160 43.87 -12.13 15.81
C SER D 160 43.60 -13.21 14.76
N ASP D 161 43.38 -14.44 15.22
CA ASP D 161 43.02 -15.55 14.33
C ASP D 161 41.56 -15.88 14.48
N ALA D 162 41.01 -15.36 15.56
CA ALA D 162 39.58 -15.34 15.77
C ALA D 162 38.91 -14.37 14.78
N LEU D 163 37.65 -14.70 14.42
CA LEU D 163 36.84 -13.88 13.53
C LEU D 163 36.31 -12.65 14.25
N PHE D 164 36.25 -11.54 13.53
CA PHE D 164 35.54 -10.40 14.05
C PHE D 164 34.33 -10.15 13.19
N VAL D 165 33.14 -10.25 13.81
CA VAL D 165 31.85 -10.14 13.13
C VAL D 165 31.16 -8.87 13.61
N LEU D 166 30.69 -8.04 12.69
CA LEU D 166 30.01 -6.82 13.12
C LEU D 166 28.50 -6.92 12.85
N THR D 167 27.70 -6.80 13.90
CA THR D 167 26.27 -7.03 13.70
C THR D 167 25.54 -5.89 12.96
N HIS D 168 25.76 -5.82 11.65
CA HIS D 168 24.93 -4.98 10.80
C HIS D 168 23.66 -5.77 10.44
N ASN D 169 22.77 -5.97 11.40
CA ASN D 169 21.55 -6.75 11.18
C ASN D 169 20.82 -6.50 9.85
N TYR D 170 20.68 -5.25 9.45
CA TYR D 170 19.95 -4.98 8.24
C TYR D 170 20.55 -5.60 6.96
N THR D 171 21.85 -5.88 6.94
CA THR D 171 22.43 -6.54 5.77
C THR D 171 21.98 -7.97 5.80
N GLY D 172 21.32 -8.31 6.91
CA GLY D 172 20.86 -9.68 7.16
C GLY D 172 19.63 -10.13 6.38
N TYR D 173 18.65 -9.26 6.21
CA TYR D 173 17.43 -9.58 5.47
C TYR D 173 17.54 -10.29 4.08
N PRO D 174 16.70 -11.32 3.85
CA PRO D 174 16.79 -12.02 2.55
C PRO D 174 16.62 -11.13 1.32
N MSE D 175 15.65 -10.20 1.31
CA MSE D 175 15.48 -9.33 0.15
C MSE D 175 16.66 -8.40 -0.03
O MSE D 175 17.03 -8.01 -1.16
CB MSE D 175 14.18 -8.51 0.24
CG MSE D 175 12.93 -9.32 -0.06
SE MSE D 175 13.21 -10.96 -1.16
CE MSE D 175 12.70 -10.21 -2.85
N VAL D 176 17.27 -8.02 1.08
CA VAL D 176 18.39 -7.11 1.00
C VAL D 176 19.60 -7.77 0.35
N ARG D 177 19.81 -9.03 0.65
CA ARG D 177 20.77 -9.86 -0.05
C ARG D 177 20.35 -10.19 -1.48
N GLN D 178 19.05 -10.36 -1.71
CA GLN D 178 18.57 -10.51 -3.09
C GLN D 178 18.85 -9.26 -3.90
N ALA D 179 18.72 -8.11 -3.25
CA ALA D 179 18.97 -6.84 -3.87
C ALA D 179 20.44 -6.71 -4.26
N ARG D 180 21.33 -7.07 -3.32
CA ARG D 180 22.79 -7.06 -3.61
C ARG D 180 23.14 -8.01 -4.74
N GLU D 181 22.58 -9.22 -4.69
CA GLU D 181 22.88 -10.20 -5.72
C GLU D 181 22.55 -9.71 -7.14
N MSE D 182 21.39 -9.06 -7.29
CA MSE D 182 20.91 -8.72 -8.60
C MSE D 182 21.76 -7.61 -9.21
O MSE D 182 22.09 -7.66 -10.39
CB MSE D 182 19.45 -8.28 -8.54
CG MSE D 182 18.47 -9.42 -8.61
SE MSE D 182 16.73 -8.89 -7.83
CE MSE D 182 15.74 -8.52 -9.49
N ILE D 183 22.09 -6.61 -8.41
CA ILE D 183 22.96 -5.55 -8.90
C ILE D 183 24.36 -6.08 -9.18
N GLU D 184 24.93 -6.87 -8.28
CA GLU D 184 26.12 -7.63 -8.64
C GLU D 184 25.93 -8.17 -10.07
N ASN D 185 24.79 -8.82 -10.31
CA ASN D 185 24.53 -9.55 -11.55
C ASN D 185 24.29 -8.62 -12.76
N GLY D 186 24.29 -7.32 -12.49
CA GLY D 186 23.99 -6.32 -13.49
C GLY D 186 22.56 -6.32 -13.95
N ASP D 187 21.66 -6.81 -13.10
CA ASP D 187 20.21 -6.82 -13.38
C ASP D 187 19.62 -5.41 -13.58
N ILE D 188 20.20 -4.38 -12.95
CA ILE D 188 19.70 -3.02 -13.20
C ILE D 188 20.76 -2.15 -13.90
N GLY D 189 21.75 -2.81 -14.49
CA GLY D 189 22.79 -2.15 -15.26
C GLY D 189 23.81 -1.48 -14.38
N ALA D 190 24.50 -0.49 -14.92
CA ALA D 190 25.43 0.29 -14.14
C ALA D 190 24.67 1.11 -13.11
N VAL D 191 25.13 1.18 -11.87
CA VAL D 191 24.44 2.01 -10.90
C VAL D 191 24.65 3.54 -11.10
N ARG D 192 23.57 4.32 -11.07
CA ARG D 192 23.66 5.78 -11.17
C ARG D 192 23.24 6.51 -9.89
N LEU D 193 22.18 6.02 -9.27
CA LEU D 193 21.68 6.65 -8.07
C LEU D 193 21.65 5.66 -6.92
N VAL D 194 21.96 6.13 -5.71
CA VAL D 194 21.71 5.33 -4.52
C VAL D 194 21.08 6.29 -3.55
N GLN D 195 19.78 6.13 -3.38
CA GLN D 195 19.01 7.07 -2.60
C GLN D 195 18.69 6.35 -1.30
N MSE D 196 19.07 6.91 -0.16
CA MSE D 196 18.91 6.19 1.12
C MSE D 196 18.51 7.08 2.27
O MSE D 196 19.07 8.14 2.48
CB MSE D 196 20.18 5.42 1.48
CG MSE D 196 21.44 6.25 1.37
SE MSE D 196 23.17 5.26 1.21
CE MSE D 196 23.95 6.26 -0.31
N GLU D 197 17.56 6.63 3.07
CA GLU D 197 17.11 7.43 4.19
C GLU D 197 16.75 6.54 5.35
N TYR D 198 16.54 7.13 6.53
CA TYR D 198 16.36 6.41 7.76
C TYR D 198 15.81 7.35 8.82
N PRO D 199 14.49 7.57 8.81
CA PRO D 199 14.01 8.56 9.78
C PRO D 199 13.32 7.86 10.90
N GLN D 200 13.42 8.38 12.12
CA GLN D 200 12.65 7.90 13.27
C GLN D 200 11.96 9.07 13.92
N ASP D 201 11.10 8.81 14.89
CA ASP D 201 10.36 9.89 15.49
C ASP D 201 10.54 10.08 17.00
N TRP D 202 11.23 9.17 17.66
CA TRP D 202 11.13 9.09 19.11
C TRP D 202 11.69 10.27 19.89
N LEU D 203 12.66 10.99 19.33
CA LEU D 203 13.24 12.10 20.09
C LEU D 203 12.70 13.46 19.64
N THR D 204 11.47 13.49 19.13
CA THR D 204 10.81 14.74 18.71
C THR D 204 10.51 15.63 19.92
N GLY D 228 23.82 9.65 18.93
CA GLY D 228 23.71 10.79 18.03
C GLY D 228 23.40 10.53 16.55
N SER D 229 22.12 10.65 16.20
CA SER D 229 21.58 10.31 14.87
C SER D 229 22.53 9.80 13.77
N THR D 230 23.46 10.64 13.32
CA THR D 230 24.38 10.22 12.26
C THR D 230 25.15 8.97 12.63
N GLY D 231 25.36 8.77 13.93
CA GLY D 231 26.13 7.63 14.41
C GLY D 231 25.25 6.45 14.76
N ASP D 232 24.13 6.74 15.42
CA ASP D 232 23.17 5.70 15.78
C ASP D 232 22.42 5.11 14.57
N ILE D 233 21.93 5.94 13.66
CA ILE D 233 21.24 5.41 12.46
C ILE D 233 21.83 5.80 11.11
N GLY D 234 22.47 6.95 11.03
CA GLY D 234 23.09 7.34 9.77
C GLY D 234 23.92 6.21 9.15
N THR D 235 24.75 5.59 9.97
CA THR D 235 25.65 4.54 9.50
C THR D 235 24.93 3.30 8.92
N HIS D 236 23.91 2.78 9.63
CA HIS D 236 23.07 1.69 9.11
C HIS D 236 22.62 2.04 7.68
N ALA D 237 22.11 3.26 7.52
CA ALA D 237 21.67 3.73 6.23
C ALA D 237 22.82 3.74 5.25
N TYR D 238 23.98 4.23 5.69
CA TYR D 238 25.16 4.29 4.84
C TYR D 238 25.61 2.89 4.39
N ASN D 239 25.81 2.03 5.37
CA ASN D 239 26.33 0.71 5.10
C ASN D 239 25.37 -0.08 4.21
N LEU D 240 24.09 -0.04 4.54
CA LEU D 240 23.07 -0.72 3.75
C LEU D 240 23.04 -0.28 2.28
N GLY D 241 23.18 1.03 2.03
CA GLY D 241 23.28 1.52 0.67
C GLY D 241 24.51 0.98 -0.04
N CYS D 242 25.65 0.98 0.64
CA CYS D 242 26.87 0.39 0.10
C CYS D 242 26.74 -1.12 -0.07
N PHE D 243 26.19 -1.78 0.95
CA PHE D 243 26.00 -3.21 0.87
C PHE D 243 25.22 -3.62 -0.38
N VAL D 244 24.10 -2.96 -0.58
CA VAL D 244 23.21 -3.29 -1.68
C VAL D 244 23.80 -2.83 -3.01
N SER D 245 24.40 -1.65 -2.99
CA SER D 245 24.80 -0.95 -4.22
C SER D 245 26.06 -1.52 -4.84
N GLY D 246 26.94 -2.08 -4.00
CA GLY D 246 28.22 -2.58 -4.48
C GLY D 246 29.21 -1.47 -4.85
N LEU D 247 29.14 -0.38 -4.09
CA LEU D 247 29.94 0.79 -4.40
C LEU D 247 30.74 1.25 -3.23
N GLU D 248 31.72 2.10 -3.54
CA GLU D 248 32.55 2.73 -2.53
C GLU D 248 32.19 4.21 -2.51
N LEU D 249 31.76 4.71 -1.36
CA LEU D 249 31.62 6.15 -1.21
C LEU D 249 32.94 6.86 -1.54
N GLU D 250 32.90 7.99 -2.23
CA GLU D 250 34.16 8.74 -2.45
C GLU D 250 34.26 10.00 -1.58
N GLU D 251 33.16 10.72 -1.46
CA GLU D 251 33.13 11.99 -0.76
C GLU D 251 31.71 12.42 -0.49
N LEU D 252 31.53 13.17 0.61
CA LEU D 252 30.21 13.57 1.07
C LEU D 252 30.18 15.02 1.58
N ALA D 253 29.04 15.67 1.41
CA ALA D 253 28.84 17.03 1.91
C ALA D 253 27.63 17.06 2.84
N ALA D 254 27.80 17.50 4.08
CA ALA D 254 26.76 17.25 5.06
C ALA D 254 26.27 18.50 5.71
N ASP D 255 25.04 18.47 6.18
CA ASP D 255 24.42 19.58 6.87
C ASP D 255 23.70 18.91 8.02
N LEU D 256 24.33 18.91 9.20
CA LEU D 256 23.78 18.27 10.39
C LEU D 256 23.07 19.26 11.30
N ASP D 257 22.20 18.75 12.17
CA ASP D 257 21.32 19.60 12.96
C ASP D 257 20.88 19.04 14.30
N SER D 258 20.78 19.93 15.28
CA SER D 258 20.25 19.60 16.58
C SER D 258 19.09 20.54 16.90
N PHE D 259 17.91 20.19 16.41
CA PHE D 259 16.73 20.99 16.65
C PHE D 259 16.44 21.05 18.15
N VAL D 260 16.15 19.89 18.74
CA VAL D 260 15.67 19.89 20.11
C VAL D 260 16.66 20.57 21.06
N GLY D 261 16.12 21.47 21.87
CA GLY D 261 16.93 22.25 22.79
C GLY D 261 17.58 21.37 23.84
N GLY D 262 18.82 21.70 24.22
CA GLY D 262 19.49 20.99 25.28
C GLY D 262 20.18 19.76 24.71
N ARG D 263 19.77 19.36 23.52
CA ARG D 263 20.45 18.27 22.84
C ARG D 263 21.75 18.82 22.29
N GLN D 264 22.86 18.19 22.64
CA GLN D 264 24.15 18.64 22.16
C GLN D 264 24.38 18.04 20.80
N LEU D 265 24.20 16.72 20.74
CA LEU D 265 24.41 15.92 19.53
C LEU D 265 23.39 16.25 18.42
N ASP D 266 23.58 15.67 17.23
CA ASP D 266 22.65 15.90 16.13
C ASP D 266 21.44 14.95 16.20
N ASP D 267 20.32 15.42 15.68
CA ASP D 267 19.17 14.56 15.48
C ASP D 267 18.61 14.68 14.07
N ASN D 268 19.34 15.32 13.17
CA ASN D 268 19.00 15.26 11.76
C ASN D 268 20.25 15.32 10.94
N ALA D 269 20.19 14.78 9.75
CA ALA D 269 21.30 14.92 8.85
C ALA D 269 20.83 14.84 7.38
N HIS D 270 21.28 15.80 6.58
CA HIS D 270 21.08 15.74 5.14
C HIS D 270 22.49 15.70 4.60
N VAL D 271 22.72 14.86 3.59
CA VAL D 271 24.06 14.67 3.05
C VAL D 271 23.97 14.17 1.62
N LEU D 272 24.68 14.84 0.71
CA LEU D 272 24.77 14.42 -0.67
C LEU D 272 25.97 13.52 -0.72
N MSE D 273 26.05 12.68 -1.74
CA MSE D 273 27.05 11.61 -1.76
C MSE D 273 27.67 11.49 -3.13
O MSE D 273 26.98 11.69 -4.12
CB MSE D 273 26.37 10.29 -1.44
CG MSE D 273 25.40 10.37 -0.28
SE MSE D 273 26.34 10.09 1.39
CE MSE D 273 26.82 8.20 1.12
N ARG D 274 28.95 11.16 -3.19
CA ARG D 274 29.57 10.90 -4.50
C ARG D 274 30.40 9.64 -4.46
N PHE D 275 30.11 8.69 -5.33
CA PHE D 275 30.81 7.42 -5.33
C PHE D 275 31.90 7.42 -6.39
N ARG D 276 32.68 6.35 -6.41
CA ARG D 276 33.78 6.26 -7.33
C ARG D 276 33.32 5.60 -8.59
N GLU D 277 33.50 6.28 -9.71
CA GLU D 277 33.24 5.65 -11.01
C GLU D 277 33.37 4.14 -10.90
N LYS D 278 32.41 3.39 -11.46
CA LYS D 278 32.38 1.94 -11.35
C LYS D 278 32.37 1.24 -12.70
N ASP D 279 31.23 1.32 -13.37
CA ASP D 279 31.10 0.69 -14.66
C ASP D 279 30.81 1.79 -15.66
N GLY D 280 31.64 2.82 -15.63
CA GLY D 280 31.55 3.88 -16.61
C GLY D 280 30.57 4.93 -16.13
N THR D 281 29.92 4.63 -15.04
CA THR D 281 28.98 5.59 -14.52
C THR D 281 29.47 5.96 -13.16
N ARG D 282 29.23 7.21 -12.81
CA ARG D 282 29.77 7.76 -11.61
C ARG D 282 28.58 8.16 -10.78
N ALA D 283 28.03 7.15 -10.12
CA ALA D 283 26.82 7.29 -9.31
C ALA D 283 26.85 8.44 -8.33
N LYS D 284 25.65 8.90 -7.98
CA LYS D 284 25.46 9.89 -6.93
C LYS D 284 24.38 9.33 -6.05
N GLY D 285 24.33 9.78 -4.81
CA GLY D 285 23.23 9.42 -3.98
C GLY D 285 22.91 10.53 -3.01
N MSE D 286 22.09 10.20 -2.04
CA MSE D 286 21.57 11.16 -1.09
C MSE D 286 21.26 10.38 0.15
O MSE D 286 20.98 9.19 0.09
CB MSE D 286 20.31 11.76 -1.67
CG MSE D 286 20.20 13.23 -1.42
SE MSE D 286 18.67 14.14 -2.22
CE MSE D 286 17.24 12.80 -1.71
N LEU D 287 21.34 11.03 1.31
CA LEU D 287 21.05 10.31 2.52
C LEU D 287 20.48 11.23 3.58
N TRP D 288 19.43 10.77 4.26
CA TRP D 288 18.75 11.54 5.30
C TRP D 288 18.51 10.59 6.44
N CYS D 289 18.87 10.98 7.64
CA CYS D 289 18.51 10.19 8.81
C CYS D 289 18.02 11.22 9.77
N SER D 290 17.33 10.82 10.81
CA SER D 290 16.64 11.82 11.60
C SER D 290 15.88 11.11 12.68
N GLN D 291 15.77 11.76 13.82
CA GLN D 291 15.15 11.15 14.98
C GLN D 291 14.03 12.05 15.42
N VAL D 292 13.66 12.97 14.52
CA VAL D 292 12.64 13.98 14.82
C VAL D 292 11.67 14.19 13.69
N ALA D 293 11.19 13.08 13.14
CA ALA D 293 10.41 13.09 11.91
C ALA D 293 9.12 12.29 12.13
N PRO D 294 8.20 12.84 12.91
CA PRO D 294 6.98 12.14 13.33
C PRO D 294 6.25 11.44 12.19
N GLY D 295 5.59 10.34 12.51
CA GLY D 295 5.06 9.46 11.49
C GLY D 295 6.02 8.30 11.26
N HIS D 296 7.33 8.52 11.46
CA HIS D 296 8.31 7.48 11.18
C HIS D 296 8.71 6.66 12.43
N GLU D 297 8.34 5.38 12.46
CA GLU D 297 8.77 4.50 13.55
C GLU D 297 10.24 4.06 13.37
N ASN D 298 10.57 3.57 12.19
CA ASN D 298 11.89 2.99 11.96
C ASN D 298 12.05 2.90 10.45
N GLY D 299 11.93 4.05 9.79
CA GLY D 299 11.87 4.10 8.35
C GLY D 299 13.12 3.89 7.52
N LEU D 300 13.95 2.89 7.85
CA LEU D 300 15.11 2.59 7.03
C LEU D 300 14.61 2.11 5.68
N MSE D 301 15.16 2.70 4.62
CA MSE D 301 14.77 2.42 3.25
C MSE D 301 15.93 2.74 2.32
O MSE D 301 16.76 3.63 2.60
CB MSE D 301 13.58 3.27 2.85
CG MSE D 301 13.16 3.19 1.34
SE MSE D 301 11.65 4.37 0.79
CE MSE D 301 10.51 4.14 2.40
N VAL D 302 16.03 2.02 1.21
CA VAL D 302 17.05 2.36 0.23
C VAL D 302 16.55 2.06 -1.15
N ARG D 303 16.90 2.91 -2.10
CA ARG D 303 16.45 2.74 -3.46
C ARG D 303 17.63 2.97 -4.37
N VAL D 304 17.74 2.11 -5.37
CA VAL D 304 18.88 2.13 -6.26
C VAL D 304 18.43 2.19 -7.71
N TYR D 305 18.86 3.21 -8.42
CA TYR D 305 18.50 3.34 -9.80
C TYR D 305 19.66 3.19 -10.72
N GLY D 306 19.56 2.28 -11.68
CA GLY D 306 20.61 2.06 -12.66
C GLY D 306 20.23 2.32 -14.12
N THR D 307 21.14 1.99 -15.03
CA THR D 307 20.96 2.31 -16.46
C THR D 307 19.84 1.52 -17.12
N LYS D 308 19.42 0.43 -16.45
CA LYS D 308 18.45 -0.51 -16.97
C LYS D 308 17.32 -0.81 -15.99
N GLY D 309 17.37 -0.28 -14.78
CA GLY D 309 16.40 -0.70 -13.82
C GLY D 309 16.50 0.01 -12.50
N GLY D 310 15.62 -0.36 -11.58
CA GLY D 310 15.59 0.22 -10.23
C GLY D 310 15.16 -0.80 -9.20
N LEU D 311 15.63 -0.62 -7.97
CA LEU D 311 15.30 -1.54 -6.86
C LEU D 311 14.92 -0.77 -5.64
N GLU D 312 13.83 -1.15 -5.01
CA GLU D 312 13.43 -0.43 -3.81
C GLU D 312 13.11 -1.37 -2.67
N TRP D 313 13.44 -0.96 -1.45
CA TRP D 313 13.26 -1.84 -0.32
C TRP D 313 13.11 -1.05 0.99
N THR D 314 12.03 -1.29 1.71
CA THR D 314 11.81 -0.66 3.00
C THR D 314 11.87 -1.70 4.13
N GLN D 315 12.64 -1.44 5.19
CA GLN D 315 12.79 -2.47 6.21
C GLN D 315 11.54 -2.69 7.06
N LYS D 316 10.61 -1.74 7.06
CA LYS D 316 9.38 -1.93 7.81
C LYS D 316 8.46 -2.97 7.13
N ASP D 317 8.73 -3.24 5.85
CA ASP D 317 8.00 -4.27 5.12
C ASP D 317 9.03 -5.00 4.31
N PRO D 318 9.83 -5.78 5.00
CA PRO D 318 11.12 -6.28 4.53
C PRO D 318 10.99 -7.39 3.54
N ASN D 319 9.84 -8.02 3.46
CA ASN D 319 9.72 -9.21 2.63
C ASN D 319 9.41 -8.87 1.17
N TYR D 320 9.46 -7.59 0.83
CA TYR D 320 9.11 -7.15 -0.50
C TYR D 320 10.26 -6.39 -1.11
N LEU D 321 10.60 -6.73 -2.34
CA LEU D 321 11.62 -6.02 -3.08
C LEU D 321 10.97 -5.56 -4.37
N TRP D 322 11.02 -4.25 -4.64
CA TRP D 322 10.35 -3.72 -5.81
C TRP D 322 11.33 -3.57 -6.97
N TYR D 323 11.19 -4.43 -7.96
CA TYR D 323 12.09 -4.45 -9.10
C TYR D 323 11.48 -3.80 -10.36
N THR D 324 12.06 -2.72 -10.87
CA THR D 324 11.61 -2.24 -12.17
C THR D 324 12.68 -2.41 -13.25
N PRO D 325 12.38 -3.21 -14.27
CA PRO D 325 13.24 -3.30 -15.45
C PRO D 325 12.83 -2.19 -16.40
N PHE D 326 13.73 -1.25 -16.70
CA PHE D 326 13.31 -0.12 -17.53
C PHE D 326 12.62 -0.62 -18.79
N GLY D 327 11.50 0.03 -19.11
CA GLY D 327 10.69 -0.32 -20.26
C GLY D 327 9.60 -1.32 -19.90
N GLU D 328 9.80 -2.06 -18.82
CA GLU D 328 8.87 -3.12 -18.49
C GLU D 328 8.12 -2.74 -17.23
N PRO D 329 7.03 -3.44 -16.94
CA PRO D 329 6.21 -3.20 -15.75
C PRO D 329 6.95 -3.58 -14.46
N LYS D 330 6.68 -2.84 -13.39
CA LYS D 330 7.33 -3.06 -12.11
C LYS D 330 6.86 -4.36 -11.49
N ARG D 331 7.76 -5.03 -10.81
CA ARG D 331 7.44 -6.35 -10.23
C ARG D 331 7.60 -6.36 -8.75
N LEU D 332 6.69 -7.05 -8.07
CA LEU D 332 6.81 -7.23 -6.65
C LEU D 332 7.53 -8.57 -6.39
N LEU D 333 8.80 -8.50 -5.97
CA LEU D 333 9.53 -9.70 -5.61
C LEU D 333 9.33 -9.97 -4.13
N THR D 334 9.14 -11.22 -3.71
CA THR D 334 8.92 -11.56 -2.29
C THR D 334 9.83 -12.65 -1.70
N ARG D 335 10.13 -12.52 -0.41
CA ARG D 335 10.97 -13.52 0.26
C ARG D 335 10.38 -14.92 -0.01
N ALA D 336 11.24 -15.88 -0.33
CA ALA D 336 10.80 -17.24 -0.61
C ALA D 336 9.71 -17.41 -1.66
N GLY D 337 9.39 -16.34 -2.38
CA GLY D 337 8.40 -16.44 -3.43
C GLY D 337 9.01 -16.62 -4.80
N ALA D 338 8.16 -16.77 -5.81
CA ALA D 338 8.62 -16.69 -7.18
C ALA D 338 9.60 -15.56 -7.32
N GLY D 339 10.64 -15.82 -8.08
CA GLY D 339 11.62 -14.78 -8.33
C GLY D 339 12.44 -14.43 -7.12
N ALA D 340 12.35 -15.21 -6.06
CA ALA D 340 13.32 -15.06 -5.02
C ALA D 340 14.62 -15.66 -5.61
N SER D 341 15.77 -15.12 -5.19
CA SER D 341 17.05 -15.51 -5.75
C SER D 341 17.90 -16.28 -4.71
N PRO D 342 18.96 -16.95 -5.19
CA PRO D 342 19.75 -17.79 -4.27
C PRO D 342 20.22 -17.07 -3.00
N ALA D 343 20.70 -15.84 -3.12
CA ALA D 343 21.17 -15.10 -1.96
C ALA D 343 20.09 -15.02 -0.89
N ALA D 344 18.84 -14.94 -1.34
CA ALA D 344 17.70 -14.89 -0.44
C ALA D 344 17.39 -16.30 0.09
N ALA D 345 17.39 -17.28 -0.79
CA ALA D 345 17.05 -18.64 -0.42
C ALA D 345 17.80 -19.15 0.82
N ARG D 346 19.13 -19.09 0.74
CA ARG D 346 19.95 -19.52 1.85
C ARG D 346 19.58 -18.92 3.20
N VAL D 347 19.05 -17.71 3.24
CA VAL D 347 18.75 -17.13 4.53
C VAL D 347 17.28 -17.02 4.84
N SER D 348 16.45 -17.84 4.22
CA SER D 348 15.03 -17.83 4.54
C SER D 348 14.67 -19.15 5.23
N ARG D 349 13.76 -19.11 6.22
CA ARG D 349 13.39 -20.30 7.00
C ARG D 349 11.98 -20.84 6.75
N ILE D 350 11.05 -20.01 6.28
CA ILE D 350 9.66 -20.47 6.16
C ILE D 350 9.15 -20.11 4.81
N PRO D 351 7.99 -20.64 4.41
CA PRO D 351 7.45 -20.41 3.04
C PRO D 351 7.01 -18.96 2.68
N SER D 352 6.81 -18.70 1.39
CA SER D 352 6.38 -17.36 0.92
C SER D 352 5.08 -17.01 1.60
N GLY D 353 4.87 -15.73 1.88
CA GLY D 353 3.64 -15.30 2.49
C GLY D 353 3.57 -15.42 4.00
N HIS D 354 4.47 -16.20 4.58
CA HIS D 354 4.71 -16.35 6.02
C HIS D 354 5.81 -15.39 6.51
N PRO D 355 5.47 -14.14 6.84
CA PRO D 355 6.46 -13.06 6.98
C PRO D 355 7.60 -13.22 7.97
N GLU D 356 8.84 -13.36 7.51
CA GLU D 356 10.00 -13.27 8.43
C GLU D 356 10.23 -11.82 8.75
N GLY D 357 10.99 -11.53 9.79
CA GLY D 357 11.14 -10.15 10.22
C GLY D 357 12.52 -9.66 10.67
N TYR D 358 12.52 -8.88 11.75
CA TYR D 358 13.72 -8.22 12.26
C TYR D 358 14.61 -9.17 13.07
N LEU D 359 14.01 -10.06 13.85
CA LEU D 359 14.81 -11.05 14.60
C LEU D 359 15.45 -12.02 13.62
N GLU D 360 14.66 -12.48 12.64
CA GLU D 360 15.17 -13.37 11.60
C GLU D 360 16.37 -12.76 10.87
N GLY D 361 16.32 -11.47 10.58
CA GLY D 361 17.45 -10.81 9.97
C GLY D 361 18.64 -10.81 10.91
N PHE D 362 18.39 -10.60 12.20
CA PHE D 362 19.46 -10.60 13.19
C PHE D 362 20.09 -11.98 13.30
N ALA D 363 19.23 -13.01 13.41
CA ALA D 363 19.70 -14.37 13.52
C ALA D 363 20.39 -14.78 12.25
N ASN D 364 20.22 -14.05 11.17
CA ASN D 364 20.95 -14.40 9.96
C ASN D 364 22.43 -14.04 10.05
N ILE D 365 22.75 -13.00 10.81
CA ILE D 365 24.13 -12.61 10.97
C ILE D 365 24.78 -13.58 11.94
N TYR D 366 24.06 -13.92 12.99
CA TYR D 366 24.54 -14.90 13.93
C TYR D 366 24.70 -16.25 13.26
N SER D 367 23.88 -16.53 12.25
CA SER D 367 23.96 -17.84 11.64
C SER D 367 24.97 -17.90 10.54
N GLU D 368 25.55 -16.77 10.20
CA GLU D 368 26.57 -16.81 9.17
C GLU D 368 27.93 -16.78 9.87
N ALA D 369 27.99 -16.10 10.99
CA ALA D 369 29.12 -16.20 11.89
C ALA D 369 29.28 -17.67 12.27
N ALA D 370 28.26 -18.26 12.86
CA ALA D 370 28.29 -19.70 13.09
C ALA D 370 28.98 -20.44 11.93
N ARG D 371 28.52 -20.27 10.69
CA ARG D 371 29.04 -21.07 9.60
C ARG D 371 30.50 -20.75 9.42
N ALA D 372 30.87 -19.51 9.75
CA ALA D 372 32.25 -19.07 9.58
C ALA D 372 33.08 -19.81 10.63
N ILE D 373 32.70 -19.66 11.88
CA ILE D 373 33.28 -20.43 12.94
C ILE D 373 33.47 -21.93 12.59
N TYR D 374 32.42 -22.63 12.17
CA TYR D 374 32.58 -24.07 11.91
C TYR D 374 33.80 -24.34 11.05
N ALA D 375 33.95 -23.60 9.96
CA ALA D 375 35.13 -23.70 9.11
C ALA D 375 36.40 -23.66 9.95
N LYS D 376 36.61 -22.54 10.62
CA LYS D 376 37.84 -22.35 11.34
C LYS D 376 38.04 -23.38 12.46
N ARG D 377 37.33 -24.50 12.41
CA ARG D 377 37.55 -25.61 13.36
C ARG D 377 38.51 -26.69 12.83
N ASP D 383 33.14 -21.09 3.62
CA ASP D 383 32.18 -21.26 2.53
C ASP D 383 31.92 -19.94 1.78
N PRO D 384 32.27 -19.90 0.48
CA PRO D 384 32.28 -18.62 -0.26
C PRO D 384 30.87 -18.02 -0.35
N SER D 385 29.87 -18.81 0.04
CA SER D 385 28.51 -18.31 0.12
C SER D 385 28.32 -17.47 1.39
N VAL D 386 28.92 -17.90 2.51
CA VAL D 386 28.76 -17.24 3.82
C VAL D 386 29.28 -15.80 3.85
N ILE D 387 28.40 -14.83 4.01
CA ILE D 387 28.75 -13.42 4.09
C ILE D 387 28.42 -12.84 5.47
N TYR D 388 29.26 -11.92 5.96
CA TYR D 388 28.97 -11.18 7.19
C TYR D 388 29.75 -9.87 7.22
N PRO D 389 29.31 -8.93 8.05
CA PRO D 389 29.91 -7.61 8.04
C PRO D 389 31.20 -7.62 8.79
N THR D 390 32.25 -7.10 8.16
CA THR D 390 33.60 -7.22 8.74
C THR D 390 34.06 -6.02 9.52
N ILE D 391 35.29 -6.09 10.01
CA ILE D 391 35.87 -4.97 10.76
C ILE D 391 35.86 -3.75 9.86
N ASP D 392 36.03 -3.99 8.56
CA ASP D 392 36.20 -2.93 7.59
C ASP D 392 34.92 -2.17 7.42
N ASP D 393 33.85 -2.90 7.17
CA ASP D 393 32.53 -2.30 7.11
C ASP D 393 32.43 -1.38 8.34
N GLY D 394 32.81 -1.92 9.49
CA GLY D 394 32.83 -1.14 10.72
C GLY D 394 33.61 0.15 10.58
N MSE D 395 34.80 0.06 9.98
CA MSE D 395 35.68 1.21 9.82
C MSE D 395 35.10 2.27 8.89
O MSE D 395 35.02 3.45 9.26
CB MSE D 395 37.05 0.77 9.31
CG MSE D 395 38.11 0.58 10.38
SE MSE D 395 38.65 2.20 11.35
CE MSE D 395 39.41 3.21 9.87
N ARG D 396 34.75 1.85 7.67
CA ARG D 396 34.09 2.69 6.70
C ARG D 396 32.98 3.48 7.39
N GLY D 397 32.39 2.87 8.40
CA GLY D 397 31.30 3.49 9.11
C GLY D 397 31.77 4.60 10.00
N MSE D 398 32.79 4.31 10.80
CA MSE D 398 33.42 5.34 11.65
C MSE D 398 33.93 6.52 10.83
O MSE D 398 33.82 7.68 11.23
CB MSE D 398 34.55 4.72 12.45
CG MSE D 398 34.09 3.63 13.38
SE MSE D 398 32.69 4.29 14.57
CE MSE D 398 33.73 5.58 15.59
N THR D 399 34.48 6.20 9.66
CA THR D 399 34.97 7.24 8.76
C THR D 399 33.79 8.09 8.29
N PHE D 400 32.75 7.42 7.84
CA PHE D 400 31.59 8.11 7.36
C PHE D 400 31.17 9.15 8.38
N VAL D 401 30.86 8.72 9.60
CA VAL D 401 30.33 9.62 10.63
C VAL D 401 31.25 10.81 10.92
N ASP D 402 32.54 10.56 10.77
CA ASP D 402 33.52 11.58 11.03
C ASP D 402 33.43 12.58 9.89
N ALA D 403 33.63 12.08 8.68
CA ALA D 403 33.49 12.89 7.48
C ALA D 403 32.20 13.72 7.53
N CYS D 404 31.15 13.19 8.13
CA CYS D 404 29.97 14.00 8.27
C CYS D 404 30.22 15.16 9.18
N VAL D 405 30.29 14.88 10.48
CA VAL D 405 30.44 15.95 11.45
C VAL D 405 31.45 16.96 10.91
N ARG D 406 32.60 16.47 10.43
CA ARG D 406 33.58 17.37 9.85
C ARG D 406 32.96 18.25 8.78
N SER D 407 32.60 17.72 7.62
CA SER D 407 31.87 18.53 6.62
C SER D 407 30.78 19.50 7.18
N SER D 408 29.99 19.08 8.15
CA SER D 408 28.94 20.00 8.54
C SER D 408 29.58 21.23 9.16
N GLU D 409 30.47 21.02 10.12
CA GLU D 409 31.14 22.11 10.82
C GLU D 409 31.74 23.10 9.83
N ARG D 410 32.20 22.58 8.70
CA ARG D 410 32.74 23.42 7.64
C ARG D 410 31.69 23.82 6.59
N ASN D 411 30.49 24.05 7.11
CA ASN D 411 29.33 24.45 6.32
C ASN D 411 29.09 23.64 5.04
N GLY D 412 29.05 22.32 5.18
CA GLY D 412 28.70 21.42 4.10
C GLY D 412 29.80 21.15 3.09
N ALA D 413 31.05 21.21 3.52
CA ALA D 413 32.15 20.99 2.57
C ALA D 413 32.30 19.53 2.17
N TRP D 414 32.47 19.27 0.88
CA TRP D 414 32.80 17.91 0.43
C TRP D 414 34.05 17.31 1.10
N ILE D 415 33.89 16.35 2.02
CA ILE D 415 35.03 15.61 2.61
C ILE D 415 35.27 14.23 1.95
N LYS D 416 36.46 13.64 2.15
CA LYS D 416 36.70 12.27 1.66
C LYS D 416 36.75 11.21 2.79
#